data_4WKM
#
_entry.id   4WKM
#
_cell.length_a   62.700
_cell.length_b   183.600
_cell.length_c   197.810
_cell.angle_alpha   90.00
_cell.angle_beta   90.00
_cell.angle_gamma   90.00
#
_symmetry.space_group_name_H-M   'P 21 21 2'
#
loop_
_entity.id
_entity.type
_entity.pdbx_description
1 polymer 'LysR family transcriptional regulator'
2 polymer ALA-FGA-API-DAL-DAL
3 non-polymer GLYCEROL
4 non-polymer 'N-acetyl-alpha-muramic acid'
5 water water
#
loop_
_entity_poly.entity_id
_entity_poly.type
_entity_poly.pdbx_seq_one_letter_code
_entity_poly.pdbx_strand_id
1 'polypeptide(L)'
;MLDRFATKQTQEKLKIGVVGTFAIGCLFPLLSDFKRSYPHIDLHISTHNNRVDPAAEGLDYTIRYGGGAWHDTDAQYLCS
ALMSPLCSPTLASQIQTPADILKFPLLRSYRRDEWALWMQTVGEAPPSPTHNVMVFDSSVTMLEAAQAGMGVAIAPVRMF
THLLSSERIVQPFLTQIDLGSYWITRLQSRPETPAMREFSRWLTGVLHKTSGSHHHHHH
;
A,B,C,D,E,F,G,H
2 'polypeptide(D)' A(FGA)(API)(DAL)(DAL) I,J,K,L,M,N,O,P
#
# COMPACT_ATOMS: atom_id res chain seq x y z
N GLN A 11 -24.80 17.94 59.63
CA GLN A 11 -25.31 19.30 59.73
C GLN A 11 -24.34 20.16 60.54
N GLU A 12 -23.73 19.56 61.56
CA GLU A 12 -22.67 20.22 62.28
C GLU A 12 -21.37 19.78 61.63
N LYS A 13 -20.52 20.75 61.30
CA LYS A 13 -19.31 20.46 60.56
C LYS A 13 -18.11 20.47 61.51
N LEU A 14 -17.20 19.54 61.29
CA LEU A 14 -16.03 19.38 62.14
C LEU A 14 -14.82 19.08 61.27
N LYS A 15 -13.83 19.97 61.28
CA LYS A 15 -12.61 19.79 60.51
C LYS A 15 -11.41 19.46 61.41
N ILE A 16 -10.79 18.31 61.15
CA ILE A 16 -9.69 17.84 62.00
C ILE A 16 -8.47 17.49 61.13
N GLY A 17 -7.31 18.04 61.48
CA GLY A 17 -6.06 17.65 60.87
C GLY A 17 -5.29 16.67 61.75
N VAL A 18 -4.91 15.54 61.19
CA VAL A 18 -4.32 14.42 61.92
C VAL A 18 -2.96 14.03 61.40
N VAL A 19 -1.97 13.95 62.30
CA VAL A 19 -0.67 13.48 61.90
C VAL A 19 -0.84 12.06 61.34
N GLY A 20 -0.15 11.76 60.23
CA GLY A 20 -0.49 10.60 59.45
C GLY A 20 -0.37 9.29 60.18
N THR A 21 0.64 9.21 61.04
CA THR A 21 0.93 8.00 61.79
C THR A 21 -0.23 7.63 62.66
N PHE A 22 -0.76 8.62 63.34
CA PHE A 22 -1.93 8.44 64.21
C PHE A 22 -3.18 8.09 63.39
N ALA A 23 -3.32 8.75 62.25
CA ALA A 23 -4.44 8.47 61.38
C ALA A 23 -4.45 6.99 61.03
N ILE A 24 -3.34 6.47 60.56
CA ILE A 24 -3.31 5.09 60.10
C ILE A 24 -3.34 4.11 61.26
N GLY A 25 -2.57 4.38 62.32
CA GLY A 25 -2.35 3.40 63.38
C GLY A 25 -3.40 3.40 64.48
N CYS A 26 -4.29 4.39 64.49
CA CYS A 26 -5.24 4.56 65.59
C CYS A 26 -6.63 5.07 65.14
N LEU A 27 -6.68 6.26 64.56
CA LEU A 27 -7.95 6.91 64.29
C LEU A 27 -8.75 6.26 63.23
N PHE A 28 -8.15 5.91 62.10
CA PHE A 28 -8.98 5.46 60.97
C PHE A 28 -9.71 4.16 61.26
N PRO A 29 -9.07 3.24 61.99
CA PRO A 29 -9.77 1.98 62.32
C PRO A 29 -10.98 2.17 63.23
N LEU A 30 -11.06 3.32 63.89
CA LEU A 30 -12.15 3.64 64.80
C LEU A 30 -13.19 4.54 64.14
N LEU A 31 -12.92 5.00 62.93
CA LEU A 31 -13.73 6.07 62.32
C LEU A 31 -15.17 5.68 62.06
N SER A 32 -15.38 4.47 61.56
CA SER A 32 -16.72 3.95 61.35
C SER A 32 -17.57 4.06 62.64
N ASP A 33 -16.94 3.83 63.80
CA ASP A 33 -17.65 3.90 65.06
C ASP A 33 -18.11 5.32 65.32
N PHE A 34 -17.24 6.31 65.07
CA PHE A 34 -17.69 7.67 65.28
C PHE A 34 -18.84 8.04 64.34
N LYS A 35 -18.76 7.61 63.08
CA LYS A 35 -19.75 7.98 62.07
C LYS A 35 -21.14 7.42 62.42
N ARG A 36 -21.23 6.11 62.67
CA ARG A 36 -22.39 5.46 63.29
C ARG A 36 -23.00 6.24 64.45
N SER A 37 -22.17 6.52 65.46
CA SER A 37 -22.65 7.04 66.72
C SER A 37 -23.05 8.50 66.64
N TYR A 38 -22.40 9.26 65.75
CA TYR A 38 -22.68 10.69 65.63
C TYR A 38 -22.96 11.04 64.17
N PRO A 39 -24.09 10.52 63.65
CA PRO A 39 -24.44 10.68 62.23
C PRO A 39 -24.71 12.13 61.88
N HIS A 40 -24.88 12.96 62.90
CA HIS A 40 -25.24 14.36 62.70
C HIS A 40 -24.02 15.26 62.59
N ILE A 41 -22.84 14.69 62.72
CA ILE A 41 -21.62 15.46 62.55
C ILE A 41 -20.99 15.10 61.21
N ASP A 42 -20.64 16.16 60.48
CA ASP A 42 -19.94 16.05 59.20
C ASP A 42 -18.45 16.21 59.44
N LEU A 43 -17.73 15.09 59.50
CA LEU A 43 -16.32 15.11 59.83
C LEU A 43 -15.43 15.23 58.59
N HIS A 44 -14.67 16.32 58.51
CA HIS A 44 -13.70 16.52 57.42
C HIS A 44 -12.27 16.28 57.87
N ILE A 45 -11.71 15.12 57.54
CA ILE A 45 -10.35 14.78 57.94
C ILE A 45 -9.27 15.10 56.92
N SER A 46 -8.19 15.75 57.38
CA SER A 46 -6.96 15.91 56.61
C SER A 46 -5.79 15.37 57.38
N THR A 47 -4.75 14.93 56.67
CA THR A 47 -3.53 14.54 57.39
C THR A 47 -2.39 15.51 57.16
N HIS A 48 -1.44 15.48 58.09
CA HIS A 48 -0.27 16.33 58.03
C HIS A 48 0.93 15.54 58.52
N ASN A 49 2.12 16.10 58.39
CA ASN A 49 3.32 15.38 58.82
C ASN A 49 3.91 15.95 60.12
N ASN A 50 3.02 16.51 60.93
CA ASN A 50 3.28 17.04 62.28
C ASN A 50 3.80 18.46 62.28
N ARG A 51 4.06 19.01 61.08
CA ARG A 51 4.21 20.46 60.90
C ARG A 51 2.93 20.98 60.24
N VAL A 52 2.16 21.79 60.96
CA VAL A 52 0.83 22.13 60.55
C VAL A 52 0.46 23.52 61.09
N ASP A 53 -0.34 24.25 60.32
CA ASP A 53 -0.78 25.60 60.69
C ASP A 53 -2.29 25.57 60.84
N PRO A 54 -2.80 25.28 62.05
CA PRO A 54 -4.24 25.05 62.17
C PRO A 54 -5.09 26.25 61.73
N ALA A 55 -4.60 27.45 62.00
CA ALA A 55 -5.33 28.67 61.67
C ALA A 55 -5.49 28.80 60.17
N ALA A 56 -4.39 28.64 59.43
CA ALA A 56 -4.43 28.63 57.94
C ALA A 56 -5.27 27.54 57.32
N GLU A 57 -5.27 26.33 57.91
CA GLU A 57 -6.08 25.25 57.33
C GLU A 57 -7.53 25.25 57.84
N GLY A 58 -7.86 26.24 58.66
CA GLY A 58 -9.17 26.29 59.29
C GLY A 58 -9.55 25.07 60.14
N LEU A 59 -8.59 24.44 60.81
CA LEU A 59 -8.92 23.27 61.63
C LEU A 59 -9.57 23.70 62.94
N ASP A 60 -10.61 22.98 63.33
CA ASP A 60 -11.15 22.99 64.68
C ASP A 60 -10.16 22.35 65.65
N TYR A 61 -9.87 21.07 65.40
CA TYR A 61 -8.85 20.32 66.16
C TYR A 61 -7.63 19.93 65.32
N THR A 62 -6.47 19.82 65.96
CA THR A 62 -5.29 19.18 65.39
C THR A 62 -4.84 17.98 66.24
N ILE A 63 -4.76 16.79 65.67
CA ILE A 63 -4.14 15.68 66.36
C ILE A 63 -2.66 15.63 65.97
N ARG A 64 -1.79 15.68 66.97
CA ARG A 64 -0.38 15.81 66.72
C ARG A 64 0.49 15.17 67.76
N TYR A 65 1.79 15.08 67.45
CA TYR A 65 2.77 14.47 68.34
C TYR A 65 3.66 15.51 68.98
N GLY A 66 3.87 15.42 70.29
CA GLY A 66 4.74 16.38 70.97
C GLY A 66 4.64 16.42 72.49
N GLY A 67 5.09 17.53 73.09
CA GLY A 67 5.10 17.68 74.53
C GLY A 67 3.92 18.40 75.17
N GLY A 68 2.93 18.78 74.38
CA GLY A 68 1.70 19.36 74.91
C GLY A 68 1.69 20.88 75.09
N ALA A 69 2.76 21.55 74.69
CA ALA A 69 2.88 22.98 74.89
C ALA A 69 3.19 23.72 73.59
N TRP A 70 2.16 24.09 72.84
CA TRP A 70 2.33 24.90 71.63
C TRP A 70 1.85 26.32 71.89
N HIS A 71 2.38 27.29 71.16
CA HIS A 71 2.04 28.69 71.42
C HIS A 71 0.55 28.95 71.30
N ASP A 72 0.02 29.67 72.26
CA ASP A 72 -1.42 29.95 72.40
C ASP A 72 -2.35 28.78 72.06
N THR A 73 -2.00 27.58 72.54
CA THR A 73 -2.77 26.41 72.21
C THR A 73 -3.23 25.65 73.45
N ASP A 74 -4.50 25.27 73.47
CA ASP A 74 -5.01 24.32 74.43
C ASP A 74 -4.86 22.84 73.96
N ALA A 75 -3.99 22.08 74.63
CA ALA A 75 -3.68 20.69 74.28
C ALA A 75 -4.17 19.68 75.30
N GLN A 76 -4.98 18.73 74.83
CA GLN A 76 -5.44 17.61 75.64
C GLN A 76 -4.71 16.32 75.27
N TYR A 77 -4.26 15.60 76.29
CA TYR A 77 -3.58 14.34 76.14
C TYR A 77 -4.47 13.30 75.49
N LEU A 78 -3.95 12.58 74.51
CA LEU A 78 -4.68 11.44 73.94
C LEU A 78 -4.09 10.13 74.41
N CYS A 79 -2.83 9.89 74.06
CA CYS A 79 -2.21 8.64 74.42
C CYS A 79 -0.69 8.68 74.29
N SER A 80 -0.07 7.68 74.88
CA SER A 80 1.37 7.50 74.85
C SER A 80 1.82 7.08 73.43
N ALA A 81 3.10 7.34 73.15
CA ALA A 81 3.71 7.06 71.86
C ALA A 81 5.11 6.49 72.08
N LEU A 82 5.21 5.46 72.91
CA LEU A 82 6.50 4.89 73.27
C LEU A 82 7.16 4.32 72.03
N MET A 83 8.43 4.63 71.91
CA MET A 83 9.19 4.39 70.70
C MET A 83 10.25 3.31 70.91
N SER A 84 10.38 2.45 69.91
CA SER A 84 11.31 1.35 69.95
C SER A 84 11.72 1.01 68.49
N PRO A 85 12.93 0.46 68.29
CA PRO A 85 13.38 0.02 66.97
C PRO A 85 12.43 -0.94 66.28
N LEU A 86 12.17 -0.69 65.00
CA LEU A 86 11.36 -1.58 64.16
C LEU A 86 12.13 -1.87 62.87
N CYS A 87 12.15 -3.12 62.44
CA CYS A 87 12.85 -3.47 61.22
C CYS A 87 12.23 -4.69 60.52
N SER A 88 12.63 -4.90 59.27
CA SER A 88 12.05 -6.00 58.46
C SER A 88 12.43 -7.32 59.11
N PRO A 89 11.72 -8.41 58.72
CA PRO A 89 12.11 -9.72 59.23
C PRO A 89 13.55 -10.11 58.86
N THR A 90 14.06 -9.55 57.77
CA THR A 90 15.37 -9.94 57.26
C THR A 90 16.51 -9.35 58.10
N LEU A 91 16.36 -8.09 58.49
CA LEU A 91 17.38 -7.44 59.31
C LEU A 91 17.33 -7.98 60.74
N ALA A 92 16.11 -8.27 61.19
CA ALA A 92 15.87 -8.85 62.52
C ALA A 92 16.67 -10.13 62.70
N SER A 93 16.74 -10.93 61.64
CA SER A 93 17.46 -12.20 61.63
C SER A 93 18.96 -12.00 61.90
N GLN A 94 19.44 -10.77 61.67
CA GLN A 94 20.83 -10.40 61.91
C GLN A 94 20.98 -9.49 63.15
N ILE A 95 19.98 -9.48 64.03
CA ILE A 95 20.01 -8.61 65.19
C ILE A 95 19.61 -9.41 66.42
N GLN A 96 20.58 -9.60 67.29
CA GLN A 96 20.42 -10.32 68.54
C GLN A 96 20.72 -9.43 69.73
N THR A 97 21.60 -8.45 69.55
CA THR A 97 21.90 -7.46 70.58
C THR A 97 21.69 -6.07 70.04
N PRO A 98 21.43 -5.10 70.92
CA PRO A 98 21.19 -3.74 70.46
C PRO A 98 22.30 -3.24 69.54
N ALA A 99 23.52 -3.69 69.81
CA ALA A 99 24.66 -3.21 69.05
C ALA A 99 24.62 -3.69 67.60
N ASP A 100 23.98 -4.82 67.34
CA ASP A 100 23.74 -5.32 65.97
C ASP A 100 22.95 -4.34 65.10
N ILE A 101 22.06 -3.55 65.70
CA ILE A 101 21.31 -2.54 64.98
C ILE A 101 22.27 -1.71 64.14
N LEU A 102 23.47 -1.46 64.66
CA LEU A 102 24.41 -0.55 63.99
C LEU A 102 25.12 -1.26 62.80
N LYS A 103 24.82 -2.53 62.54
CA LYS A 103 25.17 -3.13 61.25
C LYS A 103 24.42 -2.49 60.06
N PHE A 104 23.46 -1.62 60.35
CA PHE A 104 22.52 -1.10 59.35
C PHE A 104 22.34 0.40 59.48
N PRO A 105 21.83 1.05 58.42
CA PRO A 105 21.57 2.48 58.52
C PRO A 105 20.46 2.78 59.51
N LEU A 106 20.48 3.96 60.11
CA LEU A 106 19.43 4.32 61.03
C LEU A 106 18.37 5.17 60.35
N LEU A 107 17.09 4.85 60.57
CA LEU A 107 16.05 5.76 60.11
C LEU A 107 15.55 6.56 61.31
N ARG A 108 15.42 7.87 61.12
CA ARG A 108 15.05 8.81 62.16
C ARG A 108 14.10 9.85 61.56
N SER A 109 13.57 10.70 62.43
CA SER A 109 12.69 11.75 62.06
C SER A 109 13.40 13.08 62.12
N TYR A 110 12.69 14.15 61.82
CA TYR A 110 13.36 15.45 61.98
C TYR A 110 13.59 15.86 63.46
N ARG A 111 12.91 15.19 64.39
CA ARG A 111 12.97 15.53 65.81
C ARG A 111 14.29 15.03 66.40
N ARG A 112 14.76 15.63 67.48
CA ARG A 112 16.07 15.32 68.03
C ARG A 112 16.17 14.04 68.84
N ASP A 113 17.36 13.43 68.75
CA ASP A 113 17.94 12.52 69.74
C ASP A 113 17.26 11.17 69.90
N GLU A 114 16.61 10.64 68.87
CA GLU A 114 15.85 9.41 69.08
C GLU A 114 16.77 8.19 69.23
N TRP A 115 17.77 8.06 68.36
CA TRP A 115 18.69 6.95 68.50
C TRP A 115 19.70 7.18 69.64
N ALA A 116 20.09 8.41 69.85
CA ALA A 116 20.95 8.73 70.99
C ALA A 116 20.32 8.29 72.34
N LEU A 117 19.06 8.68 72.59
CA LEU A 117 18.31 8.29 73.79
C LEU A 117 18.10 6.81 73.93
N TRP A 118 17.74 6.17 72.82
CA TRP A 118 17.39 4.75 72.91
C TRP A 118 18.65 3.94 73.21
N MET A 119 19.76 4.27 72.56
CA MET A 119 21.01 3.54 72.75
C MET A 119 21.49 3.76 74.22
N GLN A 120 21.48 5.01 74.67
CA GLN A 120 21.74 5.33 76.06
C GLN A 120 20.91 4.45 76.99
N THR A 121 19.60 4.37 76.73
CA THR A 121 18.67 3.62 77.56
C THR A 121 19.01 2.14 77.64
N VAL A 122 19.53 1.53 76.57
CA VAL A 122 19.86 0.10 76.65
C VAL A 122 21.30 -0.11 77.05
N GLY A 123 22.01 0.97 77.36
CA GLY A 123 23.34 0.87 77.91
C GLY A 123 24.42 0.79 76.87
N GLU A 124 24.14 1.28 75.67
CA GLU A 124 25.11 1.26 74.57
C GLU A 124 25.68 2.63 74.38
N ALA A 125 26.80 2.68 73.67
CA ALA A 125 27.37 3.93 73.21
C ALA A 125 26.49 4.63 72.18
N PRO A 126 26.61 5.96 72.07
CA PRO A 126 25.91 6.71 71.01
C PRO A 126 26.35 6.21 69.65
N PRO A 127 25.52 6.38 68.63
CA PRO A 127 25.99 5.93 67.31
C PRO A 127 27.07 6.87 66.81
N SER A 128 27.89 6.40 65.89
CA SER A 128 28.91 7.25 65.29
C SER A 128 28.26 8.48 64.68
N PRO A 129 28.95 9.64 64.73
CA PRO A 129 28.30 10.80 64.11
C PRO A 129 28.29 10.72 62.57
N THR A 130 29.00 9.73 62.04
CA THR A 130 29.11 9.54 60.60
C THR A 130 28.36 8.30 60.18
N HIS A 131 27.53 7.80 61.10
CA HIS A 131 26.77 6.59 60.81
C HIS A 131 25.76 6.94 59.72
N ASN A 132 25.45 5.96 58.88
CA ASN A 132 24.47 6.16 57.80
C ASN A 132 23.05 6.35 58.35
N VAL A 133 22.51 7.55 58.17
CA VAL A 133 21.17 7.88 58.65
C VAL A 133 20.29 8.55 57.57
N MET A 134 19.02 8.13 57.47
CA MET A 134 18.04 8.84 56.66
C MET A 134 16.95 9.49 57.52
N VAL A 135 16.60 10.74 57.17
CA VAL A 135 15.60 11.54 57.85
C VAL A 135 14.20 11.48 57.18
N PHE A 136 13.17 11.23 57.99
CA PHE A 136 11.80 11.08 57.50
C PHE A 136 10.86 12.11 58.14
N ASP A 137 9.94 12.62 57.32
CA ASP A 137 8.99 13.59 57.82
C ASP A 137 7.78 12.84 58.38
N SER A 138 7.74 11.54 58.17
CA SER A 138 6.60 10.75 58.57
C SER A 138 7.04 9.35 58.95
N SER A 139 6.53 8.88 60.07
CA SER A 139 6.81 7.53 60.50
C SER A 139 6.19 6.49 59.58
N VAL A 140 5.13 6.87 58.88
CA VAL A 140 4.53 5.98 57.89
C VAL A 140 5.54 5.72 56.76
N THR A 141 6.08 6.79 56.20
CA THR A 141 7.11 6.71 55.20
C THR A 141 8.33 6.01 55.75
N MET A 142 8.71 6.33 56.99
CA MET A 142 9.83 5.64 57.64
C MET A 142 9.61 4.14 57.66
N LEU A 143 8.41 3.72 58.05
CA LEU A 143 8.18 2.29 58.15
C LEU A 143 8.06 1.58 56.81
N GLU A 144 7.72 2.30 55.74
CA GLU A 144 7.75 1.72 54.38
C GLU A 144 9.19 1.42 54.02
N ALA A 145 10.05 2.37 54.30
CA ALA A 145 11.47 2.23 54.05
C ALA A 145 12.06 1.07 54.85
N ALA A 146 11.59 0.87 56.08
CA ALA A 146 12.14 -0.21 56.91
C ALA A 146 11.67 -1.58 56.39
N GLN A 147 10.43 -1.63 55.90
CA GLN A 147 9.91 -2.88 55.33
C GLN A 147 10.74 -3.35 54.15
N ALA A 148 11.36 -2.39 53.46
CA ALA A 148 12.14 -2.64 52.25
C ALA A 148 13.63 -2.81 52.57
N GLY A 149 13.98 -2.71 53.84
CA GLY A 149 15.32 -3.04 54.32
C GLY A 149 16.30 -1.93 54.14
N MET A 150 15.81 -0.70 54.07
CA MET A 150 16.68 0.45 53.97
C MET A 150 17.47 0.75 55.25
N GLY A 151 17.07 0.12 56.35
CA GLY A 151 17.57 0.53 57.66
C GLY A 151 16.64 0.17 58.77
N VAL A 152 16.99 0.60 59.97
CA VAL A 152 16.19 0.26 61.16
C VAL A 152 15.42 1.50 61.61
N ALA A 153 14.10 1.34 61.76
CA ALA A 153 13.24 2.46 62.11
C ALA A 153 13.21 2.63 63.62
N ILE A 154 12.79 3.79 64.09
CA ILE A 154 12.34 3.90 65.47
C ILE A 154 11.08 4.76 65.48
N ALA A 155 10.04 4.26 66.14
CA ALA A 155 8.71 4.84 65.98
C ALA A 155 7.75 4.32 67.04
N PRO A 156 6.61 4.99 67.20
CA PRO A 156 5.67 4.53 68.24
C PRO A 156 5.11 3.18 67.90
N VAL A 157 5.50 2.19 68.69
CA VAL A 157 5.18 0.82 68.41
C VAL A 157 3.67 0.61 68.31
N ARG A 158 2.91 1.28 69.15
CA ARG A 158 1.48 1.01 69.19
C ARG A 158 0.77 1.53 67.92
N MET A 159 1.47 2.32 67.12
CA MET A 159 0.87 2.87 65.89
C MET A 159 1.11 1.97 64.68
N PHE A 160 1.83 0.86 64.88
CA PHE A 160 2.17 -0.06 63.79
C PHE A 160 1.80 -1.50 64.10
N THR A 161 0.73 -1.64 64.87
CA THR A 161 0.17 -2.93 65.22
C THR A 161 -0.20 -3.72 63.97
N HIS A 162 -0.74 -3.06 62.95
CA HIS A 162 -1.02 -3.75 61.68
C HIS A 162 0.22 -4.34 60.99
N LEU A 163 1.32 -3.62 60.96
CA LEU A 163 2.53 -4.19 60.38
C LEU A 163 3.12 -5.29 61.25
N LEU A 164 3.02 -5.18 62.58
CA LEU A 164 3.63 -6.20 63.48
C LEU A 164 2.88 -7.51 63.41
N SER A 165 1.56 -7.43 63.50
CA SER A 165 0.76 -8.64 63.52
C SER A 165 0.76 -9.37 62.16
N SER A 166 0.95 -8.64 61.08
CA SER A 166 1.01 -9.24 59.74
C SER A 166 2.44 -9.65 59.40
N GLU A 167 3.34 -9.53 60.38
CA GLU A 167 4.74 -9.87 60.25
C GLU A 167 5.50 -9.19 59.09
N ARG A 168 5.10 -7.98 58.71
CA ARG A 168 5.92 -7.20 57.80
C ARG A 168 7.02 -6.41 58.53
N ILE A 169 6.88 -6.26 59.84
CA ILE A 169 7.86 -5.54 60.63
C ILE A 169 8.05 -6.28 61.96
N VAL A 170 9.25 -6.17 62.51
CA VAL A 170 9.60 -6.85 63.77
C VAL A 170 10.08 -5.83 64.77
N GLN A 171 9.72 -6.02 66.04
CA GLN A 171 10.28 -5.23 67.13
C GLN A 171 11.25 -6.11 67.88
N PRO A 172 12.54 -6.00 67.54
CA PRO A 172 13.50 -6.96 68.11
C PRO A 172 13.70 -6.85 69.65
N PHE A 173 13.42 -5.68 70.23
CA PHE A 173 13.69 -5.41 71.66
C PHE A 173 12.51 -4.69 72.34
N LEU A 174 12.18 -5.07 73.54
CA LEU A 174 11.03 -4.49 74.23
C LEU A 174 11.30 -3.12 74.78
N THR A 175 12.57 -2.74 74.86
CA THR A 175 12.93 -1.49 75.46
C THR A 175 12.35 -0.33 74.69
N GLN A 176 11.69 0.59 75.39
CA GLN A 176 10.93 1.63 74.72
C GLN A 176 10.99 2.92 75.49
N ILE A 177 11.07 4.02 74.74
CA ILE A 177 11.32 5.35 75.33
C ILE A 177 10.23 6.39 74.95
N ASP A 178 10.05 7.37 75.81
CA ASP A 178 9.05 8.44 75.66
C ASP A 178 9.71 9.72 75.19
N LEU A 179 9.46 10.12 73.94
CA LEU A 179 9.96 11.40 73.45
C LEU A 179 8.82 12.33 73.04
N GLY A 180 7.64 12.00 73.50
CA GLY A 180 6.46 12.78 73.26
C GLY A 180 5.26 11.84 73.23
N SER A 181 4.08 12.43 73.21
CA SER A 181 2.84 11.69 73.19
C SER A 181 1.97 12.31 72.09
N TYR A 182 0.79 11.73 71.89
CA TYR A 182 -0.20 12.32 70.98
C TYR A 182 -1.23 13.16 71.74
N TRP A 183 -1.49 14.35 71.18
CA TRP A 183 -2.43 15.35 71.72
C TRP A 183 -3.48 15.77 70.71
N ILE A 184 -4.66 16.11 71.19
CA ILE A 184 -5.64 16.80 70.38
C ILE A 184 -5.64 18.28 70.82
N THR A 185 -5.36 19.19 69.89
CA THR A 185 -5.16 20.59 70.27
C THR A 185 -6.12 21.57 69.58
N ARG A 186 -6.32 22.69 70.24
CA ARG A 186 -7.26 23.72 69.79
C ARG A 186 -6.63 25.08 70.05
N LEU A 187 -6.69 25.97 69.07
CA LEU A 187 -6.18 27.32 69.30
C LEU A 187 -7.07 27.96 70.36
N GLN A 188 -6.48 28.69 71.30
CA GLN A 188 -7.28 29.32 72.33
C GLN A 188 -8.33 30.24 71.71
N SER A 189 -7.96 30.90 70.61
CA SER A 189 -8.86 31.82 69.93
C SER A 189 -9.95 31.11 69.14
N ARG A 190 -9.92 29.78 69.06
CA ARG A 190 -10.91 29.03 68.28
C ARG A 190 -12.06 28.62 69.20
N PRO A 191 -13.30 28.93 68.83
CA PRO A 191 -14.37 28.49 69.72
C PRO A 191 -14.42 26.99 69.80
N GLU A 192 -14.86 26.48 70.94
CA GLU A 192 -15.23 25.11 71.02
C GLU A 192 -16.74 25.00 70.82
N THR A 193 -17.11 24.13 69.88
CA THR A 193 -18.51 23.94 69.50
C THR A 193 -18.99 22.64 70.09
N PRO A 194 -20.30 22.39 70.05
CA PRO A 194 -20.85 21.10 70.43
C PRO A 194 -20.28 19.91 69.67
N ALA A 195 -20.03 20.03 68.37
CA ALA A 195 -19.49 18.90 67.60
C ALA A 195 -18.06 18.56 68.07
N MET A 196 -17.25 19.56 68.37
CA MET A 196 -15.94 19.30 68.93
C MET A 196 -15.99 18.53 70.25
N ARG A 197 -16.83 18.98 71.18
CA ARG A 197 -16.96 18.31 72.48
C ARG A 197 -17.30 16.85 72.33
N GLU A 198 -18.28 16.57 71.49
CA GLU A 198 -18.65 15.17 71.27
C GLU A 198 -17.49 14.35 70.71
N PHE A 199 -16.76 14.87 69.74
CA PHE A 199 -15.66 14.09 69.15
C PHE A 199 -14.53 13.79 70.14
N SER A 200 -14.03 14.80 70.81
CA SER A 200 -12.88 14.62 71.68
C SER A 200 -13.27 13.76 72.90
N ARG A 201 -14.55 13.79 73.25
CA ARG A 201 -15.07 12.96 74.32
C ARG A 201 -15.18 11.54 73.83
N TRP A 202 -15.68 11.35 72.61
CA TRP A 202 -15.68 10.02 72.01
C TRP A 202 -14.29 9.44 71.89
N LEU A 203 -13.32 10.25 71.46
CA LEU A 203 -11.97 9.73 71.20
C LEU A 203 -11.20 9.40 72.49
N THR A 204 -11.20 10.34 73.44
CA THR A 204 -10.49 10.12 74.70
C THR A 204 -11.12 8.90 75.38
N GLY A 205 -12.41 8.73 75.21
CA GLY A 205 -13.08 7.55 75.70
C GLY A 205 -12.61 6.22 75.10
N VAL A 206 -12.72 6.08 73.79
CA VAL A 206 -12.28 4.86 73.12
C VAL A 206 -10.80 4.55 73.37
N LEU A 207 -9.99 5.57 73.64
CA LEU A 207 -8.58 5.33 73.90
C LEU A 207 -8.36 4.90 75.35
N GLU B 12 32.80 14.10 49.83
CA GLU B 12 31.80 14.77 48.97
C GLU B 12 30.36 14.64 49.49
N LYS B 13 29.81 15.77 49.96
CA LYS B 13 28.50 15.79 50.63
C LYS B 13 27.37 16.29 49.74
N LEU B 14 26.50 15.37 49.31
CA LEU B 14 25.24 15.74 48.63
C LEU B 14 23.98 15.52 49.50
N LYS B 15 23.32 16.63 49.84
CA LYS B 15 22.07 16.67 50.60
C LYS B 15 20.79 16.89 49.73
N ILE B 16 19.94 15.87 49.67
CA ILE B 16 18.75 15.85 48.82
C ILE B 16 17.47 15.59 49.59
N GLY B 17 16.50 16.51 49.48
CA GLY B 17 15.15 16.32 49.98
C GLY B 17 14.21 15.68 48.93
N VAL B 18 13.59 14.55 49.26
CA VAL B 18 12.79 13.72 48.33
C VAL B 18 11.35 13.48 48.78
N VAL B 19 10.40 13.87 47.93
CA VAL B 19 9.01 13.62 48.26
C VAL B 19 8.87 12.12 48.55
N GLY B 20 8.18 11.79 49.64
CA GLY B 20 8.23 10.45 50.21
C GLY B 20 7.75 9.33 49.32
N THR B 21 6.73 9.64 48.53
CA THR B 21 6.27 8.75 47.48
C THR B 21 7.37 8.33 46.52
N PHE B 22 8.13 9.32 46.07
CA PHE B 22 9.21 9.07 45.12
C PHE B 22 10.31 8.30 45.82
N ALA B 23 10.65 8.71 47.04
CA ALA B 23 11.69 8.01 47.78
C ALA B 23 11.34 6.53 47.86
N ILE B 24 10.12 6.21 48.24
CA ILE B 24 9.73 4.82 48.42
C ILE B 24 9.51 4.06 47.10
N GLY B 25 8.85 4.69 46.13
CA GLY B 25 8.46 3.97 44.92
C GLY B 25 9.53 3.86 43.84
N CYS B 26 10.44 4.82 43.83
CA CYS B 26 11.41 4.93 42.76
C CYS B 26 12.85 4.94 43.29
N LEU B 27 13.20 5.97 44.05
CA LEU B 27 14.59 6.18 44.42
C LEU B 27 15.23 5.11 45.31
N PHE B 28 14.55 4.65 46.35
CA PHE B 28 15.22 3.85 47.35
C PHE B 28 15.71 2.57 46.73
N PRO B 29 14.86 1.92 45.91
CA PRO B 29 15.35 0.72 45.21
C PRO B 29 16.62 0.97 44.37
N LEU B 30 16.88 2.21 43.99
CA LEU B 30 17.98 2.51 43.08
C LEU B 30 19.25 2.97 43.78
N LEU B 31 19.20 3.17 45.09
CA LEU B 31 20.32 3.81 45.78
C LEU B 31 21.56 2.90 45.91
N SER B 32 21.38 1.59 45.83
CA SER B 32 22.51 0.66 45.87
C SER B 32 23.28 0.71 44.55
N ASP B 33 22.60 1.09 43.47
CA ASP B 33 23.25 1.33 42.20
C ASP B 33 24.09 2.60 42.30
N PHE B 34 23.56 3.64 42.93
CA PHE B 34 24.33 4.87 43.08
C PHE B 34 25.40 4.70 44.13
N LYS B 35 25.35 3.58 44.87
CA LYS B 35 26.38 3.28 45.85
C LYS B 35 27.62 2.77 45.10
N ARG B 36 27.47 1.56 44.53
CA ARG B 36 28.53 0.90 43.76
C ARG B 36 29.14 1.84 42.72
N SER B 37 28.30 2.54 41.96
CA SER B 37 28.77 3.36 40.83
C SER B 37 29.43 4.70 41.21
N TYR B 38 29.20 5.19 42.43
CA TYR B 38 29.86 6.42 42.89
C TYR B 38 30.16 6.40 44.39
N PRO B 39 30.99 5.44 44.84
CA PRO B 39 31.23 5.23 46.28
C PRO B 39 31.94 6.37 47.01
N HIS B 40 32.15 7.52 46.36
CA HIS B 40 32.86 8.65 46.95
C HIS B 40 31.93 9.80 47.35
N ILE B 41 30.64 9.65 47.07
CA ILE B 41 29.64 10.67 47.38
C ILE B 41 28.84 10.26 48.63
N ASP B 42 28.82 11.14 49.62
CA ASP B 42 28.08 10.93 50.87
C ASP B 42 26.66 11.53 50.78
N LEU B 43 25.71 10.67 50.44
CA LEU B 43 24.33 11.09 50.19
C LEU B 43 23.48 11.28 51.48
N HIS B 44 23.11 12.52 51.81
CA HIS B 44 22.19 12.79 52.93
C HIS B 44 20.71 12.93 52.53
N ILE B 45 19.95 11.83 52.57
CA ILE B 45 18.54 11.82 52.11
C ILE B 45 17.52 12.13 53.20
N SER B 46 16.71 13.17 52.96
CA SER B 46 15.54 13.44 53.78
C SER B 46 14.28 13.42 52.95
N THR B 47 13.15 13.03 53.58
CA THR B 47 11.85 13.03 52.89
C THR B 47 10.98 14.19 53.32
N HIS B 48 10.07 14.58 52.42
CA HIS B 48 9.09 15.62 52.69
C HIS B 48 7.76 15.23 52.06
N ASN B 49 6.75 16.06 52.29
CA ASN B 49 5.39 15.79 51.83
C ASN B 49 5.00 16.75 50.68
N ASN B 50 6.01 17.10 49.87
CA ASN B 50 5.92 18.04 48.73
C ASN B 50 5.72 19.49 49.11
N ARG B 51 5.63 19.77 50.41
CA ARG B 51 5.78 21.12 50.93
C ARG B 51 7.18 21.18 51.55
N VAL B 52 8.09 21.86 50.87
CA VAL B 52 9.50 21.92 51.25
C VAL B 52 10.10 23.32 51.01
N ASP B 53 10.82 23.82 52.00
CA ASP B 53 11.61 25.05 51.89
C ASP B 53 13.09 24.64 51.73
N PRO B 54 13.56 24.53 50.47
CA PRO B 54 14.90 23.98 50.28
C PRO B 54 15.97 24.89 50.87
N ALA B 55 15.70 26.19 50.88
CA ALA B 55 16.67 27.14 51.42
C ALA B 55 16.85 26.89 52.92
N ALA B 56 15.75 26.92 53.68
CA ALA B 56 15.76 26.69 55.13
C ALA B 56 16.28 25.32 55.55
N GLU B 57 16.05 24.30 54.72
CA GLU B 57 16.51 22.93 54.99
C GLU B 57 17.94 22.66 54.54
N GLY B 58 18.54 23.62 53.82
CA GLY B 58 19.90 23.49 53.33
C GLY B 58 20.10 22.43 52.28
N LEU B 59 19.05 22.16 51.51
CA LEU B 59 19.12 21.14 50.47
C LEU B 59 19.94 21.58 49.25
N ASP B 60 20.62 20.63 48.63
CA ASP B 60 21.29 20.91 47.36
C ASP B 60 20.23 20.82 46.27
N TYR B 61 19.70 19.60 46.16
CA TYR B 61 18.58 19.26 45.31
C TYR B 61 17.32 18.98 46.12
N THR B 62 16.20 19.04 45.39
CA THR B 62 14.90 18.69 45.90
C THR B 62 14.24 17.85 44.83
N ILE B 63 13.69 16.73 45.24
CA ILE B 63 12.86 15.95 44.34
C ILE B 63 11.42 16.14 44.75
N ARG B 64 10.61 16.62 43.81
CA ARG B 64 9.27 16.99 44.15
C ARG B 64 8.32 16.76 42.99
N TYR B 65 7.03 16.91 43.30
CA TYR B 65 5.96 16.67 42.37
C TYR B 65 5.34 17.96 41.93
N GLY B 66 5.05 18.08 40.64
CA GLY B 66 4.38 19.26 40.13
C GLY B 66 4.62 19.54 38.64
N GLY B 67 4.61 20.82 38.29
CA GLY B 67 4.64 21.25 36.90
C GLY B 67 5.97 21.83 36.36
N GLY B 68 6.85 22.24 37.24
CA GLY B 68 8.22 22.56 36.85
C GLY B 68 8.51 24.03 36.91
N ALA B 69 7.54 24.79 37.41
CA ALA B 69 7.61 26.23 37.52
C ALA B 69 7.66 26.73 38.96
N TRP B 70 8.81 26.60 39.59
CA TRP B 70 8.94 27.16 40.96
C TRP B 70 9.80 28.40 40.89
N HIS B 71 9.31 29.48 41.49
CA HIS B 71 10.04 30.73 41.65
C HIS B 71 11.51 30.46 41.99
N ASP B 72 12.42 31.13 41.28
CA ASP B 72 13.85 31.11 41.59
C ASP B 72 14.45 29.72 41.51
N THR B 73 13.88 28.89 40.65
CA THR B 73 14.21 27.48 40.69
C THR B 73 14.37 26.94 39.32
N ASP B 74 15.45 26.20 39.14
CA ASP B 74 15.71 25.53 37.89
C ASP B 74 15.34 24.07 38.12
N ALA B 75 14.39 23.60 37.31
CA ALA B 75 13.82 22.27 37.42
C ALA B 75 14.16 21.37 36.24
N GLN B 76 14.63 20.16 36.53
CA GLN B 76 14.85 19.17 35.50
C GLN B 76 13.84 18.05 35.68
N TYR B 77 13.16 17.73 34.60
CA TYR B 77 12.17 16.67 34.56
C TYR B 77 12.84 15.34 34.87
N LEU B 78 12.14 14.44 35.57
CA LEU B 78 12.69 13.12 35.90
C LEU B 78 11.85 12.01 35.28
N CYS B 79 10.53 12.10 35.44
CA CYS B 79 9.66 11.01 35.02
C CYS B 79 8.21 11.38 35.21
N SER B 80 7.33 10.55 34.67
CA SER B 80 5.91 10.84 34.64
C SER B 80 5.23 10.31 35.91
N ALA B 81 4.06 10.82 36.23
CA ALA B 81 3.40 10.50 37.50
C ALA B 81 1.92 10.36 37.24
N LEU B 82 1.59 9.47 36.30
CA LEU B 82 0.23 9.34 35.82
C LEU B 82 -0.67 8.65 36.86
N MET B 83 -1.81 9.25 37.15
CA MET B 83 -2.65 8.81 38.24
C MET B 83 -3.87 8.05 37.80
N SER B 84 -4.26 7.10 38.63
CA SER B 84 -5.49 6.33 38.39
C SER B 84 -6.09 5.90 39.75
N PRO B 85 -7.40 5.59 39.77
CA PRO B 85 -7.95 5.04 41.02
C PRO B 85 -7.24 3.78 41.47
N LEU B 86 -6.97 3.71 42.77
CA LEU B 86 -6.37 2.54 43.39
C LEU B 86 -7.16 2.22 44.66
N CYS B 87 -7.42 0.94 44.91
CA CYS B 87 -8.25 0.55 46.04
C CYS B 87 -7.94 -0.86 46.53
N SER B 88 -8.58 -1.25 47.62
CA SER B 88 -8.34 -2.57 48.18
C SER B 88 -9.08 -3.62 47.35
N PRO B 89 -8.61 -4.88 47.40
CA PRO B 89 -9.28 -5.97 46.70
C PRO B 89 -10.73 -6.10 47.16
N THR B 90 -10.98 -5.87 48.43
CA THR B 90 -12.34 -5.88 48.98
C THR B 90 -13.24 -4.84 48.32
N LEU B 91 -12.77 -3.62 48.20
CA LEU B 91 -13.54 -2.58 47.52
C LEU B 91 -13.61 -2.86 46.00
N ALA B 92 -12.53 -3.38 45.44
CA ALA B 92 -12.44 -3.58 44.00
C ALA B 92 -13.52 -4.53 43.53
N SER B 93 -13.86 -5.50 44.40
CA SER B 93 -14.84 -6.52 44.05
C SER B 93 -16.25 -5.96 43.99
N GLN B 94 -16.45 -4.77 44.52
CA GLN B 94 -17.74 -4.09 44.46
C GLN B 94 -17.72 -2.97 43.41
N ILE B 95 -16.62 -2.84 42.68
CA ILE B 95 -16.46 -1.78 41.68
C ILE B 95 -16.34 -2.41 40.30
N GLN B 96 -17.35 -2.18 39.45
CA GLN B 96 -17.38 -2.73 38.08
C GLN B 96 -17.37 -1.60 37.04
N THR B 97 -17.91 -0.45 37.42
CA THR B 97 -17.92 0.74 36.57
C THR B 97 -17.50 1.97 37.39
N PRO B 98 -16.95 3.03 36.75
CA PRO B 98 -16.46 4.21 37.46
C PRO B 98 -17.46 4.84 38.40
N ALA B 99 -18.75 4.78 38.10
CA ALA B 99 -19.71 5.36 39.03
C ALA B 99 -19.69 4.58 40.34
N ASP B 100 -19.40 3.29 40.31
CA ASP B 100 -19.37 2.51 41.54
C ASP B 100 -18.34 3.02 42.58
N ILE B 101 -17.26 3.66 42.13
CA ILE B 101 -16.30 4.30 43.02
C ILE B 101 -17.00 5.21 44.02
N LEU B 102 -18.05 5.90 43.56
CA LEU B 102 -18.80 6.78 44.44
C LEU B 102 -19.65 6.06 45.51
N LYS B 103 -19.64 4.73 45.53
CA LYS B 103 -20.16 4.01 46.68
C LYS B 103 -19.31 4.29 47.91
N PHE B 104 -18.04 4.62 47.69
CA PHE B 104 -17.10 4.75 48.78
C PHE B 104 -16.55 6.16 48.96
N PRO B 105 -15.97 6.45 50.13
CA PRO B 105 -15.26 7.71 50.26
C PRO B 105 -14.10 7.86 49.27
N LEU B 106 -13.79 9.10 48.93
CA LEU B 106 -12.70 9.42 48.05
C LEU B 106 -11.53 9.93 48.83
N LEU B 107 -10.35 9.44 48.51
CA LEU B 107 -9.12 9.96 49.06
C LEU B 107 -8.37 10.79 48.01
N ARG B 108 -7.97 11.99 48.41
CA ARG B 108 -7.28 12.93 47.57
C ARG B 108 -6.16 13.61 48.30
N SER B 109 -5.42 14.43 47.59
CA SER B 109 -4.34 15.19 48.15
C SER B 109 -4.85 16.60 48.35
N TYR B 110 -3.99 17.51 48.77
CA TYR B 110 -4.39 18.89 48.96
C TYR B 110 -4.56 19.63 47.63
N ARG B 111 -4.10 19.00 46.54
CA ARG B 111 -4.08 19.60 45.20
C ARG B 111 -5.48 19.63 44.57
N ARG B 112 -5.63 20.45 43.54
CA ARG B 112 -6.95 20.71 42.98
C ARG B 112 -7.36 19.57 42.05
N ASP B 113 -8.67 19.24 42.05
CA ASP B 113 -9.35 18.72 40.85
C ASP B 113 -9.17 17.25 40.53
N GLU B 114 -8.50 16.51 41.41
CA GLU B 114 -8.08 15.16 41.04
C GLU B 114 -9.25 14.26 40.67
N TRP B 115 -10.33 14.30 41.43
CA TRP B 115 -11.39 13.34 41.19
C TRP B 115 -12.33 13.84 40.12
N ALA B 116 -12.50 15.16 40.08
CA ALA B 116 -13.36 15.79 39.09
C ALA B 116 -12.73 15.58 37.71
N LEU B 117 -11.41 15.81 37.59
CA LEU B 117 -10.73 15.56 36.32
C LEU B 117 -10.74 14.11 35.93
N TRP B 118 -10.53 13.19 36.86
CA TRP B 118 -10.53 11.79 36.46
C TRP B 118 -11.91 11.30 36.00
N MET B 119 -12.95 11.68 36.75
CA MET B 119 -14.31 11.31 36.37
C MET B 119 -14.65 11.93 35.00
N GLN B 120 -14.40 13.23 34.79
CA GLN B 120 -14.66 13.82 33.48
C GLN B 120 -13.92 13.12 32.37
N THR B 121 -12.69 12.71 32.64
CA THR B 121 -11.85 12.11 31.63
C THR B 121 -12.48 10.80 31.16
N VAL B 122 -13.01 9.99 32.08
CA VAL B 122 -13.72 8.74 31.67
C VAL B 122 -15.22 8.92 31.40
N GLY B 123 -15.68 10.16 31.30
CA GLY B 123 -17.01 10.42 30.84
C GLY B 123 -18.12 10.42 31.87
N GLU B 124 -17.79 10.61 33.15
CA GLU B 124 -18.78 10.72 34.20
C GLU B 124 -18.84 12.11 34.76
N ALA B 125 -19.92 12.39 35.47
CA ALA B 125 -20.07 13.66 36.13
C ALA B 125 -19.09 13.72 37.32
N PRO B 126 -18.68 14.94 37.70
CA PRO B 126 -17.85 15.05 38.90
C PRO B 126 -18.59 14.53 40.13
N PRO B 127 -17.84 14.13 41.18
CA PRO B 127 -18.55 13.76 42.40
C PRO B 127 -19.33 14.96 42.98
N SER B 128 -20.38 14.72 43.73
CA SER B 128 -21.03 15.79 44.48
C SER B 128 -20.05 16.56 45.35
N PRO B 129 -20.21 17.89 45.42
CA PRO B 129 -19.35 18.69 46.31
C PRO B 129 -19.36 18.23 47.78
N THR B 130 -20.35 17.44 48.17
CA THR B 130 -20.49 16.99 49.56
C THR B 130 -20.29 15.49 49.70
N HIS B 131 -19.56 14.92 48.74
CA HIS B 131 -19.19 13.54 48.81
C HIS B 131 -18.18 13.37 49.93
N ASN B 132 -18.20 12.22 50.61
CA ASN B 132 -17.23 11.99 51.66
C ASN B 132 -15.83 11.89 51.07
N VAL B 133 -14.99 12.82 51.50
CA VAL B 133 -13.61 12.86 51.07
C VAL B 133 -12.65 13.01 52.27
N MET B 134 -11.50 12.39 52.14
CA MET B 134 -10.39 12.58 53.06
C MET B 134 -9.18 13.11 52.31
N VAL B 135 -8.55 14.13 52.88
CA VAL B 135 -7.40 14.79 52.26
C VAL B 135 -6.09 14.33 52.89
N PHE B 136 -5.09 14.04 52.06
CA PHE B 136 -3.80 13.49 52.48
C PHE B 136 -2.63 14.33 52.00
N ASP B 137 -1.62 14.44 52.86
CA ASP B 137 -0.41 15.23 52.60
C ASP B 137 0.63 14.42 51.88
N SER B 138 0.39 13.12 51.81
CA SER B 138 1.32 12.20 51.24
C SER B 138 0.58 11.07 50.62
N SER B 139 0.96 10.71 49.40
CA SER B 139 0.33 9.57 48.75
C SER B 139 0.66 8.27 49.49
N VAL B 140 1.80 8.24 50.19
CA VAL B 140 2.17 7.02 50.93
C VAL B 140 1.14 6.67 52.04
N THR B 141 0.71 7.70 52.77
CA THR B 141 -0.31 7.61 53.81
C THR B 141 -1.65 7.30 53.12
N MET B 142 -2.00 8.06 52.08
CA MET B 142 -3.21 7.78 51.27
C MET B 142 -3.34 6.28 50.93
N LEU B 143 -2.28 5.66 50.45
CA LEU B 143 -2.40 4.27 50.02
C LEU B 143 -2.38 3.26 51.16
N GLU B 144 -1.94 3.71 52.33
CA GLU B 144 -2.11 2.94 53.58
C GLU B 144 -3.58 2.97 53.92
N ALA B 145 -4.17 4.15 53.90
CA ALA B 145 -5.61 4.27 54.13
C ALA B 145 -6.34 3.38 53.16
N ALA B 146 -5.91 3.33 51.90
CA ALA B 146 -6.67 2.60 50.87
C ALA B 146 -6.58 1.11 51.13
N GLN B 147 -5.36 0.63 51.45
CA GLN B 147 -5.13 -0.78 51.80
C GLN B 147 -6.08 -1.21 52.89
N ALA B 148 -6.39 -0.30 53.83
CA ALA B 148 -7.27 -0.62 54.97
C ALA B 148 -8.76 -0.39 54.66
N GLY B 149 -9.07 -0.02 53.41
CA GLY B 149 -10.45 0.04 52.96
C GLY B 149 -11.19 1.32 53.33
N MET B 150 -10.43 2.39 53.62
CA MET B 150 -11.01 3.70 54.02
C MET B 150 -11.60 4.47 52.83
N GLY B 151 -11.28 4.03 51.62
CA GLY B 151 -11.82 4.68 50.44
C GLY B 151 -11.04 4.36 49.17
N VAL B 152 -11.37 5.05 48.07
CA VAL B 152 -10.65 4.88 46.83
C VAL B 152 -9.68 6.01 46.64
N ALA B 153 -8.42 5.61 46.47
CA ALA B 153 -7.31 6.54 46.35
C ALA B 153 -7.12 6.88 44.87
N ILE B 154 -6.48 8.01 44.59
CA ILE B 154 -6.05 8.30 43.24
C ILE B 154 -4.63 8.84 43.39
N ALA B 155 -3.67 8.15 42.76
CA ALA B 155 -2.25 8.43 42.97
C ALA B 155 -1.42 7.89 41.82
N PRO B 156 -0.10 8.21 41.77
CA PRO B 156 0.74 7.78 40.65
C PRO B 156 1.07 6.30 40.69
N VAL B 157 0.46 5.57 39.77
CA VAL B 157 0.49 4.12 39.75
C VAL B 157 1.92 3.58 39.77
N ARG B 158 2.83 4.31 39.14
CA ARG B 158 4.19 3.77 38.98
C ARG B 158 4.99 3.83 40.28
N MET B 159 4.52 4.59 41.25
CA MET B 159 5.17 4.66 42.56
C MET B 159 4.65 3.57 43.48
N PHE B 160 3.65 2.82 43.05
CA PHE B 160 3.04 1.84 43.93
C PHE B 160 3.02 0.41 43.42
N THR B 161 3.99 0.07 42.57
CA THR B 161 3.93 -1.21 41.91
C THR B 161 4.22 -2.33 42.90
N HIS B 162 4.85 -1.99 44.03
CA HIS B 162 5.14 -2.99 45.05
C HIS B 162 3.86 -3.46 45.76
N LEU B 163 2.83 -2.61 45.81
CA LEU B 163 1.54 -2.99 46.34
C LEU B 163 0.71 -3.72 45.31
N LEU B 164 0.86 -3.35 44.03
CA LEU B 164 0.08 -3.98 42.96
C LEU B 164 0.55 -5.41 42.76
N SER B 165 1.88 -5.57 42.65
CA SER B 165 2.49 -6.89 42.46
C SER B 165 2.25 -7.82 43.65
N SER B 166 2.33 -7.29 44.87
CA SER B 166 2.00 -8.06 46.07
C SER B 166 0.49 -8.23 46.28
N GLU B 167 -0.29 -7.62 45.38
CA GLU B 167 -1.75 -7.66 45.40
C GLU B 167 -2.43 -7.01 46.60
N ARG B 168 -1.81 -6.01 47.22
CA ARG B 168 -2.46 -5.34 48.37
C ARG B 168 -3.35 -4.22 47.86
N ILE B 169 -3.03 -3.74 46.68
CA ILE B 169 -3.84 -2.72 46.05
C ILE B 169 -4.20 -3.17 44.64
N VAL B 170 -5.36 -2.73 44.20
CA VAL B 170 -5.81 -2.98 42.84
C VAL B 170 -6.06 -1.66 42.09
N GLN B 171 -5.78 -1.67 40.79
CA GLN B 171 -6.14 -0.55 39.90
C GLN B 171 -7.37 -0.98 39.10
N PRO B 172 -8.58 -0.48 39.44
CA PRO B 172 -9.75 -1.03 38.74
C PRO B 172 -9.91 -0.59 37.26
N PHE B 173 -9.36 0.56 36.89
CA PHE B 173 -9.55 1.15 35.57
C PHE B 173 -8.24 1.56 34.90
N LEU B 174 -8.19 1.46 33.57
CA LEU B 174 -6.99 1.80 32.82
C LEU B 174 -6.74 3.29 32.67
N THR B 175 -7.79 4.08 32.73
CA THR B 175 -7.68 5.48 32.39
C THR B 175 -6.81 6.18 33.40
N GLN B 176 -5.94 7.04 32.88
CA GLN B 176 -5.01 7.80 33.70
C GLN B 176 -5.20 9.26 33.48
N ILE B 177 -4.82 10.06 34.48
CA ILE B 177 -4.72 11.51 34.30
C ILE B 177 -3.32 11.98 34.69
N ASP B 178 -2.97 13.16 34.21
CA ASP B 178 -1.61 13.71 34.30
C ASP B 178 -1.70 15.10 34.92
N LEU B 179 -1.52 15.19 36.23
CA LEU B 179 -1.65 16.45 36.90
C LEU B 179 -0.32 16.93 37.44
N GLY B 180 0.77 16.34 36.96
CA GLY B 180 2.09 16.79 37.34
C GLY B 180 3.03 15.63 37.13
N SER B 181 4.33 15.92 37.26
CA SER B 181 5.39 14.93 37.08
C SER B 181 6.42 15.06 38.21
N TYR B 182 7.36 14.15 38.29
CA TYR B 182 8.43 14.30 39.27
C TYR B 182 9.61 15.09 38.70
N TRP B 183 10.06 16.12 39.44
CA TRP B 183 11.15 17.00 39.08
C TRP B 183 12.28 16.99 40.10
N ILE B 184 13.54 17.06 39.64
CA ILE B 184 14.68 17.34 40.52
C ILE B 184 15.04 18.81 40.33
N THR B 185 15.11 19.56 41.42
CA THR B 185 15.21 21.00 41.33
C THR B 185 16.30 21.58 42.23
N ARG B 186 16.79 22.74 41.84
CA ARG B 186 17.88 23.46 42.50
C ARG B 186 17.48 24.94 42.66
N LEU B 187 17.73 25.54 43.83
CA LEU B 187 17.46 26.98 43.94
C LEU B 187 18.41 27.75 43.01
N GLN B 188 17.97 28.91 42.51
CA GLN B 188 18.75 29.63 41.48
C GLN B 188 20.08 30.04 42.13
N SER B 189 19.98 30.74 43.26
CA SER B 189 21.13 31.13 44.06
C SER B 189 21.94 29.97 44.66
N ARG B 190 21.64 28.74 44.30
CA ARG B 190 22.34 27.61 44.90
C ARG B 190 23.48 27.11 44.03
N PRO B 191 24.73 27.31 44.46
CA PRO B 191 25.87 26.74 43.72
C PRO B 191 25.66 25.28 43.35
N GLU B 192 25.96 24.91 42.11
CA GLU B 192 25.95 23.50 41.73
C GLU B 192 27.28 22.90 42.16
N THR B 193 27.46 21.57 42.00
CA THR B 193 28.73 20.91 42.31
C THR B 193 28.89 19.66 41.48
N PRO B 194 30.07 19.03 41.55
CA PRO B 194 30.29 17.80 40.76
C PRO B 194 29.50 16.61 41.28
N ALA B 195 29.38 16.47 42.60
CA ALA B 195 28.58 15.38 43.15
C ALA B 195 27.13 15.55 42.69
N MET B 196 26.62 16.77 42.75
CA MET B 196 25.29 17.09 42.21
C MET B 196 25.09 16.67 40.74
N ARG B 197 25.98 17.08 39.83
CA ARG B 197 25.91 16.63 38.45
C ARG B 197 25.94 15.11 38.37
N GLU B 198 26.80 14.47 39.15
CA GLU B 198 26.93 13.02 39.04
C GLU B 198 25.68 12.28 39.51
N PHE B 199 24.97 12.85 40.49
CA PHE B 199 23.73 12.25 40.92
C PHE B 199 22.65 12.50 39.89
N SER B 200 22.41 13.77 39.59
CA SER B 200 21.53 14.17 38.49
C SER B 200 21.66 13.27 37.26
N ARG B 201 22.86 13.27 36.69
CA ARG B 201 23.15 12.46 35.52
C ARG B 201 22.76 11.02 35.79
N TRP B 202 23.14 10.49 36.96
CA TRP B 202 22.90 9.06 37.24
C TRP B 202 21.43 8.75 37.30
N LEU B 203 20.65 9.68 37.88
CA LEU B 203 19.24 9.43 38.16
C LEU B 203 18.37 9.58 36.90
N THR B 204 18.54 10.71 36.21
CA THR B 204 17.89 10.93 34.91
C THR B 204 18.23 9.79 33.93
N GLY B 205 19.49 9.38 33.97
CA GLY B 205 19.94 8.22 33.26
C GLY B 205 19.05 7.03 33.44
N VAL B 206 18.91 6.56 34.67
CA VAL B 206 18.26 5.27 34.90
C VAL B 206 16.77 5.31 34.54
N LEU B 207 16.18 6.50 34.62
CA LEU B 207 14.76 6.69 34.37
C LEU B 207 14.46 6.89 32.88
N GLU C 12 -25.41 33.80 7.81
CA GLU C 12 -24.21 33.96 8.64
C GLU C 12 -23.50 32.60 8.88
N LYS C 13 -24.19 31.59 9.40
CA LYS C 13 -23.56 30.28 9.62
C LYS C 13 -23.56 29.41 8.34
N LEU C 14 -22.43 28.72 8.12
CA LEU C 14 -22.26 27.82 6.97
C LEU C 14 -21.48 26.57 7.37
N LYS C 15 -22.10 25.41 7.20
CA LYS C 15 -21.48 24.12 7.54
C LYS C 15 -21.15 23.28 6.32
N ILE C 16 -19.89 22.89 6.20
CA ILE C 16 -19.39 22.19 5.02
C ILE C 16 -18.54 20.99 5.41
N GLY C 17 -18.86 19.82 4.87
CA GLY C 17 -18.07 18.64 5.10
C GLY C 17 -17.24 18.37 3.87
N VAL C 18 -15.93 18.25 4.06
CA VAL C 18 -14.99 18.16 2.94
C VAL C 18 -14.18 16.88 2.99
N VAL C 19 -14.05 16.19 1.86
CA VAL C 19 -13.21 15.02 1.80
C VAL C 19 -11.75 15.46 2.06
N GLY C 20 -11.07 14.68 2.92
CA GLY C 20 -9.80 15.05 3.50
C GLY C 20 -8.74 15.48 2.52
N THR C 21 -8.66 14.72 1.45
CA THR C 21 -7.73 14.96 0.36
C THR C 21 -7.88 16.35 -0.19
N PHE C 22 -9.11 16.73 -0.46
CA PHE C 22 -9.41 18.04 -0.99
C PHE C 22 -9.15 19.14 0.00
N ALA C 23 -9.53 18.90 1.25
CA ALA C 23 -9.28 19.88 2.29
C ALA C 23 -7.78 20.19 2.32
N ILE C 24 -6.99 19.13 2.31
CA ILE C 24 -5.56 19.29 2.53
C ILE C 24 -4.89 19.83 1.26
N GLY C 25 -5.29 19.32 0.11
CA GLY C 25 -4.62 19.64 -1.15
C GLY C 25 -5.10 20.90 -1.86
N CYS C 26 -6.29 21.38 -1.52
CA CYS C 26 -6.92 22.50 -2.24
C CYS C 26 -7.51 23.56 -1.33
N LEU C 27 -8.53 23.16 -0.59
CA LEU C 27 -9.34 24.10 0.14
C LEU C 27 -8.60 24.82 1.24
N PHE C 28 -7.87 24.09 2.11
CA PHE C 28 -7.26 24.75 3.27
C PHE C 28 -6.26 25.83 2.86
N PRO C 29 -5.41 25.57 1.85
CA PRO C 29 -4.51 26.64 1.37
C PRO C 29 -5.24 27.95 0.99
N LEU C 30 -6.54 27.88 0.69
CA LEU C 30 -7.34 29.03 0.24
C LEU C 30 -8.27 29.61 1.29
N LEU C 31 -8.34 29.00 2.47
CA LEU C 31 -9.36 29.36 3.43
C LEU C 31 -9.25 30.79 3.97
N SER C 32 -8.02 31.21 4.22
CA SER C 32 -7.76 32.56 4.70
C SER C 32 -8.31 33.62 3.73
N ASP C 33 -8.25 33.35 2.42
CA ASP C 33 -8.83 34.23 1.41
C ASP C 33 -10.34 34.27 1.63
N PHE C 34 -11.03 33.13 1.70
CA PHE C 34 -12.47 33.20 1.97
C PHE C 34 -12.81 33.95 3.30
N LYS C 35 -12.03 33.79 4.35
CA LYS C 35 -12.38 34.43 5.64
C LYS C 35 -12.14 35.97 5.59
N ARG C 36 -10.99 36.40 5.09
CA ARG C 36 -10.74 37.78 4.66
C ARG C 36 -11.93 38.44 3.97
N SER C 37 -12.46 37.77 2.96
CA SER C 37 -13.36 38.35 1.98
C SER C 37 -14.82 38.27 2.38
N TYR C 38 -15.16 37.29 3.21
CA TYR C 38 -16.54 37.15 3.68
C TYR C 38 -16.60 37.06 5.19
N PRO C 39 -16.14 38.13 5.87
CA PRO C 39 -16.00 38.13 7.32
C PRO C 39 -17.31 37.90 8.03
N HIS C 40 -18.41 38.16 7.35
CA HIS C 40 -19.74 38.01 7.93
C HIS C 40 -20.26 36.58 7.90
N ILE C 41 -19.40 35.64 7.50
CA ILE C 41 -19.83 34.25 7.39
C ILE C 41 -19.05 33.40 8.35
N ASP C 42 -19.80 32.67 9.17
CA ASP C 42 -19.23 31.80 10.19
C ASP C 42 -19.17 30.36 9.60
N LEU C 43 -17.99 29.99 9.11
CA LEU C 43 -17.76 28.74 8.38
C LEU C 43 -17.28 27.62 9.30
N HIS C 44 -18.06 26.56 9.37
CA HIS C 44 -17.75 25.38 10.17
C HIS C 44 -17.36 24.22 9.27
N ILE C 45 -16.07 23.89 9.29
CA ILE C 45 -15.52 22.86 8.44
C ILE C 45 -15.28 21.58 9.19
N SER C 46 -15.67 20.48 8.56
CA SER C 46 -15.35 19.14 8.99
C SER C 46 -14.85 18.30 7.81
N THR C 47 -14.05 17.29 8.10
CA THR C 47 -13.57 16.42 7.04
C THR C 47 -14.17 15.02 7.17
N HIS C 48 -14.15 14.31 6.04
CA HIS C 48 -14.69 12.97 5.93
C HIS C 48 -13.87 12.18 4.93
N ASN C 49 -14.15 10.90 4.81
CA ASN C 49 -13.36 10.02 3.96
C ASN C 49 -14.10 9.63 2.68
N ASN C 50 -15.07 10.47 2.34
CA ASN C 50 -15.89 10.40 1.12
C ASN C 50 -17.12 9.53 1.31
N ARG C 51 -17.26 8.89 2.48
CA ARG C 51 -18.54 8.31 2.93
C ARG C 51 -19.13 9.28 3.92
N VAL C 52 -20.27 9.84 3.56
CA VAL C 52 -20.78 10.96 4.30
C VAL C 52 -22.28 11.01 4.12
N ASP C 53 -22.98 11.42 5.18
CA ASP C 53 -24.43 11.54 5.22
C ASP C 53 -24.74 12.96 5.65
N PRO C 54 -24.89 13.87 4.67
CA PRO C 54 -25.04 15.31 4.93
C PRO C 54 -26.17 15.67 5.89
N ALA C 55 -27.29 14.98 5.71
CA ALA C 55 -28.48 15.13 6.51
C ALA C 55 -28.13 14.88 7.97
N ALA C 56 -27.59 13.67 8.24
CA ALA C 56 -27.16 13.30 9.60
C ALA C 56 -26.15 14.28 10.21
N GLU C 57 -25.22 14.81 9.41
CA GLU C 57 -24.19 15.74 9.90
C GLU C 57 -24.62 17.20 9.92
N GLY C 58 -25.81 17.48 9.43
CA GLY C 58 -26.28 18.84 9.38
C GLY C 58 -25.53 19.73 8.40
N LEU C 59 -25.02 19.18 7.30
CA LEU C 59 -24.22 19.97 6.38
C LEU C 59 -25.06 20.82 5.42
N ASP C 60 -24.62 22.04 5.16
CA ASP C 60 -25.20 22.80 4.06
C ASP C 60 -24.67 22.24 2.74
N TYR C 61 -23.35 22.22 2.65
CA TYR C 61 -22.63 21.64 1.50
C TYR C 61 -21.75 20.46 1.85
N THR C 62 -21.63 19.54 0.91
CA THR C 62 -20.64 18.48 0.92
C THR C 62 -19.69 18.54 -0.27
N ILE C 63 -18.39 18.59 -0.01
CA ILE C 63 -17.38 18.45 -1.06
C ILE C 63 -16.85 17.03 -1.10
N ARG C 64 -16.90 16.41 -2.28
CA ARG C 64 -16.67 15.00 -2.38
C ARG C 64 -16.15 14.57 -3.73
N TYR C 65 -15.67 13.34 -3.78
CA TYR C 65 -15.09 12.81 -5.01
C TYR C 65 -16.07 11.86 -5.61
N GLY C 66 -16.37 12.05 -6.89
CA GLY C 66 -17.19 11.08 -7.59
C GLY C 66 -17.65 11.55 -8.97
N GLY C 67 -18.85 11.16 -9.38
CA GLY C 67 -19.30 11.34 -10.75
C GLY C 67 -20.50 12.26 -10.94
N GLY C 68 -20.90 12.93 -9.87
CA GLY C 68 -21.89 13.98 -9.98
C GLY C 68 -23.33 13.57 -9.74
N ALA C 69 -23.54 12.27 -9.53
CA ALA C 69 -24.88 11.71 -9.48
C ALA C 69 -25.19 11.03 -8.14
N TRP C 70 -25.61 11.80 -7.16
CA TRP C 70 -26.03 11.25 -5.89
C TRP C 70 -27.55 11.40 -5.76
N HIS C 71 -28.21 10.42 -5.16
CA HIS C 71 -29.65 10.43 -4.89
C HIS C 71 -30.13 11.69 -4.19
N ASP C 72 -31.14 12.34 -4.77
CA ASP C 72 -31.78 13.54 -4.23
C ASP C 72 -30.79 14.65 -3.91
N THR C 73 -29.79 14.76 -4.77
CA THR C 73 -28.67 15.63 -4.53
C THR C 73 -28.39 16.46 -5.76
N ASP C 74 -28.20 17.74 -5.53
CA ASP C 74 -27.72 18.68 -6.52
C ASP C 74 -26.20 18.84 -6.39
N ALA C 75 -25.47 18.38 -7.41
CA ALA C 75 -24.01 18.42 -7.46
C ALA C 75 -23.48 19.40 -8.52
N GLN C 76 -22.76 20.42 -8.05
CA GLN C 76 -22.00 21.31 -8.89
C GLN C 76 -20.52 20.90 -9.02
N TYR C 77 -20.03 20.87 -10.25
CA TYR C 77 -18.64 20.53 -10.55
C TYR C 77 -17.63 21.54 -9.99
N LEU C 78 -16.56 21.04 -9.37
CA LEU C 78 -15.53 21.94 -8.81
C LEU C 78 -14.29 21.87 -9.67
N CYS C 79 -13.70 20.69 -9.79
CA CYS C 79 -12.43 20.58 -10.50
C CYS C 79 -12.14 19.14 -10.81
N SER C 80 -11.14 18.94 -11.64
CA SER C 80 -10.74 17.60 -12.05
C SER C 80 -9.85 16.97 -10.97
N ALA C 81 -9.75 15.65 -11.05
CA ALA C 81 -9.06 14.84 -10.05
C ALA C 81 -8.31 13.74 -10.79
N LEU C 82 -7.47 14.11 -11.76
CA LEU C 82 -6.84 13.09 -12.62
C LEU C 82 -5.80 12.31 -11.82
N MET C 83 -5.80 10.99 -12.02
CA MET C 83 -5.01 10.09 -11.22
C MET C 83 -3.77 9.48 -11.91
N SER C 84 -2.67 9.46 -11.18
CA SER C 84 -1.42 8.91 -11.66
C SER C 84 -0.65 8.24 -10.46
N PRO C 85 0.18 7.22 -10.74
CA PRO C 85 0.99 6.62 -9.67
C PRO C 85 1.90 7.61 -8.95
N LEU C 86 2.01 7.44 -7.63
CA LEU C 86 2.85 8.31 -6.77
C LEU C 86 3.62 7.40 -5.79
N CYS C 87 4.91 7.66 -5.60
CA CYS C 87 5.74 6.80 -4.75
C CYS C 87 6.90 7.60 -4.17
N SER C 88 7.54 7.06 -3.14
CA SER C 88 8.69 7.70 -2.50
C SER C 88 9.81 7.85 -3.48
N PRO C 89 10.78 8.74 -3.19
CA PRO C 89 12.00 8.85 -4.01
C PRO C 89 12.77 7.54 -4.06
N THR C 90 12.57 6.66 -3.09
CA THR C 90 13.33 5.41 -3.01
C THR C 90 12.79 4.37 -3.97
N LEU C 91 11.46 4.23 -4.02
CA LEU C 91 10.86 3.33 -4.99
C LEU C 91 10.96 3.89 -6.42
N ALA C 92 11.00 5.22 -6.53
CA ALA C 92 11.07 5.90 -7.83
C ALA C 92 12.35 5.50 -8.56
N SER C 93 13.45 5.50 -7.81
CA SER C 93 14.78 5.14 -8.33
C SER C 93 14.88 3.68 -8.81
N GLN C 94 13.88 2.85 -8.50
CA GLN C 94 13.81 1.47 -8.98
C GLN C 94 12.70 1.28 -10.01
N ILE C 95 12.13 2.38 -10.48
CA ILE C 95 11.04 2.37 -11.46
C ILE C 95 11.45 3.18 -12.71
N GLN C 96 11.62 2.48 -13.83
CA GLN C 96 11.96 3.13 -15.11
C GLN C 96 10.84 2.98 -16.11
N THR C 97 10.08 1.91 -16.00
CA THR C 97 8.94 1.69 -16.89
C THR C 97 7.73 1.28 -16.07
N PRO C 98 6.53 1.46 -16.62
CA PRO C 98 5.33 1.13 -15.86
C PRO C 98 5.32 -0.27 -15.25
N ALA C 99 5.79 -1.26 -15.98
CA ALA C 99 5.81 -2.63 -15.45
C ALA C 99 6.63 -2.75 -14.16
N ASP C 100 7.63 -1.90 -13.97
CA ASP C 100 8.41 -1.90 -12.72
C ASP C 100 7.59 -1.52 -11.45
N ILE C 101 6.40 -0.95 -11.64
CA ILE C 101 5.56 -0.60 -10.51
C ILE C 101 5.14 -1.89 -9.80
N LEU C 102 5.07 -2.99 -10.56
CA LEU C 102 4.57 -4.26 -10.02
C LEU C 102 5.64 -5.01 -9.19
N LYS C 103 6.79 -4.39 -9.02
CA LYS C 103 7.81 -4.91 -8.13
C LYS C 103 7.47 -4.60 -6.68
N PHE C 104 6.39 -3.84 -6.48
CA PHE C 104 6.02 -3.34 -5.15
C PHE C 104 4.53 -3.54 -4.94
N PRO C 105 4.10 -3.42 -3.66
CA PRO C 105 2.65 -3.56 -3.47
C PRO C 105 1.92 -2.34 -4.03
N LEU C 106 0.65 -2.50 -4.30
CA LEU C 106 -0.15 -1.43 -4.83
C LEU C 106 -1.11 -0.86 -3.79
N LEU C 107 -1.16 0.45 -3.69
CA LEU C 107 -2.17 1.06 -2.82
C LEU C 107 -3.33 1.57 -3.66
N ARG C 108 -4.51 1.21 -3.22
CA ARG C 108 -5.75 1.58 -3.84
C ARG C 108 -6.68 2.11 -2.79
N SER C 109 -7.85 2.50 -3.28
CA SER C 109 -8.92 3.03 -2.49
C SER C 109 -10.01 1.96 -2.44
N TYR C 110 -11.17 2.28 -1.90
CA TYR C 110 -12.26 1.33 -1.91
C TYR C 110 -12.96 1.30 -3.25
N ARG C 111 -12.67 2.29 -4.10
CA ARG C 111 -13.39 2.46 -5.38
C ARG C 111 -12.84 1.47 -6.42
N ARG C 112 -13.62 1.15 -7.44
CA ARG C 112 -13.24 0.06 -8.34
C ARG C 112 -12.19 0.48 -9.40
N ASP C 113 -11.27 -0.44 -9.70
CA ASP C 113 -10.53 -0.50 -10.96
C ASP C 113 -9.46 0.52 -11.21
N GLU C 114 -8.95 1.15 -10.16
CA GLU C 114 -8.04 2.24 -10.35
C GLU C 114 -6.79 1.70 -11.01
N TRP C 115 -6.26 0.60 -10.49
CA TRP C 115 -4.95 0.14 -10.98
C TRP C 115 -5.09 -0.59 -12.32
N ALA C 116 -6.21 -1.27 -12.50
CA ALA C 116 -6.49 -1.96 -13.73
C ALA C 116 -6.63 -0.93 -14.87
N LEU C 117 -7.47 0.09 -14.68
CA LEU C 117 -7.63 1.14 -15.68
C LEU C 117 -6.33 1.88 -15.94
N TRP C 118 -5.49 2.13 -14.94
CA TRP C 118 -4.25 2.85 -15.26
C TRP C 118 -3.28 1.98 -16.06
N MET C 119 -3.19 0.70 -15.68
CA MET C 119 -2.27 -0.20 -16.34
C MET C 119 -2.72 -0.37 -17.82
N GLN C 120 -3.99 -0.61 -18.05
CA GLN C 120 -4.55 -0.67 -19.38
C GLN C 120 -4.15 0.57 -20.20
N THR C 121 -4.31 1.75 -19.62
CA THR C 121 -4.04 3.01 -20.29
C THR C 121 -2.60 3.16 -20.76
N VAL C 122 -1.63 2.68 -20.00
CA VAL C 122 -0.24 2.74 -20.46
C VAL C 122 0.13 1.50 -21.28
N GLY C 123 -0.85 0.67 -21.58
CA GLY C 123 -0.63 -0.50 -22.40
C GLY C 123 0.10 -1.63 -21.69
N GLU C 124 -0.18 -1.85 -20.40
CA GLU C 124 0.24 -3.08 -19.72
C GLU C 124 -0.95 -3.98 -19.43
N ALA C 125 -0.63 -5.25 -19.15
CA ALA C 125 -1.63 -6.21 -18.69
C ALA C 125 -2.07 -5.94 -17.24
N PRO C 126 -3.27 -6.38 -16.89
CA PRO C 126 -3.81 -6.16 -15.55
C PRO C 126 -2.84 -6.65 -14.49
N PRO C 127 -2.85 -6.06 -13.28
CA PRO C 127 -1.97 -6.70 -12.29
C PRO C 127 -2.57 -8.03 -11.84
N SER C 128 -1.70 -8.99 -11.56
CA SER C 128 -2.04 -10.31 -11.04
C SER C 128 -3.16 -10.31 -9.99
N PRO C 129 -4.03 -11.34 -10.00
CA PRO C 129 -5.13 -11.31 -9.02
C PRO C 129 -4.67 -11.46 -7.57
N THR C 130 -3.42 -11.83 -7.35
CA THR C 130 -2.91 -12.05 -5.99
C THR C 130 -1.80 -11.06 -5.67
N HIS C 131 -1.71 -10.01 -6.48
CA HIS C 131 -0.75 -8.99 -6.18
C HIS C 131 -1.07 -8.43 -4.80
N ASN C 132 -0.02 -8.04 -4.08
CA ASN C 132 -0.17 -7.43 -2.78
C ASN C 132 -0.78 -6.02 -2.86
N VAL C 133 -2.03 -5.91 -2.43
CA VAL C 133 -2.72 -4.64 -2.37
C VAL C 133 -3.23 -4.28 -0.95
N MET C 134 -3.13 -3.00 -0.61
CA MET C 134 -3.75 -2.43 0.58
C MET C 134 -4.83 -1.40 0.19
N VAL C 135 -5.96 -1.45 0.89
CA VAL C 135 -7.11 -0.60 0.62
C VAL C 135 -7.20 0.56 1.65
N PHE C 136 -7.30 1.77 1.13
CA PHE C 136 -7.25 2.99 1.92
C PHE C 136 -8.53 3.78 1.78
N ASP C 137 -8.98 4.34 2.90
CA ASP C 137 -10.24 5.05 2.94
C ASP C 137 -10.04 6.55 2.62
N SER C 138 -8.77 6.97 2.60
CA SER C 138 -8.36 8.33 2.37
C SER C 138 -7.08 8.33 1.59
N SER C 139 -7.04 9.09 0.48
CA SER C 139 -5.77 9.29 -0.23
C SER C 139 -4.73 9.97 0.66
N VAL C 140 -5.15 10.69 1.69
CA VAL C 140 -4.18 11.32 2.58
C VAL C 140 -3.37 10.22 3.31
N THR C 141 -4.08 9.26 3.88
CA THR C 141 -3.51 8.10 4.55
C THR C 141 -2.74 7.33 3.49
N MET C 142 -3.35 7.10 2.33
CA MET C 142 -2.63 6.39 1.25
C MET C 142 -1.27 7.01 0.94
N LEU C 143 -1.18 8.32 0.95
CA LEU C 143 0.10 8.96 0.61
C LEU C 143 1.09 9.08 1.80
N GLU C 144 0.57 8.95 3.03
CA GLU C 144 1.45 8.72 4.16
C GLU C 144 2.13 7.36 3.98
N ALA C 145 1.33 6.34 3.68
CA ALA C 145 1.85 4.98 3.51
C ALA C 145 2.90 4.91 2.37
N ALA C 146 2.65 5.62 1.26
CA ALA C 146 3.58 5.65 0.13
C ALA C 146 4.88 6.33 0.54
N GLN C 147 4.81 7.40 1.29
CA GLN C 147 6.04 8.09 1.72
C GLN C 147 6.93 7.17 2.59
N ALA C 148 6.29 6.28 3.35
CA ALA C 148 6.99 5.27 4.15
C ALA C 148 7.32 3.98 3.37
N GLY C 149 7.18 4.01 2.05
CA GLY C 149 7.61 2.90 1.25
C GLY C 149 6.70 1.69 1.26
N MET C 150 5.48 1.80 1.78
CA MET C 150 4.61 0.61 1.81
C MET C 150 4.18 0.13 0.43
N GLY C 151 4.37 0.97 -0.59
CA GLY C 151 3.88 0.62 -1.91
C GLY C 151 3.64 1.79 -2.83
N VAL C 152 2.94 1.57 -3.95
CA VAL C 152 2.76 2.63 -4.93
C VAL C 152 1.35 3.12 -4.83
N ALA C 153 1.20 4.43 -4.64
CA ALA C 153 -0.12 5.05 -4.55
C ALA C 153 -0.60 5.39 -5.93
N ILE C 154 -1.92 5.47 -6.08
CA ILE C 154 -2.51 6.16 -7.21
C ILE C 154 -3.59 7.12 -6.66
N ALA C 155 -3.55 8.36 -7.14
CA ALA C 155 -4.32 9.46 -6.53
C ALA C 155 -4.33 10.72 -7.37
N PRO C 156 -5.23 11.67 -7.04
CA PRO C 156 -5.28 12.92 -7.81
C PRO C 156 -4.02 13.73 -7.57
N VAL C 157 -3.18 13.79 -8.57
CA VAL C 157 -1.91 14.45 -8.50
C VAL C 157 -2.01 15.89 -8.03
N ARG C 158 -3.02 16.60 -8.50
CA ARG C 158 -3.13 18.01 -8.17
C ARG C 158 -3.42 18.23 -6.69
N MET C 159 -3.75 17.17 -5.97
CA MET C 159 -4.05 17.31 -4.55
C MET C 159 -2.81 17.11 -3.68
N PHE C 160 -1.67 16.83 -4.30
CA PHE C 160 -0.43 16.47 -3.60
C PHE C 160 0.78 17.26 -4.07
N THR C 161 0.46 18.42 -4.60
CA THR C 161 1.42 19.48 -4.88
C THR C 161 2.38 19.79 -3.75
N HIS C 162 1.88 19.79 -2.51
CA HIS C 162 2.74 20.06 -1.34
C HIS C 162 3.75 18.94 -1.08
N LEU C 163 3.45 17.74 -1.55
CA LEU C 163 4.39 16.64 -1.43
C LEU C 163 5.32 16.53 -2.65
N LEU C 164 4.83 16.85 -3.84
CA LEU C 164 5.67 16.68 -5.03
C LEU C 164 6.75 17.76 -5.02
N SER C 165 6.42 18.96 -4.58
CA SER C 165 7.40 20.06 -4.61
C SER C 165 8.46 19.91 -3.52
N SER C 166 8.05 19.43 -2.35
CA SER C 166 9.00 19.13 -1.27
C SER C 166 9.78 17.81 -1.49
N GLU C 167 9.57 17.19 -2.66
CA GLU C 167 10.27 15.97 -3.07
C GLU C 167 10.07 14.76 -2.15
N ARG C 168 9.09 14.87 -1.26
CA ARG C 168 8.74 13.76 -0.39
C ARG C 168 8.02 12.65 -1.13
N ILE C 169 7.43 12.94 -2.29
CA ILE C 169 6.82 11.90 -3.12
C ILE C 169 7.25 12.16 -4.58
N VAL C 170 7.17 11.13 -5.43
CA VAL C 170 7.56 11.32 -6.81
C VAL C 170 6.46 10.79 -7.72
N GLN C 171 6.21 11.51 -8.83
CA GLN C 171 5.32 11.04 -9.92
C GLN C 171 6.15 10.51 -11.07
N PRO C 172 6.30 9.20 -11.17
CA PRO C 172 7.28 8.70 -12.12
C PRO C 172 6.85 8.89 -13.59
N PHE C 173 5.55 8.73 -13.87
CA PHE C 173 4.99 8.83 -15.23
C PHE C 173 3.91 9.91 -15.32
N LEU C 174 3.78 10.50 -16.50
CA LEU C 174 2.86 11.62 -16.69
C LEU C 174 1.46 11.15 -16.87
N THR C 175 1.30 9.90 -17.27
CA THR C 175 -0.02 9.40 -17.65
C THR C 175 -1.03 9.51 -16.51
N GLN C 176 -2.23 9.99 -16.83
CA GLN C 176 -3.22 10.32 -15.83
C GLN C 176 -4.59 10.02 -16.34
N ILE C 177 -5.38 9.36 -15.52
CA ILE C 177 -6.72 8.94 -15.89
C ILE C 177 -7.80 9.58 -15.03
N ASP C 178 -9.00 9.59 -15.56
CA ASP C 178 -10.17 10.20 -14.94
C ASP C 178 -11.08 9.13 -14.40
N LEU C 179 -11.16 8.98 -13.06
CA LEU C 179 -12.11 8.04 -12.47
C LEU C 179 -13.07 8.79 -11.57
N GLY C 180 -13.15 10.10 -11.77
CA GLY C 180 -14.06 10.92 -11.01
C GLY C 180 -13.50 12.29 -10.86
N SER C 181 -14.31 13.17 -10.29
CA SER C 181 -13.97 14.56 -10.05
C SER C 181 -14.39 14.99 -8.65
N TYR C 182 -14.02 16.22 -8.28
CA TYR C 182 -14.52 16.85 -7.08
C TYR C 182 -15.75 17.69 -7.39
N TRP C 183 -16.75 17.55 -6.52
CA TRP C 183 -18.06 18.24 -6.64
C TRP C 183 -18.40 18.85 -5.29
N ILE C 184 -19.14 19.96 -5.33
CA ILE C 184 -19.77 20.48 -4.14
C ILE C 184 -21.27 20.21 -4.32
N THR C 185 -21.83 19.48 -3.37
CA THR C 185 -23.19 18.96 -3.46
C THR C 185 -24.09 19.42 -2.31
N ARG C 186 -25.36 19.58 -2.64
CA ARG C 186 -26.42 20.04 -1.74
C ARG C 186 -27.60 19.07 -1.85
N LEU C 187 -28.20 18.71 -0.72
CA LEU C 187 -29.42 17.90 -0.79
C LEU C 187 -30.50 18.75 -1.42
N GLN C 188 -31.32 18.17 -2.28
CA GLN C 188 -32.38 18.93 -2.95
C GLN C 188 -33.28 19.55 -1.90
N SER C 189 -33.56 18.84 -0.81
CA SER C 189 -34.41 19.37 0.26
C SER C 189 -33.70 20.33 1.19
N ARG C 190 -32.42 20.58 0.94
CA ARG C 190 -31.66 21.51 1.75
C ARG C 190 -31.77 22.90 1.16
N PRO C 191 -32.26 23.88 1.93
CA PRO C 191 -32.39 25.22 1.38
C PRO C 191 -31.05 25.87 1.03
N GLU C 192 -30.95 26.41 -0.19
CA GLU C 192 -29.78 27.18 -0.56
C GLU C 192 -29.86 28.58 0.05
N THR C 193 -28.96 28.87 0.97
CA THR C 193 -28.92 30.16 1.65
C THR C 193 -28.01 31.13 0.93
N PRO C 194 -28.02 32.41 1.34
CA PRO C 194 -27.09 33.33 0.69
C PRO C 194 -25.62 33.01 1.00
N ALA C 195 -25.31 32.60 2.23
CA ALA C 195 -23.92 32.27 2.56
C ALA C 195 -23.47 31.06 1.74
N MET C 196 -24.37 30.11 1.53
CA MET C 196 -24.06 29.04 0.58
C MET C 196 -23.68 29.61 -0.81
N ARG C 197 -24.56 30.39 -1.43
CA ARG C 197 -24.31 30.93 -2.78
C ARG C 197 -23.00 31.69 -2.83
N GLU C 198 -22.73 32.48 -1.81
CA GLU C 198 -21.48 33.21 -1.76
C GLU C 198 -20.24 32.30 -1.69
N PHE C 199 -20.32 31.16 -0.99
CA PHE C 199 -19.15 30.29 -0.86
C PHE C 199 -18.92 29.55 -2.17
N SER C 200 -19.98 28.95 -2.68
CA SER C 200 -19.98 28.34 -4.00
C SER C 200 -19.33 29.24 -5.03
N ARG C 201 -19.85 30.46 -5.16
CA ARG C 201 -19.34 31.47 -6.09
C ARG C 201 -17.87 31.74 -5.83
N TRP C 202 -17.48 31.89 -4.57
CA TRP C 202 -16.07 32.14 -4.28
C TRP C 202 -15.19 30.96 -4.69
N LEU C 203 -15.61 29.75 -4.34
CA LEU C 203 -14.79 28.58 -4.59
C LEU C 203 -14.64 28.26 -6.09
N THR C 204 -15.75 28.22 -6.82
CA THR C 204 -15.67 27.84 -8.24
C THR C 204 -14.90 28.90 -9.02
N GLY C 205 -14.81 30.09 -8.44
CA GLY C 205 -14.01 31.16 -9.02
C GLY C 205 -12.51 31.08 -8.77
N VAL C 206 -12.08 30.67 -7.58
CA VAL C 206 -10.64 30.52 -7.37
C VAL C 206 -10.14 29.30 -8.16
N LEU C 207 -11.00 28.32 -8.39
CA LEU C 207 -10.53 27.09 -9.01
C LEU C 207 -10.35 27.27 -10.52
N GLU D 12 -4.77 -19.26 3.61
CA GLU D 12 -5.73 -18.86 4.65
C GLU D 12 -5.86 -17.33 4.75
N LYS D 13 -7.09 -16.82 4.66
CA LYS D 13 -7.35 -15.39 4.53
C LYS D 13 -7.74 -14.74 5.87
N LEU D 14 -7.25 -13.52 6.05
CA LEU D 14 -7.44 -12.73 7.27
C LEU D 14 -7.70 -11.28 6.85
N LYS D 15 -8.94 -10.85 7.00
CA LYS D 15 -9.35 -9.51 6.60
C LYS D 15 -9.41 -8.63 7.85
N ILE D 16 -8.49 -7.67 7.90
CA ILE D 16 -8.37 -6.71 8.98
C ILE D 16 -8.58 -5.25 8.56
N GLY D 17 -9.51 -4.58 9.23
CA GLY D 17 -9.73 -3.14 9.09
C GLY D 17 -9.08 -2.36 10.22
N VAL D 18 -8.16 -1.48 9.85
CA VAL D 18 -7.30 -0.68 10.74
C VAL D 18 -7.45 0.86 10.66
N VAL D 19 -7.84 1.46 11.79
CA VAL D 19 -7.93 2.92 11.88
C VAL D 19 -6.63 3.52 11.35
N GLY D 20 -6.76 4.49 10.46
CA GLY D 20 -5.60 5.00 9.74
C GLY D 20 -4.41 5.52 10.54
N THR D 21 -4.66 6.26 11.61
CA THR D 21 -3.60 6.73 12.51
C THR D 21 -2.73 5.55 12.97
N PHE D 22 -3.39 4.47 13.39
CA PHE D 22 -2.70 3.29 13.88
C PHE D 22 -1.99 2.58 12.74
N ALA D 23 -2.65 2.44 11.58
CA ALA D 23 -1.97 1.81 10.43
C ALA D 23 -0.62 2.46 10.16
N ILE D 24 -0.63 3.78 10.05
CA ILE D 24 0.54 4.57 9.67
C ILE D 24 1.56 4.66 10.80
N GLY D 25 1.08 4.95 12.00
CA GLY D 25 1.99 5.19 13.13
C GLY D 25 2.53 3.94 13.80
N CYS D 26 1.89 2.79 13.58
CA CYS D 26 2.24 1.59 14.36
C CYS D 26 2.22 0.30 13.52
N LEU D 27 1.07 -0.13 13.01
CA LEU D 27 0.97 -1.44 12.35
C LEU D 27 1.84 -1.63 11.11
N PHE D 28 1.91 -0.65 10.22
CA PHE D 28 2.56 -0.87 8.92
C PHE D 28 4.04 -1.24 9.02
N PRO D 29 4.83 -0.49 9.79
CA PRO D 29 6.25 -0.87 10.01
C PRO D 29 6.44 -2.35 10.44
N LEU D 30 5.52 -2.90 11.20
CA LEU D 30 5.64 -4.25 11.74
C LEU D 30 5.14 -5.35 10.80
N LEU D 31 4.43 -4.97 9.74
CA LEU D 31 3.66 -5.95 8.98
C LEU D 31 4.59 -6.95 8.28
N SER D 32 5.80 -6.52 7.94
CA SER D 32 6.77 -7.42 7.31
C SER D 32 7.15 -8.56 8.29
N ASP D 33 7.12 -8.27 9.59
CA ASP D 33 7.45 -9.26 10.59
C ASP D 33 6.37 -10.33 10.59
N PHE D 34 5.09 -9.94 10.65
CA PHE D 34 4.02 -10.92 10.67
C PHE D 34 4.02 -11.84 9.42
N LYS D 35 4.31 -11.26 8.25
CA LYS D 35 4.33 -12.02 6.98
C LYS D 35 5.51 -13.03 6.94
N ARG D 36 6.70 -12.57 7.31
CA ARG D 36 7.86 -13.45 7.48
C ARG D 36 7.48 -14.70 8.34
N SER D 37 6.73 -14.48 9.42
CA SER D 37 6.47 -15.53 10.39
C SER D 37 5.24 -16.36 10.06
N TYR D 38 4.25 -15.77 9.39
CA TYR D 38 3.00 -16.48 9.04
C TYR D 38 2.69 -16.30 7.53
N PRO D 39 3.59 -16.81 6.69
CA PRO D 39 3.48 -16.68 5.25
C PRO D 39 2.24 -17.38 4.68
N HIS D 40 1.66 -18.29 5.44
CA HIS D 40 0.47 -19.03 5.01
C HIS D 40 -0.86 -18.25 5.25
N ILE D 41 -0.75 -17.08 5.85
CA ILE D 41 -1.94 -16.25 6.07
C ILE D 41 -1.89 -15.09 5.11
N ASP D 42 -2.96 -15.02 4.35
CA ASP D 42 -3.14 -14.04 3.30
C ASP D 42 -3.87 -12.83 3.94
N LEU D 43 -3.10 -11.81 4.28
CA LEU D 43 -3.60 -10.65 5.03
C LEU D 43 -4.14 -9.48 4.17
N HIS D 44 -5.44 -9.24 4.24
CA HIS D 44 -6.05 -8.13 3.54
C HIS D 44 -6.27 -6.96 4.52
N ILE D 45 -5.30 -6.04 4.57
CA ILE D 45 -5.41 -4.74 5.29
C ILE D 45 -6.26 -3.68 4.58
N SER D 46 -7.32 -3.20 5.23
CA SER D 46 -7.98 -1.94 4.85
C SER D 46 -7.96 -0.89 6.00
N THR D 47 -8.01 0.41 5.64
CA THR D 47 -8.03 1.47 6.64
C THR D 47 -9.41 2.09 6.75
N HIS D 48 -9.67 2.71 7.89
CA HIS D 48 -10.94 3.40 8.10
C HIS D 48 -10.73 4.60 9.04
N ASN D 49 -11.79 5.37 9.27
CA ASN D 49 -11.63 6.58 10.08
C ASN D 49 -12.27 6.43 11.45
N ASN D 50 -12.35 5.17 11.92
CA ASN D 50 -12.80 4.75 13.27
C ASN D 50 -14.28 4.59 13.29
N ARG D 51 -14.93 4.96 12.18
CA ARG D 51 -16.29 4.58 11.88
C ARG D 51 -16.23 3.41 10.91
N VAL D 52 -16.59 2.24 11.43
CA VAL D 52 -16.43 1.00 10.71
C VAL D 52 -17.53 0.03 11.11
N ASP D 53 -18.05 -0.69 10.12
CA ASP D 53 -19.06 -1.72 10.28
C ASP D 53 -18.44 -3.04 9.87
N PRO D 54 -17.88 -3.80 10.83
CA PRO D 54 -17.17 -5.02 10.41
C PRO D 54 -18.05 -6.10 9.77
N ALA D 55 -19.33 -6.22 10.15
CA ALA D 55 -20.20 -7.21 9.51
C ALA D 55 -20.40 -6.89 8.00
N ALA D 56 -20.60 -5.63 7.66
CA ALA D 56 -20.79 -5.20 6.26
C ALA D 56 -19.52 -5.42 5.46
N GLU D 57 -18.41 -4.97 6.02
CA GLU D 57 -17.12 -5.10 5.38
C GLU D 57 -16.56 -6.51 5.42
N GLY D 58 -17.30 -7.43 6.04
CA GLY D 58 -16.83 -8.80 6.23
C GLY D 58 -15.45 -8.89 6.86
N LEU D 59 -15.18 -8.08 7.89
CA LEU D 59 -13.91 -8.13 8.59
C LEU D 59 -13.89 -9.24 9.66
N ASP D 60 -12.72 -9.85 9.82
CA ASP D 60 -12.49 -10.79 10.87
C ASP D 60 -12.23 -9.94 12.12
N TYR D 61 -11.13 -9.17 12.05
CA TYR D 61 -10.76 -8.16 13.05
C TYR D 61 -10.89 -6.71 12.59
N THR D 62 -11.52 -5.88 13.42
CA THR D 62 -11.34 -4.43 13.38
C THR D 62 -10.30 -3.94 14.37
N ILE D 63 -9.35 -3.11 13.95
CA ILE D 63 -8.49 -2.38 14.90
C ILE D 63 -8.92 -0.89 15.01
N ARG D 64 -9.17 -0.42 16.22
CA ARG D 64 -9.90 0.83 16.39
C ARG D 64 -9.48 1.56 17.67
N TYR D 65 -9.86 2.83 17.79
CA TYR D 65 -9.57 3.68 18.95
C TYR D 65 -10.82 3.81 19.79
N GLY D 66 -10.68 3.67 21.10
CA GLY D 66 -11.84 3.77 21.96
C GLY D 66 -11.61 3.30 23.38
N GLY D 67 -12.70 2.89 24.01
CA GLY D 67 -12.71 2.48 25.39
C GLY D 67 -12.85 0.98 25.61
N GLY D 68 -13.24 0.23 24.59
CA GLY D 68 -13.15 -1.23 24.67
C GLY D 68 -14.47 -1.94 24.80
N ALA D 69 -15.56 -1.17 24.81
CA ALA D 69 -16.89 -1.68 25.07
C ALA D 69 -17.83 -1.35 23.96
N TRP D 70 -17.80 -2.18 22.91
CA TRP D 70 -18.72 -2.05 21.78
C TRP D 70 -19.77 -3.18 21.83
N HIS D 71 -21.00 -2.87 21.47
CA HIS D 71 -22.13 -3.80 21.49
C HIS D 71 -21.82 -5.05 20.69
N ASP D 72 -22.09 -6.21 21.31
CA ASP D 72 -21.86 -7.50 20.64
C ASP D 72 -20.42 -7.73 20.17
N THR D 73 -19.45 -7.24 20.93
CA THR D 73 -18.06 -7.24 20.45
C THR D 73 -17.07 -7.61 21.50
N ASP D 74 -16.14 -8.46 21.12
CA ASP D 74 -15.05 -8.81 21.98
C ASP D 74 -13.86 -7.91 21.68
N ALA D 75 -13.46 -7.11 22.65
CA ALA D 75 -12.35 -6.19 22.44
C ALA D 75 -11.16 -6.66 23.20
N GLN D 76 -10.00 -6.58 22.58
CA GLN D 76 -8.74 -6.87 23.23
C GLN D 76 -7.78 -5.69 23.15
N TYR D 77 -7.20 -5.31 24.28
CA TYR D 77 -6.35 -4.11 24.37
C TYR D 77 -5.07 -4.27 23.60
N LEU D 78 -4.65 -3.21 22.92
CA LEU D 78 -3.37 -3.18 22.21
C LEU D 78 -2.38 -2.21 22.87
N CYS D 79 -2.73 -0.92 22.97
CA CYS D 79 -1.77 0.06 23.49
C CYS D 79 -2.42 1.40 23.78
N SER D 80 -1.69 2.25 24.47
CA SER D 80 -2.20 3.54 24.91
C SER D 80 -2.11 4.55 23.78
N ALA D 81 -2.84 5.66 23.94
CA ALA D 81 -2.99 6.66 22.90
C ALA D 81 -3.13 8.04 23.52
N LEU D 82 -2.20 8.32 24.43
CA LEU D 82 -2.17 9.56 25.15
C LEU D 82 -2.03 10.76 24.21
N MET D 83 -2.78 11.82 24.48
CA MET D 83 -2.89 12.95 23.59
C MET D 83 -2.36 14.22 24.16
N SER D 84 -1.74 15.04 23.30
CA SER D 84 -1.13 16.30 23.70
C SER D 84 -1.21 17.23 22.49
N PRO D 85 -1.20 18.56 22.72
CA PRO D 85 -1.23 19.49 21.58
C PRO D 85 -0.05 19.31 20.68
N LEU D 86 -0.29 19.50 19.38
CA LEU D 86 0.75 19.31 18.36
C LEU D 86 0.61 20.37 17.30
N CYS D 87 1.71 21.03 16.94
CA CYS D 87 1.60 22.20 16.07
C CYS D 87 2.86 22.42 15.29
N SER D 88 2.76 23.26 14.26
CA SER D 88 3.92 23.50 13.41
C SER D 88 4.97 24.32 14.20
N PRO D 89 6.25 24.23 13.82
CA PRO D 89 7.31 25.03 14.49
C PRO D 89 7.02 26.53 14.50
N THR D 90 6.45 27.02 13.40
CA THR D 90 6.00 28.39 13.29
C THR D 90 4.97 28.78 14.33
N LEU D 91 3.95 27.97 14.53
CA LEU D 91 3.01 28.24 15.59
C LEU D 91 3.68 28.09 16.98
N ALA D 92 4.64 27.16 17.09
CA ALA D 92 5.23 26.86 18.39
C ALA D 92 5.99 28.06 18.95
N SER D 93 6.66 28.81 18.08
CA SER D 93 7.43 29.99 18.45
C SER D 93 6.56 31.11 18.97
N GLN D 94 5.26 31.01 18.71
CA GLN D 94 4.29 31.97 19.27
C GLN D 94 3.52 31.39 20.46
N ILE D 95 3.96 30.24 20.96
CA ILE D 95 3.25 29.56 22.03
C ILE D 95 4.22 29.30 23.20
N GLN D 96 4.10 30.11 24.23
CA GLN D 96 4.87 29.93 25.46
C GLN D 96 4.01 29.33 26.56
N THR D 97 2.75 29.76 26.67
CA THR D 97 1.81 29.21 27.66
C THR D 97 0.57 28.56 27.00
N PRO D 98 -0.08 27.62 27.71
CA PRO D 98 -1.23 26.93 27.11
C PRO D 98 -2.31 27.89 26.64
N ALA D 99 -2.43 29.03 27.29
CA ALA D 99 -3.36 30.06 26.85
C ALA D 99 -2.98 30.61 25.47
N ASP D 100 -1.70 30.61 25.13
CA ASP D 100 -1.27 31.03 23.79
C ASP D 100 -1.87 30.15 22.66
N ILE D 101 -2.24 28.90 22.96
CA ILE D 101 -2.80 28.04 21.93
C ILE D 101 -4.05 28.69 21.35
N LEU D 102 -4.79 29.39 22.20
CA LEU D 102 -6.05 30.02 21.77
C LEU D 102 -5.83 31.23 20.88
N LYS D 103 -4.57 31.61 20.65
CA LYS D 103 -4.29 32.54 19.57
C LYS D 103 -4.66 31.91 18.22
N PHE D 104 -4.76 30.60 18.16
CA PHE D 104 -4.87 29.90 16.90
C PHE D 104 -6.13 29.07 16.82
N PRO D 105 -6.56 28.71 15.61
CA PRO D 105 -7.66 27.74 15.51
C PRO D 105 -7.31 26.43 16.21
N LEU D 106 -8.31 25.78 16.77
CA LEU D 106 -8.14 24.43 17.32
C LEU D 106 -8.62 23.36 16.34
N LEU D 107 -7.88 22.28 16.25
CA LEU D 107 -8.25 21.13 15.45
C LEU D 107 -8.59 20.00 16.44
N ARG D 108 -9.70 19.33 16.16
CA ARG D 108 -10.23 18.28 16.98
C ARG D 108 -10.83 17.20 16.12
N SER D 109 -11.22 16.11 16.76
CA SER D 109 -11.90 15.04 16.10
C SER D 109 -13.41 15.18 16.33
N TYR D 110 -14.21 14.22 15.88
CA TYR D 110 -15.64 14.25 16.16
C TYR D 110 -15.93 13.84 17.61
N ARG D 111 -14.90 13.37 18.31
CA ARG D 111 -15.08 12.77 19.65
C ARG D 111 -15.13 13.92 20.67
N ARG D 112 -15.62 13.62 21.85
CA ARG D 112 -16.07 14.66 22.79
C ARG D 112 -14.91 15.27 23.56
N ASP D 113 -14.95 16.59 23.77
CA ASP D 113 -14.30 17.19 24.93
C ASP D 113 -12.80 17.24 24.95
N GLU D 114 -12.15 17.18 23.79
CA GLU D 114 -10.71 16.98 23.80
C GLU D 114 -10.04 18.23 24.33
N TRP D 115 -10.45 19.39 23.85
CA TRP D 115 -9.74 20.62 24.20
C TRP D 115 -10.20 21.11 25.57
N ALA D 116 -11.48 20.92 25.89
CA ALA D 116 -12.00 21.28 27.21
C ALA D 116 -11.22 20.50 28.26
N LEU D 117 -11.14 19.19 28.08
CA LEU D 117 -10.43 18.33 29.02
C LEU D 117 -8.95 18.61 29.07
N TRP D 118 -8.29 18.82 27.94
CA TRP D 118 -6.86 19.16 28.02
C TRP D 118 -6.64 20.51 28.73
N MET D 119 -7.42 21.53 28.40
CA MET D 119 -7.28 22.83 29.06
C MET D 119 -7.57 22.72 30.59
N GLN D 120 -8.59 21.96 30.99
CA GLN D 120 -8.87 21.83 32.45
C GLN D 120 -7.70 21.13 33.11
N THR D 121 -7.26 20.02 32.52
CA THR D 121 -6.10 19.29 33.00
C THR D 121 -4.88 20.21 33.25
N VAL D 122 -4.64 21.24 32.43
CA VAL D 122 -3.49 22.12 32.68
C VAL D 122 -3.87 23.37 33.49
N GLY D 123 -5.09 23.38 34.01
CA GLY D 123 -5.52 24.45 34.89
C GLY D 123 -5.98 25.70 34.17
N GLU D 124 -6.45 25.56 32.94
CA GLU D 124 -6.96 26.70 32.19
C GLU D 124 -8.46 26.54 32.01
N ALA D 125 -9.12 27.61 31.60
CA ALA D 125 -10.54 27.55 31.34
C ALA D 125 -10.71 26.85 30.00
N PRO D 126 -11.86 26.21 29.79
CA PRO D 126 -12.05 25.62 28.47
C PRO D 126 -12.14 26.73 27.40
N PRO D 127 -11.88 26.40 26.12
CA PRO D 127 -11.99 27.46 25.13
C PRO D 127 -13.43 28.00 25.03
N SER D 128 -13.62 29.20 24.48
CA SER D 128 -14.96 29.69 24.24
C SER D 128 -15.74 28.74 23.33
N PRO D 129 -17.05 28.56 23.59
CA PRO D 129 -17.93 27.80 22.68
C PRO D 129 -17.80 28.23 21.23
N THR D 130 -17.39 29.47 21.00
CA THR D 130 -17.37 30.06 19.67
C THR D 130 -15.95 30.25 19.12
N HIS D 131 -14.99 29.60 19.74
CA HIS D 131 -13.63 29.59 19.21
C HIS D 131 -13.61 28.92 17.84
N ASN D 132 -12.71 29.33 16.96
CA ASN D 132 -12.64 28.72 15.62
C ASN D 132 -12.09 27.32 15.75
N VAL D 133 -12.90 26.31 15.42
CA VAL D 133 -12.37 24.95 15.36
C VAL D 133 -12.64 24.29 14.03
N MET D 134 -11.80 23.30 13.72
CA MET D 134 -12.07 22.41 12.61
C MET D 134 -12.11 20.96 13.05
N VAL D 135 -13.11 20.25 12.57
CA VAL D 135 -13.36 18.87 12.94
C VAL D 135 -12.82 17.86 11.89
N PHE D 136 -11.98 16.92 12.33
CA PHE D 136 -11.31 15.94 11.45
C PHE D 136 -11.76 14.52 11.74
N ASP D 137 -11.95 13.73 10.68
CA ASP D 137 -12.39 12.35 10.79
C ASP D 137 -11.18 11.42 11.02
N SER D 138 -10.00 11.97 10.80
CA SER D 138 -8.74 11.25 10.97
C SER D 138 -7.65 12.15 11.57
N SER D 139 -6.90 11.63 12.53
CA SER D 139 -5.73 12.34 13.04
C SER D 139 -4.61 12.49 11.99
N VAL D 140 -4.56 11.59 11.02
CA VAL D 140 -3.59 11.73 9.93
C VAL D 140 -3.87 13.05 9.17
N THR D 141 -5.13 13.22 8.80
CA THR D 141 -5.53 14.44 8.11
C THR D 141 -5.37 15.65 9.02
N MET D 142 -5.79 15.53 10.28
CA MET D 142 -5.62 16.59 11.26
C MET D 142 -4.17 17.06 11.26
N LEU D 143 -3.23 16.13 11.28
CA LEU D 143 -1.81 16.51 11.42
C LEU D 143 -1.18 17.01 10.14
N GLU D 144 -1.78 16.74 8.97
CA GLU D 144 -1.40 17.42 7.71
C GLU D 144 -1.83 18.88 7.81
N ALA D 145 -3.04 19.11 8.30
CA ALA D 145 -3.46 20.50 8.48
C ALA D 145 -2.54 21.22 9.50
N ALA D 146 -2.12 20.52 10.56
CA ALA D 146 -1.26 21.16 11.57
C ALA D 146 0.08 21.52 10.98
N GLN D 147 0.65 20.62 10.15
CA GLN D 147 1.93 20.91 9.53
C GLN D 147 1.85 22.16 8.67
N ALA D 148 0.66 22.46 8.16
CA ALA D 148 0.45 23.58 7.26
C ALA D 148 0.04 24.86 8.01
N GLY D 149 -0.08 24.79 9.32
CA GLY D 149 -0.33 25.99 10.09
C GLY D 149 -1.79 26.36 10.20
N MET D 150 -2.68 25.42 9.91
CA MET D 150 -4.12 25.69 10.01
C MET D 150 -4.61 25.81 11.47
N GLY D 151 -3.80 25.39 12.42
CA GLY D 151 -4.25 25.40 13.80
C GLY D 151 -3.45 24.41 14.65
N VAL D 152 -3.86 24.26 15.92
CA VAL D 152 -3.17 23.38 16.87
C VAL D 152 -4.00 22.11 16.97
N ALA D 153 -3.34 21.00 16.63
CA ALA D 153 -3.89 19.68 16.72
C ALA D 153 -3.87 19.13 18.14
N ILE D 154 -4.77 18.20 18.47
CA ILE D 154 -4.55 17.36 19.63
C ILE D 154 -4.78 15.90 19.21
N ALA D 155 -3.77 15.05 19.47
CA ALA D 155 -3.78 13.66 18.95
C ALA D 155 -2.75 12.75 19.63
N PRO D 156 -2.83 11.43 19.37
CA PRO D 156 -1.91 10.53 20.09
C PRO D 156 -0.48 10.68 19.66
N VAL D 157 0.33 11.25 20.54
CA VAL D 157 1.68 11.63 20.20
C VAL D 157 2.52 10.46 19.72
N ARG D 158 2.36 9.30 20.38
CA ARG D 158 3.09 8.09 19.99
C ARG D 158 2.84 7.66 18.54
N MET D 159 1.75 8.11 17.95
CA MET D 159 1.42 7.75 16.54
C MET D 159 2.03 8.73 15.53
N PHE D 160 2.76 9.74 16.01
CA PHE D 160 3.33 10.74 15.10
C PHE D 160 4.81 11.01 15.33
N THR D 161 5.54 9.96 15.70
CA THR D 161 6.93 10.12 16.03
C THR D 161 7.70 10.48 14.75
N HIS D 162 7.21 10.03 13.59
CA HIS D 162 7.87 10.38 12.32
C HIS D 162 7.83 11.88 12.02
N LEU D 163 6.73 12.55 12.38
CA LEU D 163 6.63 14.00 12.21
C LEU D 163 7.46 14.72 13.26
N LEU D 164 7.61 14.11 14.42
CA LEU D 164 8.40 14.72 15.48
C LEU D 164 9.88 14.56 15.20
N SER D 165 10.29 13.36 14.82
CA SER D 165 11.70 13.08 14.58
C SER D 165 12.22 13.98 13.46
N SER D 166 11.40 14.19 12.44
CA SER D 166 11.76 15.08 11.33
C SER D 166 11.47 16.54 11.62
N GLU D 167 10.95 16.80 12.79
CA GLU D 167 10.57 18.15 13.21
C GLU D 167 9.59 18.86 12.25
N ARG D 168 8.71 18.10 11.62
CA ARG D 168 7.60 18.73 10.89
C ARG D 168 6.47 19.13 11.85
N ILE D 169 6.54 18.60 13.08
CA ILE D 169 5.57 18.94 14.09
C ILE D 169 6.25 19.02 15.47
N VAL D 170 5.73 19.91 16.30
CA VAL D 170 6.25 20.17 17.63
C VAL D 170 5.18 19.87 18.69
N GLN D 171 5.63 19.30 19.81
CA GLN D 171 4.78 19.09 20.95
C GLN D 171 5.13 20.18 21.95
N PRO D 172 4.33 21.25 22.02
CA PRO D 172 4.78 22.34 22.91
C PRO D 172 4.77 22.02 24.44
N PHE D 173 3.79 21.26 24.91
CA PHE D 173 3.62 20.99 26.32
C PHE D 173 3.65 19.49 26.63
N LEU D 174 4.00 19.16 27.87
CA LEU D 174 4.23 17.77 28.28
C LEU D 174 2.95 17.10 28.64
N THR D 175 1.99 17.91 29.08
CA THR D 175 0.77 17.38 29.66
C THR D 175 0.04 16.53 28.64
N GLN D 176 -0.36 15.31 29.02
CA GLN D 176 -1.12 14.44 28.11
C GLN D 176 -2.50 14.22 28.67
N ILE D 177 -3.43 13.79 27.82
CA ILE D 177 -4.73 13.32 28.29
C ILE D 177 -5.07 11.94 27.69
N ASP D 178 -5.92 11.19 28.37
CA ASP D 178 -6.25 9.80 28.03
C ASP D 178 -7.72 9.72 27.75
N LEU D 179 -8.11 9.81 26.47
CA LEU D 179 -9.50 9.75 26.08
C LEU D 179 -9.81 8.47 25.31
N GLY D 180 -8.87 7.56 25.30
CA GLY D 180 -9.09 6.32 24.61
C GLY D 180 -7.78 5.61 24.38
N SER D 181 -7.90 4.36 23.94
CA SER D 181 -6.75 3.51 23.69
C SER D 181 -7.00 2.80 22.36
N TYR D 182 -6.01 2.09 21.84
CA TYR D 182 -6.27 1.22 20.67
C TYR D 182 -6.54 -0.23 21.07
N TRP D 183 -7.53 -0.81 20.42
CA TRP D 183 -8.04 -2.13 20.64
C TRP D 183 -8.11 -2.94 19.32
N ILE D 184 -8.04 -4.28 19.42
CA ILE D 184 -8.41 -5.18 18.30
C ILE D 184 -9.68 -5.89 18.68
N THR D 185 -10.66 -5.93 17.79
CA THR D 185 -11.97 -6.37 18.18
C THR D 185 -12.64 -7.30 17.16
N ARG D 186 -13.39 -8.28 17.66
CA ARG D 186 -14.12 -9.28 16.84
C ARG D 186 -15.62 -9.27 17.20
N LEU D 187 -16.49 -9.31 16.21
CA LEU D 187 -17.90 -9.52 16.52
C LEU D 187 -18.07 -10.91 17.18
N GLN D 188 -18.88 -11.02 18.22
CA GLN D 188 -19.00 -12.31 18.94
C GLN D 188 -19.72 -13.38 18.13
N SER D 189 -20.54 -12.96 17.17
CA SER D 189 -21.10 -13.89 16.18
C SER D 189 -20.09 -14.26 15.08
N ARG D 190 -18.88 -13.70 15.13
CA ARG D 190 -17.88 -13.96 14.11
C ARG D 190 -16.94 -15.04 14.60
N PRO D 191 -16.88 -16.20 13.90
CA PRO D 191 -15.96 -17.25 14.34
C PRO D 191 -14.51 -16.79 14.38
N GLU D 192 -13.80 -17.16 15.43
CA GLU D 192 -12.39 -16.91 15.48
C GLU D 192 -11.63 -18.05 14.88
N THR D 193 -10.98 -17.78 13.75
CA THR D 193 -10.21 -18.79 13.06
C THR D 193 -8.80 -18.89 13.66
N PRO D 194 -8.09 -19.99 13.32
CA PRO D 194 -6.67 -20.12 13.68
C PRO D 194 -5.84 -18.95 13.20
N ALA D 195 -6.12 -18.40 12.02
CA ALA D 195 -5.30 -17.30 11.47
C ALA D 195 -5.47 -16.06 12.32
N MET D 196 -6.72 -15.78 12.68
CA MET D 196 -7.05 -14.67 13.56
C MET D 196 -6.21 -14.78 14.87
N ARG D 197 -6.22 -15.96 15.50
CA ARG D 197 -5.46 -16.15 16.74
C ARG D 197 -3.94 -15.94 16.54
N GLU D 198 -3.40 -16.37 15.42
CA GLU D 198 -1.98 -16.22 15.19
C GLU D 198 -1.63 -14.74 15.11
N PHE D 199 -2.47 -13.98 14.42
CA PHE D 199 -2.26 -12.53 14.29
C PHE D 199 -2.44 -11.78 15.62
N SER D 200 -3.53 -12.07 16.32
CA SER D 200 -3.83 -11.42 17.61
C SER D 200 -2.63 -11.57 18.53
N ARG D 201 -2.26 -12.83 18.76
CA ARG D 201 -1.13 -13.17 19.60
C ARG D 201 0.13 -12.51 19.10
N TRP D 202 0.32 -12.50 17.77
CA TRP D 202 1.51 -11.85 17.22
C TRP D 202 1.52 -10.34 17.52
N LEU D 203 0.40 -9.65 17.26
CA LEU D 203 0.35 -8.20 17.46
C LEU D 203 0.37 -7.83 18.95
N THR D 204 -0.51 -8.41 19.77
CA THR D 204 -0.54 -7.99 21.19
C THR D 204 0.83 -8.32 21.75
N GLY D 205 1.38 -9.42 21.25
CA GLY D 205 2.78 -9.74 21.45
C GLY D 205 3.75 -8.57 21.26
N VAL D 206 3.95 -8.14 20.02
CA VAL D 206 5.02 -7.17 19.73
C VAL D 206 4.85 -5.83 20.44
N LEU D 207 3.61 -5.47 20.75
CA LEU D 207 3.34 -4.20 21.45
C LEU D 207 3.63 -4.26 22.97
N GLU E 12 23.57 -47.19 1.83
CA GLU E 12 24.03 -47.47 0.47
C GLU E 12 23.93 -46.27 -0.49
N LYS E 13 24.95 -46.09 -1.33
CA LYS E 13 25.06 -44.88 -2.14
C LYS E 13 24.40 -45.05 -3.52
N LEU E 14 23.85 -43.97 -4.03
CA LEU E 14 23.28 -43.93 -5.36
C LEU E 14 23.44 -42.50 -5.82
N LYS E 15 24.03 -42.33 -6.99
CA LYS E 15 24.41 -41.02 -7.49
C LYS E 15 23.80 -40.86 -8.87
N ILE E 16 22.92 -39.87 -9.01
CA ILE E 16 22.07 -39.72 -10.16
C ILE E 16 22.16 -38.30 -10.64
N GLY E 17 22.31 -38.15 -11.96
CA GLY E 17 22.34 -36.87 -12.60
C GLY E 17 21.14 -36.69 -13.50
N VAL E 18 20.41 -35.60 -13.27
CA VAL E 18 19.09 -35.41 -13.83
C VAL E 18 18.93 -34.14 -14.64
N VAL E 19 18.43 -34.26 -15.87
CA VAL E 19 18.19 -33.09 -16.69
C VAL E 19 17.21 -32.18 -15.93
N GLY E 20 17.57 -30.90 -15.81
CA GLY E 20 16.90 -29.95 -14.93
C GLY E 20 15.38 -29.92 -15.05
N THR E 21 14.89 -29.92 -16.29
CA THR E 21 13.45 -29.91 -16.59
C THR E 21 12.72 -31.01 -15.86
N PHE E 22 13.32 -32.20 -15.91
CA PHE E 22 12.74 -33.40 -15.33
C PHE E 22 12.85 -33.34 -13.80
N ALA E 23 13.98 -32.85 -13.28
CA ALA E 23 14.14 -32.66 -11.84
C ALA E 23 13.00 -31.86 -11.24
N ILE E 24 12.76 -30.70 -11.79
CA ILE E 24 11.73 -29.78 -11.31
C ILE E 24 10.32 -30.23 -11.60
N GLY E 25 10.09 -30.72 -12.82
CA GLY E 25 8.74 -30.93 -13.33
C GLY E 25 8.19 -32.30 -13.02
N CYS E 26 9.03 -33.21 -12.53
CA CYS E 26 8.61 -34.60 -12.32
C CYS E 26 9.26 -35.28 -11.10
N LEU E 27 10.59 -35.37 -11.05
CA LEU E 27 11.25 -36.13 -10.00
C LEU E 27 11.15 -35.50 -8.61
N PHE E 28 11.41 -34.21 -8.49
CA PHE E 28 11.56 -33.61 -7.18
C PHE E 28 10.29 -33.77 -6.32
N PRO E 29 9.10 -33.54 -6.90
CA PRO E 29 7.83 -33.75 -6.20
C PRO E 29 7.62 -35.18 -5.73
N LEU E 30 8.43 -36.14 -6.19
CA LEU E 30 8.25 -37.57 -5.83
C LEU E 30 9.32 -38.07 -4.93
N LEU E 31 10.39 -37.28 -4.73
CA LEU E 31 11.52 -37.74 -3.94
C LEU E 31 11.19 -38.08 -2.50
N SER E 32 10.22 -37.40 -1.89
CA SER E 32 9.85 -37.76 -0.54
C SER E 32 9.32 -39.23 -0.48
N ASP E 33 8.59 -39.67 -1.48
CA ASP E 33 8.14 -41.06 -1.46
C ASP E 33 9.30 -41.99 -1.54
N PHE E 34 10.33 -41.67 -2.32
CA PHE E 34 11.44 -42.61 -2.42
C PHE E 34 12.25 -42.68 -1.13
N LYS E 35 12.41 -41.54 -0.45
CA LYS E 35 13.15 -41.51 0.81
C LYS E 35 12.38 -42.34 1.84
N ARG E 36 11.07 -42.13 1.86
CA ARG E 36 10.19 -42.86 2.76
C ARG E 36 10.21 -44.38 2.47
N SER E 37 10.25 -44.76 1.20
CA SER E 37 10.13 -46.17 0.84
C SER E 37 11.46 -46.91 0.95
N TYR E 38 12.57 -46.18 0.76
CA TYR E 38 13.88 -46.82 0.80
C TYR E 38 14.86 -45.97 1.61
N PRO E 39 14.66 -45.92 2.92
CA PRO E 39 15.42 -44.97 3.74
C PRO E 39 16.90 -45.33 3.90
N HIS E 40 17.29 -46.59 3.69
CA HIS E 40 18.71 -47.00 3.70
C HIS E 40 19.52 -46.60 2.43
N ILE E 41 18.89 -45.97 1.45
CA ILE E 41 19.62 -45.52 0.26
C ILE E 41 19.88 -44.01 0.35
N ASP E 42 21.16 -43.64 0.26
CA ASP E 42 21.56 -42.24 0.19
C ASP E 42 21.69 -41.77 -1.24
N LEU E 43 20.69 -41.01 -1.66
CA LEU E 43 20.57 -40.49 -3.02
C LEU E 43 21.29 -39.13 -3.16
N HIS E 44 22.31 -39.10 -4.01
CA HIS E 44 23.02 -37.87 -4.37
C HIS E 44 22.60 -37.38 -5.74
N ILE E 45 21.86 -36.28 -5.77
CA ILE E 45 21.30 -35.72 -6.98
C ILE E 45 22.06 -34.49 -7.44
N SER E 46 22.37 -34.49 -8.74
CA SER E 46 22.85 -33.32 -9.44
C SER E 46 22.05 -33.12 -10.74
N THR E 47 22.04 -31.90 -11.25
CA THR E 47 21.34 -31.61 -12.48
C THR E 47 22.29 -31.19 -13.59
N HIS E 48 21.77 -31.25 -14.83
CA HIS E 48 22.51 -30.97 -16.01
C HIS E 48 21.58 -30.46 -17.07
N ASN E 49 22.15 -29.94 -18.15
CA ASN E 49 21.36 -29.34 -19.23
C ASN E 49 21.26 -30.27 -20.42
N ASN E 50 21.37 -31.56 -20.14
CA ASN E 50 21.22 -32.67 -21.09
C ASN E 50 22.51 -32.93 -21.86
N ARG E 51 23.51 -32.07 -21.70
CA ARG E 51 24.89 -32.41 -22.06
C ARG E 51 25.58 -32.89 -20.78
N VAL E 52 25.99 -34.16 -20.75
CA VAL E 52 26.47 -34.76 -19.53
C VAL E 52 27.40 -35.91 -19.85
N ASP E 53 28.46 -36.02 -19.07
CA ASP E 53 29.40 -37.14 -19.15
C ASP E 53 29.33 -37.97 -17.85
N PRO E 54 28.49 -39.03 -17.82
CA PRO E 54 28.28 -39.80 -16.59
C PRO E 54 29.55 -40.37 -16.03
N ALA E 55 30.46 -40.80 -16.91
CA ALA E 55 31.72 -41.39 -16.47
C ALA E 55 32.54 -40.35 -15.71
N ALA E 56 32.68 -39.17 -16.30
CA ALA E 56 33.47 -38.09 -15.68
C ALA E 56 32.86 -37.64 -14.35
N GLU E 57 31.53 -37.56 -14.28
CA GLU E 57 30.86 -37.16 -13.04
C GLU E 57 30.64 -38.33 -12.09
N GLY E 58 30.99 -39.54 -12.53
CA GLY E 58 30.92 -40.70 -11.66
C GLY E 58 29.51 -41.05 -11.29
N LEU E 59 28.58 -40.84 -12.22
CA LEU E 59 27.16 -41.14 -11.99
C LEU E 59 26.86 -42.61 -12.07
N ASP E 60 25.92 -43.08 -11.26
CA ASP E 60 25.35 -44.40 -11.44
C ASP E 60 24.31 -44.40 -12.57
N TYR E 61 23.35 -43.48 -12.47
CA TYR E 61 22.31 -43.28 -13.47
C TYR E 61 22.33 -41.88 -14.00
N THR E 62 21.82 -41.72 -15.21
CA THR E 62 21.60 -40.43 -15.81
C THR E 62 20.16 -40.38 -16.28
N ILE E 63 19.45 -39.33 -15.94
CA ILE E 63 18.13 -39.07 -16.49
C ILE E 63 18.25 -37.93 -17.46
N ARG E 64 17.85 -38.21 -18.68
CA ARG E 64 18.07 -37.32 -19.81
C ARG E 64 16.96 -37.44 -20.84
N TYR E 65 17.03 -36.53 -21.82
CA TYR E 65 16.06 -36.45 -22.90
C TYR E 65 16.72 -36.79 -24.22
N GLY E 66 16.01 -37.56 -25.02
CA GLY E 66 16.48 -37.97 -26.33
C GLY E 66 15.78 -39.21 -26.90
N GLY E 67 16.51 -39.96 -27.73
CA GLY E 67 15.96 -41.04 -28.52
C GLY E 67 16.31 -42.47 -28.09
N GLY E 68 17.03 -42.62 -26.99
CA GLY E 68 17.30 -43.93 -26.40
C GLY E 68 18.62 -44.60 -26.80
N ALA E 69 19.40 -43.94 -27.66
CA ALA E 69 20.57 -44.53 -28.30
C ALA E 69 21.83 -43.72 -28.03
N TRP E 70 22.47 -43.96 -26.89
CA TRP E 70 23.74 -43.31 -26.56
C TRP E 70 24.82 -44.37 -26.56
N HIS E 71 26.02 -43.96 -26.94
CA HIS E 71 27.14 -44.88 -27.09
C HIS E 71 27.45 -45.67 -25.81
N ASP E 72 27.54 -46.99 -25.98
CA ASP E 72 27.95 -47.91 -24.90
C ASP E 72 27.08 -47.76 -23.63
N THR E 73 25.79 -47.52 -23.87
CA THR E 73 24.87 -47.13 -22.81
C THR E 73 23.62 -47.96 -22.87
N ASP E 74 23.20 -48.45 -21.71
CA ASP E 74 21.93 -49.11 -21.57
C ASP E 74 20.88 -48.06 -21.10
N ALA E 75 19.85 -47.88 -21.92
CA ALA E 75 18.82 -46.87 -21.69
C ALA E 75 17.41 -47.48 -21.47
N GLN E 76 16.81 -47.21 -20.33
CA GLN E 76 15.42 -47.58 -20.08
C GLN E 76 14.50 -46.35 -20.19
N TYR E 77 13.37 -46.54 -20.88
CA TYR E 77 12.27 -45.58 -20.98
C TYR E 77 11.68 -45.19 -19.65
N LEU E 78 11.39 -43.89 -19.51
CA LEU E 78 10.70 -43.37 -18.34
C LEU E 78 9.33 -42.88 -18.75
N CYS E 79 9.26 -41.91 -19.66
CA CYS E 79 7.98 -41.32 -20.03
C CYS E 79 8.08 -40.46 -21.28
N SER E 80 6.92 -40.08 -21.81
CA SER E 80 6.84 -39.23 -22.98
C SER E 80 7.13 -37.76 -22.62
N ALA E 81 7.31 -36.93 -23.66
CA ALA E 81 7.82 -35.56 -23.50
C ALA E 81 7.31 -34.76 -24.66
N LEU E 82 6.02 -34.97 -24.94
CA LEU E 82 5.38 -34.34 -26.07
C LEU E 82 5.39 -32.82 -25.84
N MET E 83 5.72 -32.10 -26.90
CA MET E 83 6.05 -30.69 -26.86
C MET E 83 5.01 -29.81 -27.49
N SER E 84 4.68 -28.71 -26.81
CA SER E 84 3.70 -27.77 -27.33
C SER E 84 4.10 -26.34 -26.99
N PRO E 85 3.60 -25.35 -27.76
CA PRO E 85 3.87 -23.96 -27.42
C PRO E 85 3.34 -23.59 -26.06
N LEU E 86 4.15 -22.84 -25.31
CA LEU E 86 3.81 -22.33 -23.98
C LEU E 86 4.19 -20.85 -23.98
N CYS E 87 3.28 -20.03 -23.50
CA CYS E 87 3.53 -18.60 -23.48
C CYS E 87 2.86 -17.97 -22.29
N SER E 88 3.10 -16.68 -22.07
CA SER E 88 2.54 -16.00 -20.92
C SER E 88 1.09 -15.63 -21.21
N PRO E 89 0.32 -15.33 -20.15
CA PRO E 89 -1.07 -14.91 -20.36
C PRO E 89 -1.16 -13.71 -21.29
N THR E 90 -0.26 -12.75 -21.08
CA THR E 90 -0.24 -11.57 -21.90
C THR E 90 -0.05 -11.89 -23.38
N LEU E 91 0.88 -12.78 -23.72
CA LEU E 91 1.02 -13.20 -25.11
C LEU E 91 -0.21 -14.01 -25.59
N ALA E 92 -0.75 -14.86 -24.72
CA ALA E 92 -1.91 -15.69 -25.07
C ALA E 92 -3.10 -14.85 -25.56
N SER E 93 -3.42 -13.80 -24.80
CA SER E 93 -4.48 -12.88 -25.16
C SER E 93 -4.40 -12.41 -26.62
N GLN E 94 -3.22 -12.42 -27.22
CA GLN E 94 -3.06 -11.96 -28.60
C GLN E 94 -2.92 -13.11 -29.59
N ILE E 95 -3.20 -14.34 -29.15
CA ILE E 95 -3.05 -15.52 -30.00
C ILE E 95 -4.39 -16.26 -30.18
N GLN E 96 -4.93 -16.21 -31.41
CA GLN E 96 -6.15 -16.91 -31.80
C GLN E 96 -5.87 -18.17 -32.65
N THR E 97 -5.03 -18.05 -33.68
CA THR E 97 -4.56 -19.22 -34.40
C THR E 97 -3.04 -19.37 -34.30
N PRO E 98 -2.53 -20.58 -34.60
CA PRO E 98 -1.09 -20.82 -34.57
C PRO E 98 -0.28 -19.74 -35.28
N ALA E 99 -0.82 -19.17 -36.36
CA ALA E 99 -0.09 -18.13 -37.06
C ALA E 99 0.19 -16.89 -36.18
N ASP E 100 -0.61 -16.67 -35.13
CA ASP E 100 -0.44 -15.51 -34.23
C ASP E 100 0.82 -15.61 -33.37
N ILE E 101 1.30 -16.83 -33.19
CA ILE E 101 2.48 -17.10 -32.39
C ILE E 101 3.65 -16.34 -32.99
N LEU E 102 3.64 -16.22 -34.32
CA LEU E 102 4.72 -15.55 -35.06
C LEU E 102 4.67 -14.01 -35.00
N LYS E 103 3.75 -13.48 -34.20
CA LYS E 103 3.75 -12.08 -33.83
C LYS E 103 4.95 -11.84 -32.91
N PHE E 104 5.47 -12.91 -32.35
CA PHE E 104 6.38 -12.84 -31.23
C PHE E 104 7.65 -13.57 -31.60
N PRO E 105 8.71 -13.38 -30.80
CA PRO E 105 9.92 -14.20 -30.88
C PRO E 105 9.65 -15.64 -30.47
N LEU E 106 10.37 -16.58 -31.06
CA LEU E 106 10.24 -18.00 -30.72
C LEU E 106 11.44 -18.42 -29.88
N LEU E 107 11.18 -19.19 -28.82
CA LEU E 107 12.24 -19.72 -28.00
C LEU E 107 12.41 -21.21 -28.33
N ARG E 108 13.64 -21.62 -28.55
CA ARG E 108 13.94 -23.01 -28.87
C ARG E 108 15.09 -23.52 -28.05
N SER E 109 15.36 -24.81 -28.19
CA SER E 109 16.52 -25.43 -27.56
C SER E 109 17.64 -25.54 -28.59
N TYR E 110 18.72 -26.21 -28.22
CA TYR E 110 19.80 -26.46 -29.17
C TYR E 110 19.43 -27.61 -30.15
N ARG E 111 18.36 -28.35 -29.86
CA ARG E 111 18.01 -29.49 -30.70
C ARG E 111 17.28 -29.04 -31.99
N ARG E 112 17.26 -29.91 -33.00
CA ARG E 112 16.82 -29.50 -34.32
C ARG E 112 15.31 -29.46 -34.43
N ASP E 113 14.82 -28.53 -35.26
CA ASP E 113 13.52 -28.66 -35.97
C ASP E 113 12.24 -28.52 -35.19
N GLU E 114 12.29 -27.98 -33.98
CA GLU E 114 11.15 -27.98 -33.07
C GLU E 114 10.02 -27.11 -33.58
N TRP E 115 10.35 -25.92 -34.06
CA TRP E 115 9.31 -24.99 -34.47
C TRP E 115 8.81 -25.30 -35.90
N ALA E 116 9.70 -25.78 -36.77
CA ALA E 116 9.32 -26.19 -38.13
C ALA E 116 8.38 -27.41 -38.07
N LEU E 117 8.77 -28.45 -37.35
CA LEU E 117 7.89 -29.59 -37.13
C LEU E 117 6.56 -29.19 -36.47
N TRP E 118 6.55 -28.35 -35.44
CA TRP E 118 5.27 -28.02 -34.81
C TRP E 118 4.41 -27.24 -35.77
N MET E 119 4.99 -26.28 -36.46
CA MET E 119 4.19 -25.48 -37.37
C MET E 119 3.55 -26.33 -38.51
N GLN E 120 4.31 -27.28 -39.03
CA GLN E 120 3.84 -28.18 -40.04
C GLN E 120 2.68 -29.00 -39.53
N THR E 121 2.76 -29.38 -38.26
CA THR E 121 1.77 -30.24 -37.64
C THR E 121 0.43 -29.55 -37.42
N VAL E 122 0.38 -28.22 -37.32
CA VAL E 122 -0.90 -27.54 -37.16
C VAL E 122 -1.34 -26.90 -38.47
N GLY E 123 -0.58 -27.16 -39.53
CA GLY E 123 -0.96 -26.69 -40.83
C GLY E 123 -0.37 -25.39 -41.32
N GLU E 124 0.60 -24.83 -40.58
CA GLU E 124 1.27 -23.60 -41.01
C GLU E 124 2.60 -23.80 -41.72
N ALA E 125 3.03 -22.77 -42.46
CA ALA E 125 4.36 -22.77 -43.06
C ALA E 125 5.44 -22.60 -41.99
N PRO E 126 6.64 -23.08 -42.28
CA PRO E 126 7.64 -22.99 -41.20
C PRO E 126 7.92 -21.52 -40.88
N PRO E 127 8.59 -21.23 -39.76
CA PRO E 127 8.92 -19.81 -39.58
C PRO E 127 9.90 -19.32 -40.65
N SER E 128 9.95 -18.02 -40.90
CA SER E 128 10.95 -17.46 -41.81
C SER E 128 12.35 -17.68 -41.26
N PRO E 129 13.33 -17.83 -42.18
CA PRO E 129 14.73 -18.05 -41.76
C PRO E 129 15.25 -16.96 -40.83
N THR E 130 14.79 -15.72 -41.03
CA THR E 130 15.26 -14.61 -40.20
C THR E 130 14.31 -14.21 -39.06
N HIS E 131 13.45 -15.11 -38.63
CA HIS E 131 12.57 -14.81 -37.51
C HIS E 131 13.41 -14.69 -36.21
N ASN E 132 13.05 -13.72 -35.35
CA ASN E 132 13.69 -13.56 -34.03
C ASN E 132 13.56 -14.81 -33.14
N VAL E 133 14.66 -15.51 -32.90
CA VAL E 133 14.59 -16.66 -32.02
C VAL E 133 15.74 -16.61 -31.06
N MET E 134 15.50 -17.09 -29.83
CA MET E 134 16.53 -17.32 -28.81
C MET E 134 16.69 -18.81 -28.44
N VAL E 135 17.92 -19.20 -28.20
CA VAL E 135 18.26 -20.60 -28.00
C VAL E 135 18.61 -20.91 -26.52
N PHE E 136 17.96 -21.92 -25.95
CA PHE E 136 18.13 -22.24 -24.54
C PHE E 136 18.73 -23.63 -24.33
N ASP E 137 19.56 -23.73 -23.30
CA ASP E 137 20.23 -24.95 -22.97
C ASP E 137 19.36 -25.76 -22.01
N SER E 138 18.29 -25.12 -21.53
CA SER E 138 17.44 -25.71 -20.49
C SER E 138 16.00 -25.21 -20.67
N SER E 139 15.05 -26.12 -20.71
CA SER E 139 13.64 -25.74 -20.83
C SER E 139 13.19 -24.97 -19.58
N VAL E 140 13.86 -25.20 -18.45
CA VAL E 140 13.53 -24.42 -17.24
C VAL E 140 13.82 -22.95 -17.51
N THR E 141 14.98 -22.68 -18.11
CA THR E 141 15.37 -21.30 -18.39
C THR E 141 14.47 -20.73 -19.46
N MET E 142 14.18 -21.52 -20.51
CA MET E 142 13.29 -21.07 -21.57
C MET E 142 11.95 -20.66 -21.01
N LEU E 143 11.44 -21.35 -20.00
CA LEU E 143 10.09 -21.05 -19.51
C LEU E 143 10.09 -19.84 -18.56
N GLU E 144 11.17 -19.60 -17.85
CA GLU E 144 11.32 -18.32 -17.14
C GLU E 144 11.33 -17.15 -18.14
N ALA E 145 12.04 -17.33 -19.26
CA ALA E 145 12.01 -16.33 -20.31
C ALA E 145 10.59 -16.16 -20.89
N ALA E 146 9.92 -17.27 -21.17
CA ALA E 146 8.54 -17.16 -21.70
C ALA E 146 7.59 -16.46 -20.70
N GLN E 147 7.74 -16.72 -19.39
CA GLN E 147 6.95 -16.02 -18.37
C GLN E 147 7.19 -14.53 -18.38
N ALA E 148 8.44 -14.14 -18.63
CA ALA E 148 8.79 -12.71 -18.67
C ALA E 148 8.40 -12.05 -20.00
N GLY E 149 7.73 -12.81 -20.87
CA GLY E 149 7.25 -12.30 -22.13
C GLY E 149 8.28 -12.18 -23.23
N MET E 150 9.37 -12.91 -23.14
CA MET E 150 10.44 -12.76 -24.13
C MET E 150 10.09 -13.41 -25.46
N GLY E 151 9.09 -14.28 -25.47
CA GLY E 151 8.68 -14.98 -26.69
C GLY E 151 7.84 -16.21 -26.36
N VAL E 152 7.51 -17.00 -27.38
CA VAL E 152 6.75 -18.22 -27.17
C VAL E 152 7.71 -19.42 -27.09
N ALA E 153 7.64 -20.16 -25.99
CA ALA E 153 8.44 -21.35 -25.78
C ALA E 153 7.81 -22.57 -26.43
N ILE E 154 8.62 -23.59 -26.64
CA ILE E 154 8.08 -24.91 -26.96
C ILE E 154 8.83 -25.93 -26.15
N ALA E 155 8.09 -26.77 -25.45
CA ALA E 155 8.67 -27.62 -24.42
C ALA E 155 7.73 -28.75 -24.03
N PRO E 156 8.22 -29.76 -23.29
CA PRO E 156 7.36 -30.88 -22.85
C PRO E 156 6.32 -30.39 -21.83
N VAL E 157 5.06 -30.43 -22.24
CA VAL E 157 3.94 -29.82 -21.53
C VAL E 157 3.77 -30.42 -20.13
N ARG E 158 3.96 -31.74 -20.04
CA ARG E 158 3.75 -32.42 -18.75
C ARG E 158 4.86 -32.12 -17.73
N MET E 159 5.95 -31.47 -18.13
CA MET E 159 6.98 -31.06 -17.16
C MET E 159 6.72 -29.65 -16.55
N PHE E 160 5.71 -28.94 -17.03
CA PHE E 160 5.41 -27.60 -16.53
C PHE E 160 4.00 -27.43 -15.95
N THR E 161 3.52 -28.50 -15.31
CA THR E 161 2.17 -28.50 -14.74
C THR E 161 2.08 -27.45 -13.63
N HIS E 162 3.18 -27.30 -12.88
CA HIS E 162 3.23 -26.33 -11.80
C HIS E 162 3.04 -24.91 -12.35
N LEU E 163 3.44 -24.67 -13.60
CA LEU E 163 3.29 -23.33 -14.14
C LEU E 163 1.90 -23.15 -14.78
N LEU E 164 1.33 -24.23 -15.32
CA LEU E 164 0.05 -24.12 -16.03
C LEU E 164 -1.08 -23.97 -15.03
N SER E 165 -1.00 -24.69 -13.91
CA SER E 165 -2.08 -24.67 -12.95
C SER E 165 -2.11 -23.33 -12.24
N SER E 166 -0.93 -22.82 -11.93
CA SER E 166 -0.76 -21.53 -11.28
C SER E 166 -1.03 -20.36 -12.23
N GLU E 167 -1.37 -20.67 -13.47
CA GLU E 167 -1.77 -19.65 -14.42
C GLU E 167 -0.63 -18.70 -14.80
N ARG E 168 0.61 -19.08 -14.55
CA ARG E 168 1.78 -18.31 -15.01
C ARG E 168 2.17 -18.60 -16.48
N ILE E 169 1.79 -19.77 -16.98
CA ILE E 169 1.99 -20.05 -18.37
C ILE E 169 0.69 -20.67 -18.94
N VAL E 170 0.42 -20.37 -20.20
CA VAL E 170 -0.75 -20.88 -20.90
C VAL E 170 -0.27 -21.76 -22.04
N GLN E 171 -1.01 -22.84 -22.29
CA GLN E 171 -0.83 -23.67 -23.48
C GLN E 171 -1.93 -23.37 -24.48
N PRO E 172 -1.64 -22.55 -25.50
CA PRO E 172 -2.79 -22.13 -26.30
C PRO E 172 -3.31 -23.19 -27.27
N PHE E 173 -2.56 -24.25 -27.54
CA PHE E 173 -2.96 -25.26 -28.51
C PHE E 173 -2.60 -26.68 -28.06
N LEU E 174 -3.57 -27.59 -28.06
CA LEU E 174 -3.33 -28.93 -27.58
C LEU E 174 -2.40 -29.71 -28.53
N THR E 175 -2.30 -29.29 -29.79
CA THR E 175 -1.42 -29.99 -30.72
C THR E 175 -0.01 -30.08 -30.09
N GLN E 176 0.55 -31.28 -30.14
CA GLN E 176 1.77 -31.62 -29.43
C GLN E 176 2.59 -32.62 -30.25
N ILE E 177 3.93 -32.49 -30.24
CA ILE E 177 4.79 -33.34 -31.08
C ILE E 177 5.84 -34.13 -30.32
N ASP E 178 6.31 -35.23 -30.92
CA ASP E 178 7.31 -36.12 -30.27
C ASP E 178 8.67 -35.93 -30.92
N LEU E 179 9.61 -35.32 -30.20
CA LEU E 179 10.99 -35.21 -30.69
C LEU E 179 11.98 -35.83 -29.72
N GLY E 180 11.47 -36.72 -28.87
CA GLY E 180 12.28 -37.41 -27.88
C GLY E 180 11.45 -37.67 -26.66
N SER E 181 12.03 -38.43 -25.76
CA SER E 181 11.40 -38.83 -24.53
C SER E 181 12.45 -38.76 -23.43
N TYR E 182 12.03 -39.02 -22.21
CA TYR E 182 12.95 -39.18 -21.06
C TYR E 182 13.33 -40.65 -20.80
N TRP E 183 14.59 -40.84 -20.42
CA TRP E 183 15.24 -42.12 -20.25
C TRP E 183 16.05 -42.06 -18.99
N ILE E 184 16.20 -43.20 -18.32
CA ILE E 184 17.18 -43.34 -17.26
C ILE E 184 18.24 -44.27 -17.85
N THR E 185 19.51 -43.86 -17.78
CA THR E 185 20.53 -44.53 -18.58
C THR E 185 21.75 -44.87 -17.75
N ARG E 186 22.39 -45.98 -18.11
CA ARG E 186 23.54 -46.54 -17.40
C ARG E 186 24.61 -46.90 -18.43
N LEU E 187 25.85 -46.45 -18.22
CA LEU E 187 26.97 -46.96 -19.00
C LEU E 187 27.07 -48.50 -18.83
N GLN E 188 27.15 -49.21 -19.94
CA GLN E 188 27.33 -50.66 -19.91
C GLN E 188 28.46 -51.12 -18.97
N SER E 189 29.51 -50.31 -18.89
CA SER E 189 30.66 -50.59 -18.04
C SER E 189 30.40 -50.29 -16.54
N ARG E 190 29.32 -49.60 -16.22
CA ARG E 190 28.97 -49.26 -14.83
C ARG E 190 28.12 -50.35 -14.18
N PRO E 191 28.64 -51.00 -13.13
CA PRO E 191 27.84 -52.10 -12.59
C PRO E 191 26.53 -51.65 -11.97
N GLU E 192 25.52 -52.51 -12.05
CA GLU E 192 24.22 -52.23 -11.49
C GLU E 192 24.13 -52.76 -10.05
N THR E 193 23.88 -51.85 -9.11
CA THR E 193 23.78 -52.20 -7.70
C THR E 193 22.33 -52.46 -7.27
N PRO E 194 22.14 -53.05 -6.08
CA PRO E 194 20.76 -53.20 -5.56
C PRO E 194 20.04 -51.87 -5.33
N ALA E 195 20.77 -50.81 -4.97
CA ALA E 195 20.15 -49.48 -4.78
C ALA E 195 19.63 -48.92 -6.10
N MET E 196 20.44 -49.07 -7.15
CA MET E 196 20.04 -48.71 -8.51
C MET E 196 18.79 -49.46 -8.96
N ARG E 197 18.74 -50.76 -8.70
CA ARG E 197 17.58 -51.55 -9.14
C ARG E 197 16.33 -51.01 -8.47
N GLU E 198 16.40 -50.79 -7.16
CA GLU E 198 15.26 -50.28 -6.41
C GLU E 198 14.80 -48.94 -6.94
N PHE E 199 15.74 -48.03 -7.27
CA PHE E 199 15.34 -46.68 -7.68
C PHE E 199 14.61 -46.72 -9.03
N SER E 200 15.18 -47.42 -10.01
CA SER E 200 14.49 -47.57 -11.32
C SER E 200 13.12 -48.20 -11.16
N ARG E 201 13.06 -49.29 -10.42
CA ARG E 201 11.78 -49.96 -10.19
C ARG E 201 10.81 -48.98 -9.56
N TRP E 202 11.24 -48.30 -8.50
CA TRP E 202 10.40 -47.27 -7.89
C TRP E 202 9.97 -46.19 -8.89
N LEU E 203 10.90 -45.70 -9.73
CA LEU E 203 10.56 -44.55 -10.58
C LEU E 203 9.68 -44.96 -11.73
N THR E 204 10.04 -46.03 -12.45
CA THR E 204 9.22 -46.45 -13.60
C THR E 204 7.85 -46.83 -13.05
N GLY E 205 7.85 -47.38 -11.85
CA GLY E 205 6.63 -47.72 -11.15
C GLY E 205 5.69 -46.55 -10.92
N VAL E 206 6.18 -45.43 -10.38
CA VAL E 206 5.28 -44.30 -10.09
C VAL E 206 4.94 -43.44 -11.31
N LEU E 207 5.57 -43.69 -12.44
CA LEU E 207 5.33 -42.87 -13.61
C LEU E 207 4.18 -43.47 -14.43
N GLU F 12 24.43 -6.36 -39.32
CA GLU F 12 25.61 -6.68 -38.52
C GLU F 12 25.33 -7.77 -37.47
N LYS F 13 25.98 -8.92 -37.65
CA LYS F 13 25.78 -10.10 -36.82
C LYS F 13 26.53 -10.04 -35.49
N LEU F 14 25.82 -10.34 -34.39
CA LEU F 14 26.48 -10.54 -33.12
C LEU F 14 25.91 -11.79 -32.45
N LYS F 15 26.76 -12.80 -32.25
CA LYS F 15 26.37 -14.00 -31.53
C LYS F 15 26.92 -14.00 -30.10
N ILE F 16 25.98 -14.10 -29.11
CA ILE F 16 26.30 -14.04 -27.67
C ILE F 16 25.81 -15.27 -26.91
N GLY F 17 26.72 -15.93 -26.20
CA GLY F 17 26.33 -17.03 -25.32
C GLY F 17 26.29 -16.56 -23.87
N VAL F 18 25.11 -16.60 -23.21
CA VAL F 18 24.93 -16.04 -21.87
C VAL F 18 24.54 -17.04 -20.78
N VAL F 19 25.24 -17.05 -19.64
CA VAL F 19 24.85 -17.98 -18.60
C VAL F 19 23.36 -17.67 -18.20
N GLY F 20 22.52 -18.71 -18.09
CA GLY F 20 21.08 -18.55 -17.88
C GLY F 20 20.65 -17.61 -16.74
N THR F 21 21.28 -17.71 -15.58
CA THR F 21 20.98 -16.78 -14.46
C THR F 21 21.01 -15.29 -14.85
N PHE F 22 22.08 -14.92 -15.57
CA PHE F 22 22.25 -13.56 -16.06
C PHE F 22 21.27 -13.24 -17.17
N ALA F 23 21.01 -14.19 -18.05
CA ALA F 23 20.01 -13.94 -19.08
C ALA F 23 18.68 -13.54 -18.42
N ILE F 24 18.22 -14.32 -17.45
CA ILE F 24 16.91 -14.09 -16.84
C ILE F 24 16.91 -12.89 -15.90
N GLY F 25 17.94 -12.78 -15.08
CA GLY F 25 17.95 -11.83 -13.99
C GLY F 25 18.41 -10.43 -14.36
N CYS F 26 19.04 -10.29 -15.52
CA CYS F 26 19.71 -9.03 -15.86
C CYS F 26 19.56 -8.60 -17.31
N LEU F 27 20.02 -9.42 -18.25
CA LEU F 27 20.07 -9.06 -19.66
C LEU F 27 18.72 -8.96 -20.38
N PHE F 28 17.89 -9.98 -20.24
CA PHE F 28 16.64 -10.02 -21.00
C PHE F 28 15.77 -8.80 -20.77
N PRO F 29 15.71 -8.35 -19.51
CA PRO F 29 14.92 -7.13 -19.25
C PRO F 29 15.51 -5.88 -19.90
N LEU F 30 16.77 -5.92 -20.32
CA LEU F 30 17.42 -4.76 -20.93
C LEU F 30 17.41 -4.81 -22.45
N LEU F 31 17.10 -5.98 -23.00
CA LEU F 31 17.32 -6.22 -24.40
C LEU F 31 16.58 -5.27 -25.34
N SER F 32 15.38 -4.83 -24.95
CA SER F 32 14.61 -3.94 -25.84
C SER F 32 15.25 -2.55 -25.98
N ASP F 33 15.85 -2.07 -24.90
CA ASP F 33 16.63 -0.83 -24.96
C ASP F 33 17.76 -0.94 -26.00
N PHE F 34 18.41 -2.11 -26.09
CA PHE F 34 19.52 -2.26 -27.01
C PHE F 34 19.04 -2.27 -28.45
N LYS F 35 17.92 -2.94 -28.70
CA LYS F 35 17.31 -2.90 -30.03
C LYS F 35 16.86 -1.47 -30.39
N ARG F 36 16.24 -0.79 -29.43
CA ARG F 36 15.80 0.59 -29.59
C ARG F 36 16.97 1.47 -29.95
N SER F 37 18.13 1.17 -29.41
CA SER F 37 19.28 2.07 -29.52
C SER F 37 20.18 1.69 -30.69
N TYR F 38 20.25 0.40 -31.03
CA TYR F 38 21.14 -0.09 -32.09
C TYR F 38 20.42 -1.03 -33.07
N PRO F 39 19.46 -0.50 -33.86
CA PRO F 39 18.58 -1.34 -34.67
C PRO F 39 19.29 -2.07 -35.80
N HIS F 40 20.57 -1.76 -35.99
CA HIS F 40 21.35 -2.34 -37.08
C HIS F 40 22.10 -3.60 -36.65
N ILE F 41 21.97 -3.97 -35.38
CA ILE F 41 22.63 -5.17 -34.88
C ILE F 41 21.63 -6.34 -34.71
N ASP F 42 21.99 -7.44 -35.37
CA ASP F 42 21.32 -8.72 -35.29
C ASP F 42 21.86 -9.57 -34.15
N LEU F 43 21.29 -9.42 -32.97
CA LEU F 43 21.70 -10.19 -31.79
C LEU F 43 21.16 -11.62 -31.78
N HIS F 44 22.06 -12.59 -31.87
CA HIS F 44 21.70 -13.97 -31.68
C HIS F 44 22.13 -14.48 -30.29
N ILE F 45 21.15 -14.61 -29.40
CA ILE F 45 21.38 -15.07 -28.02
C ILE F 45 21.14 -16.55 -27.83
N SER F 46 22.08 -17.18 -27.14
CA SER F 46 21.88 -18.52 -26.65
C SER F 46 22.29 -18.55 -25.17
N THR F 47 21.71 -19.44 -24.37
CA THR F 47 22.09 -19.58 -22.97
C THR F 47 22.97 -20.82 -22.70
N HIS F 48 23.65 -20.79 -21.55
CA HIS F 48 24.46 -21.90 -21.12
C HIS F 48 24.44 -21.97 -19.61
N ASN F 49 24.99 -23.03 -19.06
CA ASN F 49 25.03 -23.21 -17.62
C ASN F 49 26.45 -22.98 -17.08
N ASN F 50 27.16 -22.02 -17.68
CA ASN F 50 28.52 -21.62 -17.28
C ASN F 50 29.62 -22.63 -17.62
N ARG F 51 29.25 -23.74 -18.25
CA ARG F 51 30.21 -24.63 -18.89
C ARG F 51 30.00 -24.41 -20.35
N VAL F 52 30.93 -23.70 -20.97
CA VAL F 52 30.74 -23.26 -22.34
C VAL F 52 32.07 -23.27 -23.11
N ASP F 53 32.01 -23.68 -24.37
CA ASP F 53 33.12 -23.66 -25.33
C ASP F 53 32.85 -22.64 -26.45
N PRO F 54 33.29 -21.39 -26.26
CA PRO F 54 32.98 -20.33 -27.23
C PRO F 54 33.42 -20.65 -28.65
N ALA F 55 34.58 -21.26 -28.84
CA ALA F 55 35.08 -21.54 -30.19
C ALA F 55 34.13 -22.52 -30.87
N ALA F 56 33.80 -23.62 -30.19
CA ALA F 56 32.90 -24.62 -30.75
C ALA F 56 31.51 -24.07 -31.05
N GLU F 57 31.01 -23.15 -30.24
CA GLU F 57 29.65 -22.64 -30.43
C GLU F 57 29.66 -21.45 -31.36
N GLY F 58 30.83 -20.98 -31.75
CA GLY F 58 30.91 -19.89 -32.71
C GLY F 58 30.62 -18.52 -32.13
N LEU F 59 30.87 -18.35 -30.83
CA LEU F 59 30.44 -17.14 -30.16
C LEU F 59 31.41 -15.94 -30.31
N ASP F 60 30.83 -14.75 -30.46
CA ASP F 60 31.59 -13.51 -30.42
C ASP F 60 31.93 -13.18 -28.95
N TYR F 61 30.90 -13.10 -28.14
CA TYR F 61 31.02 -12.95 -26.68
C TYR F 61 30.38 -14.08 -25.91
N THR F 62 30.99 -14.36 -24.78
CA THR F 62 30.43 -15.18 -23.74
C THR F 62 30.19 -14.33 -22.49
N ILE F 63 28.96 -14.35 -21.95
CA ILE F 63 28.71 -13.77 -20.63
C ILE F 63 28.66 -14.91 -19.62
N ARG F 64 29.45 -14.78 -18.56
CA ARG F 64 29.70 -15.91 -17.67
C ARG F 64 30.07 -15.50 -16.26
N TYR F 65 30.10 -16.48 -15.38
CA TYR F 65 30.40 -16.28 -13.97
C TYR F 65 31.70 -16.92 -13.64
N GLY F 66 32.49 -16.20 -12.81
CA GLY F 66 33.80 -16.66 -12.39
C GLY F 66 34.72 -15.54 -11.88
N GLY F 67 36.04 -15.80 -11.92
CA GLY F 67 37.04 -14.86 -11.44
C GLY F 67 37.60 -13.86 -12.43
N GLY F 68 37.46 -14.10 -13.72
CA GLY F 68 38.02 -13.20 -14.73
C GLY F 68 39.24 -13.73 -15.49
N ALA F 69 39.70 -14.93 -15.15
CA ALA F 69 40.91 -15.49 -15.72
C ALA F 69 40.67 -16.82 -16.42
N TRP F 70 40.34 -16.75 -17.70
CA TRP F 70 40.14 -17.91 -18.52
C TRP F 70 41.25 -17.98 -19.53
N HIS F 71 41.67 -19.18 -19.89
CA HIS F 71 42.79 -19.33 -20.78
C HIS F 71 42.54 -18.72 -22.15
N ASP F 72 43.50 -17.90 -22.59
CA ASP F 72 43.50 -17.29 -23.92
C ASP F 72 42.29 -16.41 -24.10
N THR F 73 41.87 -15.80 -23.00
CA THR F 73 40.63 -15.05 -23.01
C THR F 73 40.82 -13.68 -22.43
N ASP F 74 40.18 -12.71 -23.09
CA ASP F 74 40.02 -11.35 -22.63
C ASP F 74 38.66 -11.21 -21.91
N ALA F 75 38.68 -10.89 -20.61
CA ALA F 75 37.48 -10.74 -19.82
C ALA F 75 37.21 -9.28 -19.41
N GLN F 76 36.06 -8.70 -19.75
CA GLN F 76 35.65 -7.42 -19.18
C GLN F 76 34.67 -7.67 -18.05
N TYR F 77 34.83 -6.93 -16.97
CA TYR F 77 33.99 -7.09 -15.80
C TYR F 77 32.62 -6.49 -16.07
N LEU F 78 31.55 -7.12 -15.59
CA LEU F 78 30.21 -6.59 -15.81
C LEU F 78 29.61 -6.07 -14.53
N CYS F 79 29.44 -6.95 -13.58
CA CYS F 79 28.82 -6.58 -12.32
C CYS F 79 29.12 -7.64 -11.30
N SER F 80 28.79 -7.31 -10.05
CA SER F 80 29.02 -8.21 -8.95
C SER F 80 27.93 -9.25 -8.91
N ALA F 81 28.10 -10.27 -8.09
CA ALA F 81 27.14 -11.38 -7.99
C ALA F 81 27.18 -11.95 -6.61
N LEU F 82 26.97 -11.05 -5.65
CA LEU F 82 27.05 -11.39 -4.24
C LEU F 82 25.97 -12.42 -3.87
N MET F 83 26.37 -13.42 -3.09
CA MET F 83 25.64 -14.66 -2.78
C MET F 83 25.07 -14.66 -1.39
N SER F 84 23.79 -15.00 -1.26
CA SER F 84 23.14 -15.06 0.06
C SER F 84 22.10 -16.20 0.07
N PRO F 85 21.78 -16.80 1.25
CA PRO F 85 20.74 -17.83 1.16
C PRO F 85 19.38 -17.31 0.70
N LEU F 86 18.67 -18.17 -0.01
CA LEU F 86 17.35 -17.89 -0.57
C LEU F 86 16.53 -19.17 -0.41
N CYS F 87 15.33 -19.03 0.12
CA CYS F 87 14.49 -20.18 0.42
C CYS F 87 13.03 -19.74 0.31
N SER F 88 12.10 -20.70 0.29
CA SER F 88 10.67 -20.39 0.15
C SER F 88 10.14 -19.67 1.38
N PRO F 89 8.97 -19.00 1.27
CA PRO F 89 8.40 -18.39 2.48
C PRO F 89 8.16 -19.40 3.59
N THR F 90 7.80 -20.62 3.22
CA THR F 90 7.52 -21.65 4.21
C THR F 90 8.80 -22.02 4.99
N LEU F 91 9.92 -22.21 4.30
CA LEU F 91 11.15 -22.55 5.01
C LEU F 91 11.63 -21.35 5.82
N ALA F 92 11.45 -20.16 5.29
CA ALA F 92 11.92 -18.93 5.94
C ALA F 92 11.23 -18.70 7.29
N SER F 93 9.99 -19.16 7.42
CA SER F 93 9.22 -18.96 8.63
C SER F 93 9.78 -19.79 9.77
N GLN F 94 10.65 -20.74 9.45
CA GLN F 94 11.31 -21.59 10.46
C GLN F 94 12.80 -21.26 10.59
N ILE F 95 13.21 -20.13 10.06
CA ILE F 95 14.61 -19.75 10.08
C ILE F 95 14.75 -18.37 10.69
N GLN F 96 15.23 -18.35 11.94
CA GLN F 96 15.45 -17.13 12.69
C GLN F 96 16.93 -16.85 12.82
N THR F 97 17.74 -17.89 13.00
CA THR F 97 19.18 -17.71 13.01
C THR F 97 19.85 -18.51 11.90
N PRO F 98 21.11 -18.17 11.55
CA PRO F 98 21.70 -18.94 10.45
C PRO F 98 21.77 -20.43 10.73
N ALA F 99 21.99 -20.82 11.99
CA ALA F 99 22.05 -22.24 12.32
C ALA F 99 20.75 -22.95 11.98
N ASP F 100 19.63 -22.23 11.98
CA ASP F 100 18.35 -22.84 11.60
C ASP F 100 18.31 -23.31 10.15
N ILE F 101 19.18 -22.79 9.29
CA ILE F 101 19.22 -23.22 7.88
C ILE F 101 19.51 -24.73 7.79
N LEU F 102 20.21 -25.26 8.79
CA LEU F 102 20.65 -26.64 8.71
C LEU F 102 19.54 -27.61 9.06
N LYS F 103 18.37 -27.10 9.41
CA LYS F 103 17.17 -27.90 9.50
C LYS F 103 16.67 -28.46 8.18
N PHE F 104 17.22 -27.97 7.05
CA PHE F 104 16.73 -28.32 5.71
C PHE F 104 17.88 -28.74 4.78
N PRO F 105 17.55 -29.41 3.68
CA PRO F 105 18.65 -29.68 2.75
C PRO F 105 19.31 -28.40 2.21
N LEU F 106 20.56 -28.50 1.80
CA LEU F 106 21.24 -27.36 1.16
C LEU F 106 21.33 -27.56 -0.33
N LEU F 107 21.12 -26.49 -1.09
CA LEU F 107 21.25 -26.52 -2.52
C LEU F 107 22.50 -25.77 -2.93
N ARG F 108 23.34 -26.33 -3.80
CA ARG F 108 24.58 -25.67 -4.21
C ARG F 108 24.79 -25.83 -5.69
N SER F 109 25.84 -25.19 -6.21
CA SER F 109 26.29 -25.41 -7.59
C SER F 109 27.45 -26.41 -7.63
N TYR F 110 28.02 -26.62 -8.82
CA TYR F 110 29.24 -27.44 -8.94
C TYR F 110 30.52 -26.75 -8.46
N ARG F 111 30.47 -25.44 -8.27
CA ARG F 111 31.60 -24.65 -7.81
C ARG F 111 31.79 -24.93 -6.32
N ARG F 112 32.98 -24.68 -5.77
CA ARG F 112 33.21 -25.13 -4.41
C ARG F 112 33.00 -24.07 -3.32
N ASP F 113 32.78 -24.57 -2.10
CA ASP F 113 32.85 -23.83 -0.86
C ASP F 113 31.76 -22.77 -0.66
N GLU F 114 30.70 -22.79 -1.45
CA GLU F 114 29.64 -21.79 -1.28
C GLU F 114 29.04 -21.78 0.13
N TRP F 115 28.61 -22.92 0.63
CA TRP F 115 28.01 -22.93 1.96
C TRP F 115 29.00 -22.83 3.10
N ALA F 116 30.15 -23.47 2.94
CA ALA F 116 31.18 -23.44 3.96
C ALA F 116 31.62 -21.98 4.16
N LEU F 117 31.91 -21.27 3.09
CA LEU F 117 32.25 -19.84 3.19
C LEU F 117 31.11 -18.95 3.70
N TRP F 118 29.87 -19.23 3.33
CA TRP F 118 28.81 -18.37 3.86
C TRP F 118 28.65 -18.62 5.37
N MET F 119 28.58 -19.88 5.79
CA MET F 119 28.49 -20.17 7.22
C MET F 119 29.65 -19.60 8.03
N GLN F 120 30.85 -19.67 7.50
CA GLN F 120 31.99 -19.09 8.17
C GLN F 120 31.77 -17.58 8.39
N THR F 121 31.18 -16.93 7.40
CA THR F 121 31.07 -15.48 7.39
C THR F 121 30.11 -15.02 8.49
N VAL F 122 29.08 -15.81 8.79
CA VAL F 122 28.12 -15.41 9.82
C VAL F 122 28.44 -15.98 11.19
N GLY F 123 29.61 -16.59 11.31
CA GLY F 123 30.04 -17.07 12.60
C GLY F 123 29.70 -18.49 12.99
N GLU F 124 29.23 -19.33 12.07
CA GLU F 124 28.83 -20.69 12.43
C GLU F 124 29.84 -21.72 11.93
N ALA F 125 29.75 -22.90 12.49
CA ALA F 125 30.60 -23.98 12.07
C ALA F 125 30.18 -24.47 10.69
N PRO F 126 31.08 -25.15 9.97
CA PRO F 126 30.68 -25.66 8.65
C PRO F 126 29.61 -26.75 8.74
N PRO F 127 28.81 -26.91 7.67
CA PRO F 127 27.84 -28.02 7.64
C PRO F 127 28.54 -29.37 7.79
N SER F 128 27.86 -30.35 8.34
CA SER F 128 28.45 -31.67 8.42
C SER F 128 28.62 -32.25 7.02
N PRO F 129 29.59 -33.15 6.86
CA PRO F 129 29.77 -33.59 5.47
C PRO F 129 28.71 -34.60 5.05
N THR F 130 27.86 -35.03 5.98
CA THR F 130 26.80 -35.98 5.66
C THR F 130 25.49 -35.25 5.44
N HIS F 131 25.55 -33.93 5.50
CA HIS F 131 24.37 -33.11 5.29
C HIS F 131 23.77 -33.33 3.90
N ASN F 132 22.45 -33.44 3.85
CA ASN F 132 21.71 -33.58 2.61
C ASN F 132 21.93 -32.37 1.69
N VAL F 133 22.49 -32.61 0.52
CA VAL F 133 22.72 -31.53 -0.44
C VAL F 133 22.34 -31.95 -1.87
N MET F 134 21.82 -31.01 -2.63
CA MET F 134 21.62 -31.22 -4.05
C MET F 134 22.42 -30.22 -4.85
N VAL F 135 22.93 -30.68 -5.99
CA VAL F 135 23.88 -29.92 -6.79
C VAL F 135 23.26 -29.55 -8.08
N PHE F 136 23.37 -28.25 -8.40
CA PHE F 136 22.71 -27.69 -9.56
C PHE F 136 23.71 -27.08 -10.57
N ASP F 137 23.36 -27.23 -11.84
CA ASP F 137 24.18 -26.76 -12.93
C ASP F 137 23.78 -25.34 -13.29
N SER F 138 22.61 -24.94 -12.80
CA SER F 138 22.04 -23.61 -13.03
C SER F 138 21.37 -23.04 -11.78
N SER F 139 21.61 -21.77 -11.49
CA SER F 139 20.94 -21.13 -10.36
C SER F 139 19.47 -20.94 -10.66
N VAL F 140 19.11 -20.87 -11.94
CA VAL F 140 17.71 -20.82 -12.32
C VAL F 140 17.01 -22.11 -11.85
N THR F 141 17.61 -23.27 -12.11
CA THR F 141 17.04 -24.53 -11.75
C THR F 141 17.04 -24.66 -10.23
N MET F 142 18.13 -24.20 -9.60
CA MET F 142 18.26 -24.21 -8.16
C MET F 142 17.11 -23.45 -7.50
N LEU F 143 16.74 -22.31 -8.05
CA LEU F 143 15.77 -21.46 -7.39
C LEU F 143 14.33 -21.94 -7.66
N GLU F 144 14.15 -22.76 -8.68
CA GLU F 144 12.85 -23.44 -8.87
C GLU F 144 12.69 -24.50 -7.82
N ALA F 145 13.76 -25.22 -7.52
CA ALA F 145 13.71 -26.21 -6.48
C ALA F 145 13.45 -25.52 -5.16
N ALA F 146 14.07 -24.35 -4.98
CA ALA F 146 13.92 -23.64 -3.71
C ALA F 146 12.49 -23.22 -3.51
N GLN F 147 11.87 -22.81 -4.60
CA GLN F 147 10.50 -22.40 -4.57
C GLN F 147 9.57 -23.54 -4.16
N ALA F 148 9.94 -24.76 -4.54
CA ALA F 148 9.19 -25.94 -4.19
C ALA F 148 9.56 -26.49 -2.81
N GLY F 149 10.47 -25.83 -2.11
CA GLY F 149 10.87 -26.25 -0.77
C GLY F 149 11.80 -27.44 -0.67
N MET F 150 12.55 -27.72 -1.73
CA MET F 150 13.51 -28.82 -1.73
C MET F 150 14.70 -28.55 -0.82
N GLY F 151 14.95 -27.28 -0.57
CA GLY F 151 16.06 -26.90 0.30
C GLY F 151 16.30 -25.39 0.32
N VAL F 152 17.38 -24.99 0.99
CA VAL F 152 17.86 -23.63 0.98
C VAL F 152 18.96 -23.47 -0.07
N ALA F 153 18.70 -22.56 -1.00
CA ALA F 153 19.60 -22.22 -2.09
C ALA F 153 20.61 -21.18 -1.64
N ILE F 154 21.69 -21.04 -2.38
CA ILE F 154 22.61 -19.88 -2.22
C ILE F 154 22.98 -19.42 -3.63
N ALA F 155 22.73 -18.16 -3.93
CA ALA F 155 22.86 -17.66 -5.27
C ALA F 155 22.89 -16.14 -5.27
N PRO F 156 23.23 -15.52 -6.43
CA PRO F 156 23.39 -14.06 -6.49
C PRO F 156 22.07 -13.36 -6.38
N VAL F 157 21.88 -12.67 -5.26
CA VAL F 157 20.61 -12.12 -4.87
C VAL F 157 20.07 -11.18 -5.95
N ARG F 158 20.97 -10.46 -6.59
CA ARG F 158 20.50 -9.46 -7.56
C ARG F 158 19.97 -10.07 -8.85
N MET F 159 20.23 -11.35 -9.07
CA MET F 159 19.70 -12.03 -10.26
C MET F 159 18.30 -12.64 -9.99
N PHE F 160 17.76 -12.42 -8.78
CA PHE F 160 16.46 -12.99 -8.43
C PHE F 160 15.47 -12.01 -7.79
N THR F 161 15.60 -10.76 -8.19
CA THR F 161 14.69 -9.73 -7.71
C THR F 161 13.26 -9.96 -8.20
N HIS F 162 13.08 -10.54 -9.38
CA HIS F 162 11.75 -10.99 -9.81
C HIS F 162 11.12 -12.06 -8.89
N LEU F 163 11.93 -12.91 -8.23
CA LEU F 163 11.38 -13.88 -7.29
C LEU F 163 11.15 -13.25 -5.94
N LEU F 164 12.02 -12.33 -5.54
CA LEU F 164 11.86 -11.63 -4.26
C LEU F 164 10.67 -10.67 -4.27
N SER F 165 10.52 -9.84 -5.30
CA SER F 165 9.43 -8.87 -5.35
C SER F 165 8.05 -9.54 -5.43
N SER F 166 8.01 -10.69 -6.10
CA SER F 166 6.78 -11.47 -6.20
C SER F 166 6.53 -12.36 -4.97
N GLU F 167 7.47 -12.31 -4.02
CA GLU F 167 7.45 -13.13 -2.80
C GLU F 167 7.39 -14.64 -3.02
N ARG F 168 7.81 -15.12 -4.18
CA ARG F 168 7.95 -16.56 -4.34
C ARG F 168 9.21 -17.07 -3.60
N ILE F 169 10.14 -16.15 -3.29
CA ILE F 169 11.35 -16.50 -2.53
C ILE F 169 11.62 -15.38 -1.52
N VAL F 170 12.28 -15.75 -0.42
CA VAL F 170 12.62 -14.88 0.68
C VAL F 170 14.13 -14.98 0.95
N GLN F 171 14.79 -13.86 1.19
CA GLN F 171 16.19 -13.83 1.60
C GLN F 171 16.25 -13.69 3.11
N PRO F 172 16.46 -14.77 3.85
CA PRO F 172 16.33 -14.59 5.30
C PRO F 172 17.42 -13.73 5.98
N PHE F 173 18.63 -13.63 5.42
CA PHE F 173 19.69 -12.80 6.02
C PHE F 173 20.38 -11.92 5.01
N LEU F 174 20.91 -10.80 5.46
CA LEU F 174 21.51 -9.82 4.56
C LEU F 174 22.93 -10.14 4.17
N THR F 175 23.60 -10.94 4.98
CA THR F 175 25.00 -11.27 4.78
C THR F 175 25.19 -11.88 3.42
N GLN F 176 26.11 -11.32 2.65
CA GLN F 176 26.33 -11.75 1.29
C GLN F 176 27.81 -11.84 1.03
N ILE F 177 28.20 -12.73 0.11
CA ILE F 177 29.61 -13.03 -0.08
C ILE F 177 29.96 -13.06 -1.53
N ASP F 178 31.24 -12.79 -1.80
CA ASP F 178 31.80 -12.74 -3.14
C ASP F 178 32.51 -14.02 -3.48
N LEU F 179 31.95 -14.80 -4.43
CA LEU F 179 32.64 -15.98 -4.90
C LEU F 179 32.83 -15.92 -6.42
N GLY F 180 32.69 -14.75 -7.01
CA GLY F 180 32.88 -14.58 -8.43
C GLY F 180 31.99 -13.45 -8.86
N SER F 181 32.12 -13.06 -10.12
CA SER F 181 31.35 -11.96 -10.68
C SER F 181 30.94 -12.32 -12.12
N TYR F 182 30.13 -11.48 -12.75
CA TYR F 182 29.79 -11.68 -14.16
C TYR F 182 30.75 -10.87 -15.04
N TRP F 183 31.14 -11.50 -16.14
CA TRP F 183 32.10 -10.99 -17.11
C TRP F 183 31.56 -11.23 -18.50
N ILE F 184 31.92 -10.35 -19.43
CA ILE F 184 31.73 -10.61 -20.86
C ILE F 184 33.13 -10.87 -21.44
N THR F 185 33.26 -12.02 -22.10
CA THR F 185 34.56 -12.56 -22.47
C THR F 185 34.63 -12.89 -23.97
N ARG F 186 35.84 -12.71 -24.51
CA ARG F 186 36.15 -12.91 -25.93
C ARG F 186 37.43 -13.71 -26.00
N LEU F 187 37.48 -14.74 -26.85
CA LEU F 187 38.74 -15.42 -27.10
C LEU F 187 39.71 -14.40 -27.72
N GLN F 188 40.99 -14.46 -27.34
CA GLN F 188 41.90 -13.41 -27.76
C GLN F 188 42.10 -13.46 -29.25
N SER F 189 41.89 -14.63 -29.83
CA SER F 189 41.98 -14.85 -31.27
C SER F 189 40.68 -14.54 -32.02
N ARG F 190 39.64 -14.13 -31.30
CA ARG F 190 38.36 -13.77 -31.93
C ARG F 190 38.32 -12.26 -32.20
N PRO F 191 38.32 -11.87 -33.48
CA PRO F 191 38.39 -10.45 -33.83
C PRO F 191 37.32 -9.64 -33.14
N GLU F 192 37.70 -8.46 -32.65
CA GLU F 192 36.74 -7.60 -32.01
C GLU F 192 36.20 -6.64 -33.06
N THR F 193 34.89 -6.70 -33.26
CA THR F 193 34.24 -5.93 -34.31
C THR F 193 33.52 -4.73 -33.74
N PRO F 194 33.19 -3.77 -34.61
CA PRO F 194 32.34 -2.63 -34.28
C PRO F 194 31.03 -2.97 -33.55
N ALA F 195 30.27 -3.97 -34.03
CA ALA F 195 29.01 -4.34 -33.37
C ALA F 195 29.29 -4.86 -31.98
N MET F 196 30.26 -5.75 -31.90
CA MET F 196 30.70 -6.24 -30.61
C MET F 196 30.98 -5.07 -29.67
N ARG F 197 31.72 -4.06 -30.12
CA ARG F 197 32.11 -2.99 -29.23
C ARG F 197 30.87 -2.18 -28.85
N GLU F 198 29.95 -2.01 -29.80
CA GLU F 198 28.73 -1.26 -29.48
C GLU F 198 27.91 -2.03 -28.42
N PHE F 199 27.83 -3.36 -28.50
CA PHE F 199 27.06 -4.12 -27.50
C PHE F 199 27.77 -4.06 -26.15
N SER F 200 29.07 -4.34 -26.18
CA SER F 200 29.93 -4.29 -24.97
C SER F 200 29.84 -2.94 -24.25
N ARG F 201 29.93 -1.88 -25.02
CA ARG F 201 29.90 -0.54 -24.46
C ARG F 201 28.53 -0.27 -23.89
N TRP F 202 27.47 -0.59 -24.65
CA TRP F 202 26.11 -0.49 -24.10
C TRP F 202 25.90 -1.24 -22.78
N LEU F 203 26.34 -2.49 -22.67
CA LEU F 203 26.01 -3.28 -21.49
C LEU F 203 26.78 -2.86 -20.22
N THR F 204 28.09 -2.64 -20.34
CA THR F 204 28.87 -2.10 -19.20
C THR F 204 28.30 -0.75 -18.77
N GLY F 205 27.83 0.00 -19.76
CA GLY F 205 27.27 1.31 -19.52
C GLY F 205 26.11 1.24 -18.56
N VAL F 206 25.11 0.42 -18.89
CA VAL F 206 23.90 0.36 -18.08
C VAL F 206 24.21 -0.24 -16.69
N LEU F 207 25.17 -1.16 -16.58
CA LEU F 207 25.51 -1.77 -15.30
C LEU F 207 26.48 -0.94 -14.44
N GLU G 12 -10.74 33.29 -44.56
CA GLU G 12 -12.03 32.92 -45.13
C GLU G 12 -12.36 31.42 -45.04
N LYS G 13 -13.60 31.11 -44.71
CA LYS G 13 -13.95 29.76 -44.27
C LYS G 13 -14.71 29.00 -45.35
N LEU G 14 -14.41 27.71 -45.48
CA LEU G 14 -15.07 26.84 -46.45
C LEU G 14 -15.18 25.43 -45.86
N LYS G 15 -16.42 24.96 -45.75
CA LYS G 15 -16.71 23.65 -45.17
C LYS G 15 -17.19 22.72 -46.29
N ILE G 16 -16.39 21.71 -46.61
CA ILE G 16 -16.75 20.76 -47.64
C ILE G 16 -16.88 19.34 -47.10
N GLY G 17 -17.93 18.64 -47.52
CA GLY G 17 -18.14 17.26 -47.19
C GLY G 17 -17.96 16.37 -48.40
N VAL G 18 -17.05 15.41 -48.30
CA VAL G 18 -16.50 14.68 -49.45
C VAL G 18 -16.69 13.17 -49.33
N VAL G 19 -17.28 12.53 -50.32
CA VAL G 19 -17.36 11.08 -50.27
C VAL G 19 -15.93 10.48 -50.14
N GLY G 20 -15.79 9.56 -49.19
CA GLY G 20 -14.49 9.00 -48.85
C GLY G 20 -13.61 8.48 -49.98
N THR G 21 -14.21 7.75 -50.90
CA THR G 21 -13.52 7.25 -52.12
C THR G 21 -12.83 8.38 -52.88
N PHE G 22 -13.58 9.44 -53.16
CA PHE G 22 -13.06 10.62 -53.82
C PHE G 22 -11.95 11.28 -52.99
N ALA G 23 -12.18 11.46 -51.68
CA ALA G 23 -11.18 12.09 -50.83
C ALA G 23 -9.84 11.37 -50.95
N ILE G 24 -9.82 10.08 -50.74
CA ILE G 24 -8.57 9.31 -50.76
C ILE G 24 -7.92 9.23 -52.15
N GLY G 25 -8.74 8.95 -53.16
CA GLY G 25 -8.24 8.63 -54.48
C GLY G 25 -8.05 9.82 -55.41
N CYS G 26 -8.41 11.02 -54.97
CA CYS G 26 -8.38 12.19 -55.82
C CYS G 26 -8.07 13.50 -55.08
N LEU G 27 -8.93 13.92 -54.15
CA LEU G 27 -8.78 15.24 -53.53
C LEU G 27 -7.57 15.40 -52.61
N PHE G 28 -7.29 14.42 -51.74
CA PHE G 28 -6.22 14.57 -50.74
C PHE G 28 -4.80 14.74 -51.36
N PRO G 29 -4.46 13.97 -52.40
CA PRO G 29 -3.20 14.20 -53.14
C PRO G 29 -3.04 15.63 -53.65
N LEU G 30 -4.16 16.31 -53.90
CA LEU G 30 -4.14 17.64 -54.50
C LEU G 30 -4.22 18.76 -53.53
N LEU G 31 -4.65 18.49 -52.30
CA LEU G 31 -5.06 19.56 -51.40
C LEU G 31 -3.94 20.52 -51.06
N SER G 32 -2.70 20.05 -51.06
CA SER G 32 -1.58 20.94 -50.73
C SER G 32 -1.42 21.97 -51.89
N ASP G 33 -1.80 21.61 -53.12
CA ASP G 33 -1.75 22.58 -54.21
C ASP G 33 -2.76 23.66 -53.98
N PHE G 34 -3.97 23.27 -53.59
CA PHE G 34 -4.97 24.28 -53.24
C PHE G 34 -4.56 25.19 -52.07
N LYS G 35 -3.85 24.64 -51.10
CA LYS G 35 -3.48 25.37 -49.88
C LYS G 35 -2.44 26.46 -50.25
N ARG G 36 -1.42 26.02 -50.95
CA ARG G 36 -0.44 26.88 -51.55
C ARG G 36 -1.09 27.99 -52.40
N SER G 37 -2.01 27.63 -53.31
CA SER G 37 -2.58 28.61 -54.23
C SER G 37 -3.51 29.61 -53.52
N TYR G 38 -4.32 29.12 -52.57
CA TYR G 38 -5.25 30.00 -51.84
C TYR G 38 -5.06 30.00 -50.32
N PRO G 39 -3.94 30.59 -49.85
CA PRO G 39 -3.58 30.67 -48.43
C PRO G 39 -4.61 31.30 -47.51
N HIS G 40 -5.41 32.22 -48.02
CA HIS G 40 -6.42 32.93 -47.21
C HIS G 40 -7.70 32.13 -46.93
N ILE G 41 -7.79 30.92 -47.48
CA ILE G 41 -8.98 30.10 -47.28
C ILE G 41 -8.74 28.99 -46.25
N ASP G 42 -9.63 28.93 -45.26
CA ASP G 42 -9.70 27.86 -44.27
C ASP G 42 -10.59 26.73 -44.76
N LEU G 43 -10.00 25.65 -45.25
CA LEU G 43 -10.77 24.51 -45.74
C LEU G 43 -11.06 23.44 -44.66
N HIS G 44 -12.30 23.40 -44.20
CA HIS G 44 -12.76 22.34 -43.27
C HIS G 44 -13.34 21.16 -44.01
N ILE G 45 -12.61 20.06 -44.01
CA ILE G 45 -13.01 18.85 -44.71
C ILE G 45 -13.57 17.79 -43.77
N SER G 46 -14.73 17.23 -44.13
CA SER G 46 -15.19 16.00 -43.55
C SER G 46 -15.55 14.94 -44.61
N THR G 47 -15.57 13.66 -44.26
CA THR G 47 -15.94 12.64 -45.24
C THR G 47 -17.27 11.98 -44.91
N HIS G 48 -17.85 11.34 -45.92
CA HIS G 48 -19.17 10.71 -45.85
C HIS G 48 -19.19 9.51 -46.76
N ASN G 49 -20.23 8.68 -46.66
CA ASN G 49 -20.28 7.40 -47.37
C ASN G 49 -21.31 7.49 -48.51
N ASN G 50 -21.48 8.71 -48.99
CA ASN G 50 -22.40 9.13 -50.06
C ASN G 50 -23.86 9.27 -49.68
N ARG G 51 -24.18 8.94 -48.44
CA ARG G 51 -25.42 9.38 -47.80
C ARG G 51 -25.05 10.56 -46.89
N VAL G 52 -25.55 11.74 -47.22
CA VAL G 52 -25.15 12.96 -46.53
C VAL G 52 -26.29 13.96 -46.59
N ASP G 53 -26.44 14.75 -45.53
CA ASP G 53 -27.42 15.83 -45.48
C ASP G 53 -26.66 17.16 -45.34
N PRO G 54 -26.37 17.86 -46.47
CA PRO G 54 -25.49 19.03 -46.37
C PRO G 54 -26.00 20.12 -45.44
N ALA G 55 -27.32 20.26 -45.34
CA ALA G 55 -27.92 21.29 -44.53
C ALA G 55 -27.70 20.95 -43.07
N ALA G 56 -27.99 19.69 -42.71
CA ALA G 56 -27.75 19.21 -41.37
C ALA G 56 -26.29 19.43 -40.95
N GLU G 57 -25.36 19.16 -41.85
CA GLU G 57 -23.94 19.24 -41.51
C GLU G 57 -23.33 20.64 -41.70
N GLY G 58 -24.16 21.58 -42.14
CA GLY G 58 -23.70 22.94 -42.32
C GLY G 58 -22.71 23.09 -43.47
N LEU G 59 -22.80 22.24 -44.49
CA LEU G 59 -21.81 22.27 -45.60
C LEU G 59 -22.05 23.38 -46.64
N ASP G 60 -20.96 23.93 -47.14
CA ASP G 60 -21.03 24.80 -48.31
C ASP G 60 -21.15 23.96 -49.55
N TYR G 61 -20.17 23.06 -49.72
CA TYR G 61 -20.17 22.08 -50.79
C TYR G 61 -20.22 20.65 -50.27
N THR G 62 -20.78 19.80 -51.10
CA THR G 62 -20.78 18.35 -50.96
C THR G 62 -20.19 17.75 -52.22
N ILE G 63 -19.16 16.92 -52.09
CA ILE G 63 -18.67 16.14 -53.23
C ILE G 63 -19.19 14.72 -53.08
N ARG G 64 -19.76 14.21 -54.14
CA ARG G 64 -20.56 13.02 -53.99
C ARG G 64 -20.62 12.29 -55.31
N TYR G 65 -21.10 11.04 -55.24
CA TYR G 65 -21.25 10.20 -56.42
C TYR G 65 -22.72 10.04 -56.76
N GLY G 66 -23.01 10.13 -58.04
CA GLY G 66 -24.38 9.92 -58.50
C GLY G 66 -24.65 10.45 -59.90
N GLY G 67 -25.89 10.90 -60.11
CA GLY G 67 -26.40 11.26 -61.43
C GLY G 67 -26.58 12.74 -61.72
N GLY G 68 -26.28 13.61 -60.75
CA GLY G 68 -26.40 15.04 -60.96
C GLY G 68 -27.74 15.65 -60.55
N ALA G 69 -28.65 14.84 -60.05
CA ALA G 69 -30.02 15.31 -59.84
C ALA G 69 -30.41 15.06 -58.41
N TRP G 70 -30.21 16.07 -57.56
CA TRP G 70 -30.68 16.01 -56.17
C TRP G 70 -31.64 17.16 -55.88
N HIS G 71 -32.59 16.89 -54.99
CA HIS G 71 -33.63 17.86 -54.66
C HIS G 71 -33.07 19.22 -54.23
N ASP G 72 -33.60 20.29 -54.81
CA ASP G 72 -33.18 21.68 -54.57
C ASP G 72 -31.65 21.90 -54.53
N THR G 73 -30.95 21.17 -55.39
CA THR G 73 -29.49 21.16 -55.36
C THR G 73 -28.93 21.57 -56.72
N ASP G 74 -27.89 22.40 -56.69
CA ASP G 74 -27.17 22.78 -57.88
C ASP G 74 -25.91 21.89 -57.97
N ALA G 75 -25.85 21.05 -58.99
CA ALA G 75 -24.76 20.09 -59.16
C ALA G 75 -23.85 20.45 -60.33
N GLN G 76 -22.54 20.46 -60.08
CA GLN G 76 -21.54 20.65 -61.13
C GLN G 76 -20.70 19.38 -61.29
N TYR G 77 -20.46 19.01 -62.53
CA TYR G 77 -19.68 17.83 -62.87
C TYR G 77 -18.22 17.98 -62.51
N LEU G 78 -17.67 16.97 -61.84
CA LEU G 78 -16.24 16.93 -61.56
C LEU G 78 -15.53 16.01 -62.54
N CYS G 79 -15.86 14.72 -62.49
CA CYS G 79 -15.18 13.73 -63.30
C CYS G 79 -15.98 12.45 -63.35
N SER G 80 -15.57 11.57 -64.24
CA SER G 80 -16.22 10.28 -64.45
C SER G 80 -15.76 9.31 -63.36
N ALA G 81 -16.42 8.17 -63.28
CA ALA G 81 -16.19 7.21 -62.20
C ALA G 81 -16.45 5.84 -62.77
N LEU G 82 -15.79 5.54 -63.89
CA LEU G 82 -16.08 4.30 -64.59
C LEU G 82 -15.61 3.14 -63.74
N MET G 83 -16.44 2.12 -63.70
CA MET G 83 -16.30 0.97 -62.80
C MET G 83 -15.87 -0.33 -63.46
N SER G 84 -14.87 -0.95 -62.85
CA SER G 84 -14.34 -2.22 -63.30
C SER G 84 -13.98 -3.11 -62.08
N PRO G 85 -13.94 -4.44 -62.28
CA PRO G 85 -13.57 -5.36 -61.20
C PRO G 85 -12.13 -5.19 -60.76
N LEU G 86 -11.94 -5.30 -59.43
CA LEU G 86 -10.66 -5.13 -58.76
C LEU G 86 -10.51 -6.27 -57.76
N CYS G 87 -9.35 -6.94 -57.78
CA CYS G 87 -9.10 -8.04 -56.87
C CYS G 87 -7.65 -8.11 -56.42
N SER G 88 -7.37 -8.99 -55.47
CA SER G 88 -5.99 -9.14 -55.00
C SER G 88 -5.15 -9.83 -56.05
N PRO G 89 -3.82 -9.68 -55.95
CA PRO G 89 -2.96 -10.44 -56.87
C PRO G 89 -3.22 -11.95 -56.73
N THR G 90 -3.59 -12.40 -55.54
CA THR G 90 -3.88 -13.82 -55.35
C THR G 90 -5.14 -14.25 -56.07
N LEU G 91 -6.18 -13.44 -56.04
CA LEU G 91 -7.39 -13.81 -56.75
C LEU G 91 -7.18 -13.66 -58.26
N ALA G 92 -6.47 -12.61 -58.65
CA ALA G 92 -6.17 -12.35 -60.05
C ALA G 92 -5.46 -13.54 -60.73
N SER G 93 -4.55 -14.19 -60.00
CA SER G 93 -3.86 -15.37 -60.50
C SER G 93 -4.77 -16.57 -60.85
N GLN G 94 -6.06 -16.50 -60.49
CA GLN G 94 -7.02 -17.56 -60.85
C GLN G 94 -8.12 -17.02 -61.78
N ILE G 95 -7.90 -15.82 -62.28
CA ILE G 95 -8.87 -15.19 -63.16
C ILE G 95 -8.16 -14.95 -64.47
N GLN G 96 -8.51 -15.77 -65.48
CA GLN G 96 -8.04 -15.56 -66.86
C GLN G 96 -9.15 -14.99 -67.75
N THR G 97 -10.39 -15.39 -67.50
CA THR G 97 -11.54 -14.88 -68.23
C THR G 97 -12.61 -14.38 -67.24
N PRO G 98 -13.55 -13.56 -67.71
CA PRO G 98 -14.53 -12.98 -66.79
C PRO G 98 -15.39 -13.96 -66.01
N ALA G 99 -15.59 -15.18 -66.50
CA ALA G 99 -16.39 -16.14 -65.76
C ALA G 99 -15.65 -16.53 -64.47
N ASP G 100 -14.33 -16.51 -64.52
CA ASP G 100 -13.53 -16.90 -63.36
C ASP G 100 -13.82 -16.03 -62.13
N ILE G 101 -14.18 -14.77 -62.36
CA ILE G 101 -14.59 -13.88 -61.28
C ILE G 101 -15.62 -14.58 -60.37
N LEU G 102 -16.52 -15.37 -60.97
CA LEU G 102 -17.57 -16.00 -60.22
C LEU G 102 -17.09 -17.17 -59.38
N LYS G 103 -15.79 -17.44 -59.41
CA LYS G 103 -15.24 -18.40 -58.47
C LYS G 103 -15.36 -17.84 -57.07
N PHE G 104 -15.49 -16.52 -56.97
CA PHE G 104 -15.39 -15.84 -55.71
C PHE G 104 -16.61 -15.01 -55.36
N PRO G 105 -16.72 -14.66 -54.06
CA PRO G 105 -17.77 -13.76 -53.65
C PRO G 105 -17.65 -12.40 -54.35
N LEU G 106 -18.76 -11.72 -54.57
CA LEU G 106 -18.74 -10.41 -55.21
C LEU G 106 -18.97 -9.35 -54.18
N LEU G 107 -18.21 -8.28 -54.26
CA LEU G 107 -18.36 -7.16 -53.35
C LEU G 107 -19.05 -6.04 -54.13
N ARG G 108 -20.10 -5.47 -53.56
CA ARG G 108 -20.91 -4.43 -54.19
C ARG G 108 -21.23 -3.34 -53.20
N SER G 109 -21.83 -2.26 -53.72
CA SER G 109 -22.29 -1.17 -52.87
C SER G 109 -23.79 -1.29 -52.64
N TYR G 110 -24.41 -0.31 -52.00
CA TYR G 110 -25.87 -0.33 -51.81
C TYR G 110 -26.64 0.10 -53.10
N ARG G 111 -25.91 0.62 -54.08
CA ARG G 111 -26.51 1.04 -55.35
C ARG G 111 -26.84 -0.18 -56.24
N ARG G 112 -27.74 -0.01 -57.23
CA ARG G 112 -28.27 -1.15 -58.01
C ARG G 112 -27.42 -1.58 -59.22
N ASP G 113 -27.47 -2.88 -59.50
CA ASP G 113 -27.07 -3.46 -60.79
C ASP G 113 -25.60 -3.42 -61.18
N GLU G 114 -24.70 -3.07 -60.27
CA GLU G 114 -23.27 -2.99 -60.65
C GLU G 114 -22.78 -4.30 -61.32
N TRP G 115 -22.92 -5.44 -60.67
CA TRP G 115 -22.40 -6.69 -61.27
C TRP G 115 -23.20 -7.25 -62.45
N ALA G 116 -24.52 -7.04 -62.45
CA ALA G 116 -25.36 -7.54 -63.54
C ALA G 116 -24.99 -6.82 -64.84
N LEU G 117 -24.83 -5.50 -64.76
CA LEU G 117 -24.43 -4.69 -65.91
C LEU G 117 -22.99 -4.93 -66.33
N TRP G 118 -22.05 -5.13 -65.40
CA TRP G 118 -20.70 -5.38 -65.86
C TRP G 118 -20.63 -6.73 -66.58
N MET G 119 -21.34 -7.73 -66.05
CA MET G 119 -21.28 -9.06 -66.63
C MET G 119 -21.91 -9.07 -68.04
N GLN G 120 -23.04 -8.39 -68.18
CA GLN G 120 -23.70 -8.24 -69.46
C GLN G 120 -22.75 -7.59 -70.49
N THR G 121 -22.00 -6.61 -70.02
CA THR G 121 -21.14 -5.79 -70.87
C THR G 121 -19.94 -6.58 -71.40
N VAL G 122 -19.49 -7.61 -70.69
CA VAL G 122 -18.40 -8.44 -71.25
C VAL G 122 -18.99 -9.71 -71.82
N GLY G 123 -20.30 -9.76 -71.87
CA GLY G 123 -20.99 -10.81 -72.57
C GLY G 123 -21.04 -12.10 -71.79
N GLU G 124 -21.42 -11.98 -70.51
CA GLU G 124 -21.60 -13.12 -69.63
C GLU G 124 -23.02 -13.14 -69.13
N ALA G 125 -23.44 -14.29 -68.63
CA ALA G 125 -24.69 -14.35 -67.89
C ALA G 125 -24.57 -13.59 -66.57
N PRO G 126 -25.72 -13.06 -66.09
CA PRO G 126 -25.75 -12.38 -64.79
C PRO G 126 -25.31 -13.31 -63.67
N PRO G 127 -24.81 -12.76 -62.56
CA PRO G 127 -24.48 -13.75 -61.53
C PRO G 127 -25.74 -14.40 -60.98
N SER G 128 -25.59 -15.62 -60.49
CA SER G 128 -26.69 -16.30 -59.82
C SER G 128 -27.30 -15.47 -58.70
N PRO G 129 -28.64 -15.55 -58.53
CA PRO G 129 -29.32 -14.84 -57.43
C PRO G 129 -28.83 -15.24 -56.05
N THR G 130 -28.22 -16.42 -55.95
CA THR G 130 -27.78 -16.98 -54.69
C THR G 130 -26.27 -16.88 -54.48
N HIS G 131 -25.59 -16.27 -55.45
CA HIS G 131 -24.14 -16.04 -55.38
C HIS G 131 -23.79 -15.32 -54.08
N ASN G 132 -22.65 -15.68 -53.49
CA ASN G 132 -22.18 -15.00 -52.27
C ASN G 132 -21.78 -13.54 -52.56
N VAL G 133 -22.54 -12.62 -51.98
CA VAL G 133 -22.33 -11.17 -52.09
C VAL G 133 -22.14 -10.52 -50.71
N MET G 134 -21.20 -9.58 -50.59
CA MET G 134 -21.22 -8.63 -49.47
C MET G 134 -21.42 -7.21 -49.97
N VAL G 135 -22.15 -6.42 -49.21
CA VAL G 135 -22.54 -5.04 -49.55
C VAL G 135 -21.77 -3.99 -48.72
N PHE G 136 -21.21 -2.97 -49.37
CA PHE G 136 -20.42 -1.94 -48.73
C PHE G 136 -20.97 -0.53 -48.87
N ASP G 137 -20.77 0.26 -47.83
CA ASP G 137 -21.24 1.63 -47.76
C ASP G 137 -20.19 2.55 -48.38
N SER G 138 -18.98 2.01 -48.46
CA SER G 138 -17.83 2.71 -48.99
C SER G 138 -16.95 1.82 -49.85
N SER G 139 -16.48 2.36 -50.97
CA SER G 139 -15.55 1.61 -51.84
C SER G 139 -14.14 1.55 -51.20
N VAL G 140 -13.80 2.50 -50.33
CA VAL G 140 -12.56 2.38 -49.55
C VAL G 140 -12.59 1.06 -48.71
N THR G 141 -13.71 0.83 -48.02
CA THR G 141 -13.87 -0.37 -47.20
C THR G 141 -14.00 -1.58 -48.12
N MET G 142 -14.76 -1.47 -49.20
CA MET G 142 -14.76 -2.52 -50.22
C MET G 142 -13.35 -2.98 -50.69
N LEU G 143 -12.48 -2.05 -51.02
CA LEU G 143 -11.14 -2.44 -51.54
C LEU G 143 -10.17 -2.94 -50.45
N GLU G 144 -10.31 -2.46 -49.22
CA GLU G 144 -9.60 -3.10 -48.10
C GLU G 144 -10.04 -4.57 -47.99
N ALA G 145 -11.35 -4.85 -47.99
CA ALA G 145 -11.81 -6.25 -48.05
C ALA G 145 -11.22 -7.02 -49.25
N ALA G 146 -11.17 -6.40 -50.43
CA ALA G 146 -10.65 -7.07 -51.64
C ALA G 146 -9.18 -7.43 -51.49
N GLN G 147 -8.41 -6.48 -50.97
CA GLN G 147 -7.00 -6.73 -50.68
C GLN G 147 -6.86 -7.93 -49.76
N ALA G 148 -7.80 -8.11 -48.85
CA ALA G 148 -7.74 -9.25 -47.92
C ALA G 148 -8.29 -10.54 -48.53
N GLY G 149 -8.77 -10.45 -49.77
CA GLY G 149 -9.20 -11.62 -50.52
C GLY G 149 -10.60 -12.07 -50.20
N MET G 150 -11.47 -11.19 -49.73
CA MET G 150 -12.84 -11.58 -49.39
C MET G 150 -13.77 -11.72 -50.58
N GLY G 151 -13.33 -11.27 -51.75
CA GLY G 151 -14.17 -11.32 -52.95
C GLY G 151 -13.68 -10.35 -53.99
N VAL G 152 -14.33 -10.30 -55.14
CA VAL G 152 -13.94 -9.36 -56.20
C VAL G 152 -14.78 -8.09 -56.05
N ALA G 153 -14.10 -6.97 -55.99
CA ALA G 153 -14.74 -5.68 -55.89
C ALA G 153 -15.02 -5.14 -57.27
N ILE G 154 -15.87 -4.12 -57.31
CA ILE G 154 -16.16 -3.35 -58.50
C ILE G 154 -16.35 -1.92 -58.04
N ALA G 155 -15.62 -1.03 -58.68
CA ALA G 155 -15.47 0.33 -58.16
C ALA G 155 -14.82 1.22 -59.20
N PRO G 156 -14.86 2.55 -59.01
CA PRO G 156 -14.20 3.46 -59.97
C PRO G 156 -12.67 3.31 -59.98
N VAL G 157 -12.13 2.79 -61.07
CA VAL G 157 -10.70 2.45 -61.12
C VAL G 157 -9.81 3.64 -60.95
N ARG G 158 -10.25 4.83 -61.36
CA ARG G 158 -9.37 5.99 -61.31
C ARG G 158 -9.16 6.45 -59.86
N MET G 159 -10.00 5.96 -58.94
CA MET G 159 -9.90 6.35 -57.54
C MET G 159 -8.99 5.40 -56.78
N PHE G 160 -8.46 4.38 -57.46
CA PHE G 160 -7.61 3.39 -56.78
C PHE G 160 -6.25 3.17 -57.44
N THR G 161 -5.71 4.29 -57.93
CA THR G 161 -4.39 4.32 -58.57
C THR G 161 -3.29 3.96 -57.59
N HIS G 162 -3.49 4.37 -56.32
CA HIS G 162 -2.54 4.11 -55.25
C HIS G 162 -2.40 2.62 -54.97
N LEU G 163 -3.47 1.88 -55.13
CA LEU G 163 -3.43 0.44 -54.88
C LEU G 163 -2.93 -0.30 -56.12
N LEU G 164 -3.25 0.19 -57.32
CA LEU G 164 -2.84 -0.51 -58.55
C LEU G 164 -1.34 -0.35 -58.78
N SER G 165 -0.81 0.86 -58.56
CA SER G 165 0.60 1.10 -58.84
C SER G 165 1.47 0.41 -57.81
N SER G 166 0.92 0.22 -56.61
CA SER G 166 1.63 -0.44 -55.51
C SER G 166 1.49 -1.94 -55.57
N GLU G 167 0.65 -2.42 -56.50
CA GLU G 167 0.42 -3.84 -56.73
C GLU G 167 -0.27 -4.53 -55.56
N ARG G 168 -1.09 -3.79 -54.82
CA ARG G 168 -1.93 -4.41 -53.79
C ARG G 168 -3.29 -4.80 -54.33
N ILE G 169 -3.65 -4.25 -55.50
CA ILE G 169 -4.88 -4.65 -56.19
C ILE G 169 -4.58 -4.73 -57.69
N VAL G 170 -5.34 -5.57 -58.38
CA VAL G 170 -5.16 -5.81 -59.82
C VAL G 170 -6.50 -5.56 -60.54
N GLN G 171 -6.43 -4.98 -61.73
CA GLN G 171 -7.61 -4.87 -62.59
C GLN G 171 -7.47 -5.96 -63.65
N PRO G 172 -8.16 -7.09 -63.46
CA PRO G 172 -8.00 -8.17 -64.43
C PRO G 172 -8.43 -7.77 -65.85
N PHE G 173 -9.46 -6.92 -65.98
CA PHE G 173 -10.03 -6.57 -67.30
C PHE G 173 -10.23 -5.07 -67.51
N LEU G 174 -10.05 -4.59 -68.74
CA LEU G 174 -10.18 -3.15 -69.00
C LEU G 174 -11.62 -2.71 -69.22
N THR G 175 -12.53 -3.65 -69.42
CA THR G 175 -13.91 -3.25 -69.61
C THR G 175 -14.47 -2.53 -68.39
N GLN G 176 -15.12 -1.39 -68.62
CA GLN G 176 -15.58 -0.51 -67.55
C GLN G 176 -16.93 0.12 -67.89
N ILE G 177 -17.79 0.32 -66.88
CA ILE G 177 -19.15 0.82 -67.09
C ILE G 177 -19.47 2.11 -66.31
N ASP G 178 -20.49 2.81 -66.76
CA ASP G 178 -20.90 4.11 -66.21
C ASP G 178 -22.15 3.96 -65.40
N LEU G 179 -22.07 4.04 -64.06
CA LEU G 179 -23.28 4.11 -63.24
C LEU G 179 -23.32 5.37 -62.36
N GLY G 180 -22.54 6.35 -62.77
CA GLY G 180 -22.60 7.66 -62.18
C GLY G 180 -21.24 8.26 -62.30
N SER G 181 -21.18 9.53 -61.92
CA SER G 181 -19.96 10.28 -61.90
C SER G 181 -19.88 10.99 -60.56
N TYR G 182 -18.78 11.69 -60.34
CA TYR G 182 -18.64 12.61 -59.21
C TYR G 182 -18.98 14.05 -59.53
N TRP G 183 -19.64 14.69 -58.55
CA TRP G 183 -20.14 16.05 -58.63
C TRP G 183 -19.76 16.82 -57.38
N ILE G 184 -19.75 18.14 -57.49
CA ILE G 184 -19.64 19.02 -56.35
C ILE G 184 -20.98 19.74 -56.34
N THR G 185 -21.67 19.70 -55.20
CA THR G 185 -23.05 20.14 -55.14
C THR G 185 -23.26 21.14 -54.02
N ARG G 186 -24.24 22.02 -54.27
CA ARG G 186 -24.59 23.14 -53.41
C ARG G 186 -26.09 23.20 -53.32
N LEU G 187 -26.63 23.21 -52.11
CA LEU G 187 -28.05 23.55 -51.93
C LEU G 187 -28.34 24.93 -52.53
N GLN G 188 -29.44 25.02 -53.25
CA GLN G 188 -29.82 26.29 -53.85
C GLN G 188 -29.98 27.42 -52.83
N SER G 189 -30.43 27.07 -51.63
CA SER G 189 -30.55 28.03 -50.54
C SER G 189 -29.19 28.46 -49.97
N ARG G 190 -28.11 27.80 -50.37
CA ARG G 190 -26.81 28.08 -49.76
C ARG G 190 -26.05 29.11 -50.58
N PRO G 191 -25.85 30.32 -50.01
CA PRO G 191 -25.15 31.33 -50.81
C PRO G 191 -23.79 30.87 -51.29
N GLU G 192 -23.45 31.18 -52.55
CA GLU G 192 -22.11 30.94 -53.09
C GLU G 192 -21.18 32.09 -52.72
N THR G 193 -20.19 31.78 -51.88
CA THR G 193 -19.17 32.73 -51.45
C THR G 193 -17.95 32.81 -52.40
N PRO G 194 -17.11 33.87 -52.24
CA PRO G 194 -15.88 33.93 -53.03
C PRO G 194 -14.94 32.75 -52.79
N ALA G 195 -14.84 32.26 -51.56
CA ALA G 195 -14.05 31.05 -51.28
C ALA G 195 -14.59 29.83 -52.06
N MET G 196 -15.91 29.66 -52.04
CA MET G 196 -16.55 28.57 -52.78
C MET G 196 -16.15 28.66 -54.25
N ARG G 197 -16.28 29.85 -54.85
CA ARG G 197 -15.96 29.99 -56.26
C ARG G 197 -14.49 29.61 -56.51
N GLU G 198 -13.59 30.10 -55.67
CA GLU G 198 -12.17 29.79 -55.87
C GLU G 198 -11.89 28.28 -55.84
N PHE G 199 -12.56 27.58 -54.93
CA PHE G 199 -12.29 26.15 -54.74
C PHE G 199 -12.81 25.39 -55.93
N SER G 200 -14.07 25.66 -56.28
CA SER G 200 -14.69 25.08 -57.45
C SER G 200 -13.80 25.19 -58.69
N ARG G 201 -13.36 26.40 -58.98
CA ARG G 201 -12.59 26.64 -60.22
C ARG G 201 -11.24 25.94 -60.15
N TRP G 202 -10.61 26.01 -58.98
CA TRP G 202 -9.39 25.26 -58.77
C TRP G 202 -9.61 23.75 -59.02
N LEU G 203 -10.67 23.19 -58.47
CA LEU G 203 -10.83 21.74 -58.53
C LEU G 203 -11.16 21.26 -59.94
N THR G 204 -12.13 21.90 -60.59
CA THR G 204 -12.53 21.47 -61.93
C THR G 204 -11.42 21.74 -62.94
N GLY G 205 -10.56 22.70 -62.60
CA GLY G 205 -9.38 22.98 -63.37
C GLY G 205 -8.28 21.95 -63.30
N VAL G 206 -8.01 21.41 -62.11
CA VAL G 206 -7.04 20.33 -61.99
C VAL G 206 -7.60 18.98 -62.50
N LEU G 207 -8.91 18.89 -62.64
CA LEU G 207 -9.53 17.67 -63.16
C LEU G 207 -9.74 17.77 -64.66
N GLU H 12 -31.11 -21.19 -43.46
CA GLU H 12 -31.32 -20.19 -42.40
C GLU H 12 -30.58 -18.86 -42.67
N LYS H 13 -31.35 -17.78 -42.75
CA LYS H 13 -30.89 -16.47 -43.21
C LYS H 13 -30.59 -15.52 -42.05
N LEU H 14 -29.42 -14.91 -42.06
CA LEU H 14 -29.02 -13.94 -41.04
C LEU H 14 -28.43 -12.70 -41.70
N LYS H 15 -28.91 -11.54 -41.26
CA LYS H 15 -28.56 -10.27 -41.87
C LYS H 15 -27.91 -9.38 -40.84
N ILE H 16 -26.64 -9.02 -41.09
CA ILE H 16 -25.81 -8.24 -40.16
C ILE H 16 -25.27 -7.01 -40.87
N GLY H 17 -25.54 -5.83 -40.32
CA GLY H 17 -24.90 -4.60 -40.72
C GLY H 17 -23.79 -4.28 -39.74
N VAL H 18 -22.55 -4.25 -40.24
CA VAL H 18 -21.32 -4.17 -39.47
C VAL H 18 -20.52 -2.85 -39.72
N VAL H 19 -20.16 -2.13 -38.66
CA VAL H 19 -19.38 -0.93 -38.88
C VAL H 19 -18.08 -1.34 -39.61
N GLY H 20 -17.73 -0.59 -40.66
CA GLY H 20 -16.65 -1.01 -41.55
C GLY H 20 -15.32 -1.31 -40.88
N THR H 21 -14.96 -0.49 -39.89
CA THR H 21 -13.70 -0.75 -39.19
C THR H 21 -13.64 -2.14 -38.61
N PHE H 22 -14.72 -2.56 -37.94
CA PHE H 22 -14.81 -3.85 -37.27
C PHE H 22 -14.86 -4.97 -38.32
N ALA H 23 -15.59 -4.74 -39.39
CA ALA H 23 -15.60 -5.70 -40.52
C ALA H 23 -14.19 -6.07 -41.00
N ILE H 24 -13.38 -5.05 -41.32
CA ILE H 24 -12.02 -5.23 -41.83
C ILE H 24 -11.04 -5.73 -40.75
N GLY H 25 -11.07 -5.10 -39.59
CA GLY H 25 -10.08 -5.40 -38.58
C GLY H 25 -10.36 -6.60 -37.72
N CYS H 26 -11.56 -7.17 -37.81
CA CYS H 26 -11.95 -8.23 -36.85
C CYS H 26 -12.85 -9.31 -37.43
N LEU H 27 -14.02 -8.94 -37.97
CA LEU H 27 -14.98 -9.94 -38.41
C LEU H 27 -14.55 -10.74 -39.66
N PHE H 28 -14.09 -10.05 -40.71
CA PHE H 28 -13.80 -10.76 -41.96
C PHE H 28 -12.71 -11.80 -41.75
N PRO H 29 -11.65 -11.46 -41.01
CA PRO H 29 -10.62 -12.49 -40.77
C PRO H 29 -11.15 -13.74 -40.06
N LEU H 30 -12.28 -13.62 -39.36
CA LEU H 30 -12.85 -14.73 -38.62
C LEU H 30 -13.94 -15.46 -39.37
N LEU H 31 -14.40 -14.89 -40.47
CA LEU H 31 -15.60 -15.40 -41.14
C LEU H 31 -15.57 -16.84 -41.63
N SER H 32 -14.41 -17.33 -42.05
CA SER H 32 -14.35 -18.73 -42.50
C SER H 32 -14.52 -19.73 -41.34
N ASP H 33 -14.10 -19.35 -40.13
CA ASP H 33 -14.39 -20.16 -38.95
C ASP H 33 -15.90 -20.36 -38.79
N PHE H 34 -16.66 -19.27 -38.97
CA PHE H 34 -18.10 -19.33 -38.75
C PHE H 34 -18.78 -20.20 -39.79
N LYS H 35 -18.24 -20.21 -41.00
CA LYS H 35 -18.79 -21.01 -42.10
C LYS H 35 -18.50 -22.49 -41.84
N ARG H 36 -17.25 -22.82 -41.50
CA ARG H 36 -16.88 -24.19 -41.16
C ARG H 36 -17.76 -24.71 -40.02
N SER H 37 -17.94 -23.90 -38.98
CA SER H 37 -18.71 -24.30 -37.79
C SER H 37 -20.24 -24.33 -37.96
N TYR H 38 -20.77 -23.51 -38.87
CA TYR H 38 -22.23 -23.42 -39.08
C TYR H 38 -22.61 -23.32 -40.56
N PRO H 39 -22.29 -24.37 -41.36
CA PRO H 39 -22.59 -24.38 -42.79
C PRO H 39 -24.07 -24.12 -43.14
N HIS H 40 -24.96 -24.38 -42.19
CA HIS H 40 -26.39 -24.21 -42.46
C HIS H 40 -26.89 -22.76 -42.40
N ILE H 41 -26.04 -21.82 -41.99
CA ILE H 41 -26.44 -20.41 -41.89
C ILE H 41 -25.91 -19.55 -43.07
N ASP H 42 -26.83 -18.94 -43.81
CA ASP H 42 -26.46 -18.07 -44.92
C ASP H 42 -26.45 -16.59 -44.43
N LEU H 43 -25.24 -16.16 -44.10
CA LEU H 43 -24.97 -14.80 -43.65
C LEU H 43 -25.00 -13.74 -44.77
N HIS H 44 -25.78 -12.68 -44.56
CA HIS H 44 -25.81 -11.53 -45.46
C HIS H 44 -25.25 -10.32 -44.74
N ILE H 45 -24.06 -9.95 -45.14
CA ILE H 45 -23.30 -8.89 -44.47
C ILE H 45 -23.34 -7.63 -45.28
N SER H 46 -23.49 -6.53 -44.56
CA SER H 46 -23.39 -5.22 -45.15
C SER H 46 -22.60 -4.38 -44.16
N THR H 47 -21.93 -3.34 -44.64
CA THR H 47 -21.16 -2.44 -43.79
C THR H 47 -21.84 -1.08 -43.67
N HIS H 48 -21.50 -0.33 -42.61
CA HIS H 48 -21.99 1.02 -42.43
C HIS H 48 -20.92 1.87 -41.77
N ASN H 49 -21.17 3.17 -41.62
CA ASN H 49 -20.19 4.08 -41.04
C ASN H 49 -20.46 4.42 -39.56
N ASN H 50 -21.16 3.50 -38.90
CA ASN H 50 -21.59 3.62 -37.50
C ASN H 50 -22.83 4.48 -37.32
N ARG H 51 -23.35 5.06 -38.40
CA ARG H 51 -24.69 5.65 -38.38
C ARG H 51 -25.55 4.72 -39.22
N VAL H 52 -26.53 4.09 -38.58
CA VAL H 52 -27.30 3.02 -39.20
C VAL H 52 -28.70 2.96 -38.60
N ASP H 53 -29.68 2.70 -39.46
CA ASP H 53 -31.08 2.49 -39.07
C ASP H 53 -31.45 1.00 -39.26
N PRO H 54 -31.32 0.19 -38.19
CA PRO H 54 -31.44 -1.26 -38.42
C PRO H 54 -32.79 -1.70 -38.91
N ALA H 55 -33.86 -1.04 -38.47
CA ALA H 55 -35.19 -1.37 -38.94
C ALA H 55 -35.35 -1.02 -40.43
N ALA H 56 -34.95 0.19 -40.81
CA ALA H 56 -35.01 0.61 -42.22
C ALA H 56 -34.18 -0.33 -43.14
N GLU H 57 -33.04 -0.81 -42.68
CA GLU H 57 -32.23 -1.77 -43.46
C GLU H 57 -32.74 -3.21 -43.29
N GLY H 58 -33.75 -3.42 -42.45
CA GLY H 58 -34.19 -4.78 -42.19
C GLY H 58 -33.13 -5.69 -41.58
N LEU H 59 -32.29 -5.18 -40.69
CA LEU H 59 -31.22 -6.02 -40.14
C LEU H 59 -31.73 -6.92 -39.00
N ASP H 60 -31.08 -8.07 -38.82
CA ASP H 60 -31.24 -8.85 -37.59
C ASP H 60 -30.35 -8.30 -36.47
N TYR H 61 -29.06 -8.18 -36.76
CA TYR H 61 -28.11 -7.58 -35.86
C TYR H 61 -27.40 -6.40 -36.48
N THR H 62 -26.89 -5.54 -35.62
CA THR H 62 -26.03 -4.45 -36.00
C THR H 62 -24.80 -4.50 -35.12
N ILE H 63 -23.61 -4.51 -35.72
CA ILE H 63 -22.37 -4.39 -34.95
C ILE H 63 -21.92 -2.95 -35.06
N ARG H 64 -21.70 -2.30 -33.93
CA ARG H 64 -21.43 -0.89 -33.96
C ARG H 64 -20.55 -0.49 -32.82
N TYR H 65 -20.14 0.78 -32.85
CA TYR H 65 -19.23 1.30 -31.88
C TYR H 65 -20.02 2.28 -31.07
N GLY H 66 -19.78 2.27 -29.76
CA GLY H 66 -20.52 3.13 -28.85
C GLY H 66 -20.45 2.65 -27.41
N GLY H 67 -21.44 3.07 -26.62
CA GLY H 67 -21.42 2.86 -25.18
C GLY H 67 -22.50 1.89 -24.69
N GLY H 68 -23.21 1.25 -25.60
CA GLY H 68 -24.17 0.21 -25.22
C GLY H 68 -25.61 0.64 -24.96
N ALA H 69 -25.92 1.92 -25.17
CA ALA H 69 -27.22 2.47 -24.85
C ALA H 69 -27.88 3.13 -26.03
N TRP H 70 -28.54 2.32 -26.85
CA TRP H 70 -29.34 2.82 -27.94
C TRP H 70 -30.82 2.62 -27.61
N HIS H 71 -31.62 3.57 -28.07
CA HIS H 71 -33.04 3.54 -27.81
C HIS H 71 -33.68 2.28 -28.39
N ASP H 72 -34.42 1.56 -27.55
CA ASP H 72 -35.23 0.41 -27.96
C ASP H 72 -34.33 -0.73 -28.36
N THR H 73 -33.15 -0.77 -27.77
CA THR H 73 -32.13 -1.68 -28.28
C THR H 73 -31.48 -2.49 -27.16
N ASP H 74 -31.48 -3.82 -27.35
CA ASP H 74 -30.64 -4.74 -26.60
C ASP H 74 -29.23 -4.83 -27.20
N ALA H 75 -28.24 -4.43 -26.41
CA ALA H 75 -26.86 -4.46 -26.80
C ALA H 75 -26.04 -5.51 -26.04
N GLN H 76 -25.33 -6.40 -26.74
CA GLN H 76 -24.35 -7.28 -26.16
C GLN H 76 -22.95 -6.80 -26.46
N TYR H 77 -22.15 -6.73 -25.41
CA TYR H 77 -20.77 -6.29 -25.51
C TYR H 77 -19.97 -7.27 -26.36
N LEU H 78 -19.14 -6.76 -27.28
CA LEU H 78 -18.25 -7.62 -28.09
C LEU H 78 -16.80 -7.57 -27.64
N CYS H 79 -16.17 -6.39 -27.66
CA CYS H 79 -14.76 -6.27 -27.31
C CYS H 79 -14.40 -4.83 -27.15
N SER H 80 -13.21 -4.60 -26.64
CA SER H 80 -12.73 -3.24 -26.40
C SER H 80 -12.27 -2.65 -27.74
N ALA H 81 -11.87 -1.40 -27.70
CA ALA H 81 -11.56 -0.63 -28.91
C ALA H 81 -10.72 0.54 -28.46
N LEU H 82 -9.65 0.24 -27.75
CA LEU H 82 -8.80 1.25 -27.15
C LEU H 82 -8.08 1.98 -28.29
N MET H 83 -8.08 3.31 -28.18
CA MET H 83 -7.69 4.27 -29.21
C MET H 83 -6.32 4.83 -28.89
N SER H 84 -5.48 4.88 -29.90
CA SER H 84 -4.15 5.48 -29.80
C SER H 84 -3.74 6.14 -31.16
N PRO H 85 -2.83 7.14 -31.12
CA PRO H 85 -2.37 7.74 -32.38
C PRO H 85 -1.73 6.74 -33.31
N LEU H 86 -2.09 6.82 -34.59
CA LEU H 86 -1.52 5.99 -35.65
C LEU H 86 -1.10 6.89 -36.83
N CYS H 87 0.09 6.68 -37.35
CA CYS H 87 0.60 7.58 -38.38
C CYS H 87 1.56 6.86 -39.31
N SER H 88 1.88 7.50 -40.44
CA SER H 88 2.75 6.87 -41.47
C SER H 88 4.13 6.80 -40.89
N PRO H 89 4.97 5.89 -41.42
CA PRO H 89 6.36 5.85 -40.97
C PRO H 89 7.10 7.18 -41.15
N THR H 90 6.73 7.98 -42.13
CA THR H 90 7.44 9.24 -42.41
C THR H 90 7.13 10.28 -41.35
N LEU H 91 5.89 10.31 -40.89
CA LEU H 91 5.54 11.20 -39.80
C LEU H 91 6.13 10.66 -38.47
N ALA H 92 6.10 9.35 -38.28
CA ALA H 92 6.52 8.78 -37.02
C ALA H 92 7.99 9.17 -36.73
N SER H 93 8.79 9.19 -37.78
CA SER H 93 10.20 9.50 -37.68
C SER H 93 10.43 10.94 -37.20
N GLN H 94 9.39 11.77 -37.29
CA GLN H 94 9.47 13.14 -36.79
C GLN H 94 8.69 13.30 -35.47
N ILE H 95 8.35 12.18 -34.82
CA ILE H 95 7.60 12.21 -33.56
C ILE H 95 8.31 11.41 -32.48
N GLN H 96 8.85 12.12 -31.49
CA GLN H 96 9.58 11.49 -30.40
C GLN H 96 8.80 11.62 -29.13
N THR H 97 8.08 12.72 -29.01
CA THR H 97 7.23 13.02 -27.88
C THR H 97 5.82 13.33 -28.36
N PRO H 98 4.83 13.34 -27.46
CA PRO H 98 3.46 13.65 -27.84
C PRO H 98 3.18 15.05 -28.37
N ALA H 99 3.84 16.09 -27.85
CA ALA H 99 3.72 17.41 -28.43
C ALA H 99 4.03 17.41 -29.94
N ASP H 100 4.97 16.56 -30.36
CA ASP H 100 5.41 16.50 -31.72
C ASP H 100 4.26 16.15 -32.68
N ILE H 101 3.24 15.45 -32.18
CA ILE H 101 2.06 15.16 -32.98
C ILE H 101 1.46 16.46 -33.51
N LEU H 102 1.59 17.55 -32.77
CA LEU H 102 0.95 18.78 -33.19
C LEU H 102 1.76 19.48 -34.29
N LYS H 103 2.86 18.85 -34.74
CA LYS H 103 3.57 19.33 -35.93
C LYS H 103 2.67 19.12 -37.17
N PHE H 104 1.69 18.23 -37.04
CA PHE H 104 0.89 17.75 -38.15
C PHE H 104 -0.59 17.92 -37.93
N PRO H 105 -1.39 17.83 -39.02
CA PRO H 105 -2.83 17.84 -38.81
C PRO H 105 -3.30 16.59 -38.10
N LEU H 106 -4.46 16.70 -37.51
CA LEU H 106 -5.01 15.65 -36.68
C LEU H 106 -6.24 15.14 -37.39
N LEU H 107 -6.41 13.83 -37.41
CA LEU H 107 -7.58 13.25 -38.01
C LEU H 107 -8.48 12.77 -36.91
N ARG H 108 -9.77 13.07 -37.02
CA ARG H 108 -10.72 12.65 -36.01
C ARG H 108 -12.00 12.13 -36.64
N SER H 109 -12.87 11.55 -35.82
CA SER H 109 -14.18 11.13 -36.26
C SER H 109 -15.22 12.20 -35.98
N TYR H 110 -16.48 11.90 -36.27
CA TYR H 110 -17.56 12.85 -35.88
C TYR H 110 -17.81 12.84 -34.36
N ARG H 111 -17.17 11.90 -33.67
CA ARG H 111 -17.42 11.72 -32.25
C ARG H 111 -16.57 12.68 -31.43
N ARG H 112 -17.06 12.94 -30.22
CA ARG H 112 -16.55 14.00 -29.37
C ARG H 112 -15.20 13.68 -28.75
N ASP H 113 -14.35 14.68 -28.65
CA ASP H 113 -13.33 14.71 -27.59
C ASP H 113 -12.16 13.74 -27.69
N GLU H 114 -11.92 13.13 -28.87
CA GLU H 114 -10.91 12.08 -28.97
C GLU H 114 -9.53 12.62 -28.73
N TRP H 115 -9.14 13.68 -29.43
CA TRP H 115 -7.80 14.15 -29.24
C TRP H 115 -7.60 14.88 -27.91
N ALA H 116 -8.63 15.58 -27.47
CA ALA H 116 -8.67 16.23 -26.17
C ALA H 116 -8.34 15.21 -25.08
N LEU H 117 -9.09 14.12 -25.09
CA LEU H 117 -8.96 13.08 -24.08
C LEU H 117 -7.58 12.46 -24.11
N TRP H 118 -7.09 12.14 -25.31
CA TRP H 118 -5.78 11.50 -25.43
C TRP H 118 -4.69 12.47 -24.94
N MET H 119 -4.72 13.75 -25.36
CA MET H 119 -3.66 14.65 -24.94
C MET H 119 -3.69 14.87 -23.41
N GLN H 120 -4.88 15.06 -22.83
CA GLN H 120 -5.04 15.09 -21.38
C GLN H 120 -4.40 13.89 -20.71
N THR H 121 -4.66 12.70 -21.24
CA THR H 121 -4.14 11.44 -20.68
C THR H 121 -2.59 11.34 -20.63
N VAL H 122 -1.88 11.95 -21.58
CA VAL H 122 -0.41 11.87 -21.61
C VAL H 122 0.21 13.09 -20.97
N GLY H 123 -0.62 13.95 -20.38
CA GLY H 123 -0.13 15.10 -19.65
C GLY H 123 0.17 16.33 -20.46
N GLU H 124 -0.47 16.45 -21.63
CA GLU H 124 -0.27 17.60 -22.50
C GLU H 124 -1.49 18.50 -22.52
N ALA H 125 -1.25 19.74 -22.92
CA ALA H 125 -2.32 20.70 -23.09
C ALA H 125 -3.28 20.27 -24.17
N PRO H 126 -4.48 20.85 -24.18
CA PRO H 126 -5.38 20.54 -25.30
C PRO H 126 -4.86 21.17 -26.61
N PRO H 127 -4.99 20.46 -27.75
CA PRO H 127 -4.67 21.07 -29.06
C PRO H 127 -5.30 22.46 -29.26
N SER H 128 -4.64 23.31 -30.04
CA SER H 128 -5.23 24.60 -30.35
C SER H 128 -6.60 24.40 -30.97
N PRO H 129 -7.53 25.32 -30.70
CA PRO H 129 -8.85 25.14 -31.30
C PRO H 129 -8.86 25.57 -32.77
N THR H 130 -7.77 26.16 -33.24
CA THR H 130 -7.63 26.46 -34.66
C THR H 130 -6.72 25.47 -35.35
N HIS H 131 -6.36 24.39 -34.65
CA HIS H 131 -5.45 23.41 -35.22
C HIS H 131 -6.10 22.78 -36.44
N ASN H 132 -5.31 22.54 -37.49
CA ASN H 132 -5.79 21.86 -38.71
C ASN H 132 -6.24 20.44 -38.36
N VAL H 133 -7.54 20.20 -38.48
CA VAL H 133 -8.14 18.90 -38.24
C VAL H 133 -9.00 18.50 -39.48
N MET H 134 -8.98 17.21 -39.84
CA MET H 134 -9.94 16.61 -40.77
C MET H 134 -10.85 15.59 -40.07
N VAL H 135 -12.13 15.60 -40.44
CA VAL H 135 -13.14 14.74 -39.84
C VAL H 135 -13.55 13.59 -40.75
N PHE H 136 -13.53 12.39 -40.21
CA PHE H 136 -13.87 11.17 -40.93
C PHE H 136 -15.08 10.37 -40.39
N ASP H 137 -15.82 9.76 -41.33
CA ASP H 137 -17.04 9.03 -41.02
C ASP H 137 -16.70 7.58 -40.78
N SER H 138 -15.46 7.23 -41.14
CA SER H 138 -14.95 5.89 -41.02
C SER H 138 -13.46 5.84 -40.66
N SER H 139 -13.09 5.02 -39.68
CA SER H 139 -11.67 4.88 -39.30
C SER H 139 -10.86 4.23 -40.43
N VAL H 140 -11.50 3.41 -41.23
CA VAL H 140 -10.84 2.85 -42.43
C VAL H 140 -10.35 3.98 -43.36
N THR H 141 -11.29 4.82 -43.78
CA THR H 141 -10.93 5.99 -44.58
C THR H 141 -9.87 6.82 -43.85
N MET H 142 -10.06 7.06 -42.55
CA MET H 142 -9.08 7.79 -41.74
C MET H 142 -7.67 7.21 -41.83
N LEU H 143 -7.57 5.88 -41.78
CA LEU H 143 -6.26 5.26 -41.73
C LEU H 143 -5.63 5.25 -43.14
N GLU H 144 -6.47 5.32 -44.17
CA GLU H 144 -6.01 5.51 -45.56
C GLU H 144 -5.35 6.87 -45.72
N ALA H 145 -6.08 7.89 -45.32
CA ALA H 145 -5.55 9.20 -45.25
C ALA H 145 -4.29 9.23 -44.39
N ALA H 146 -4.23 8.50 -43.26
CA ALA H 146 -3.02 8.58 -42.43
C ALA H 146 -1.81 7.96 -43.14
N GLN H 147 -2.06 6.87 -43.85
CA GLN H 147 -1.02 6.17 -44.59
C GLN H 147 -0.40 7.10 -45.64
N ALA H 148 -1.18 8.02 -46.15
CA ALA H 148 -0.75 8.93 -47.19
C ALA H 148 -0.20 10.23 -46.62
N GLY H 149 0.02 10.30 -45.32
CA GLY H 149 0.64 11.45 -44.70
C GLY H 149 -0.26 12.65 -44.46
N MET H 150 -1.57 12.49 -44.61
CA MET H 150 -2.47 13.63 -44.46
C MET H 150 -2.49 14.19 -43.01
N GLY H 151 -2.01 13.39 -42.07
CA GLY H 151 -1.86 13.85 -40.69
C GLY H 151 -1.96 12.70 -39.72
N VAL H 152 -2.11 12.96 -38.43
CA VAL H 152 -2.07 11.83 -37.48
C VAL H 152 -3.48 11.37 -37.09
N ALA H 153 -3.72 10.08 -37.22
CA ALA H 153 -5.00 9.47 -36.91
C ALA H 153 -5.12 9.11 -35.42
N ILE H 154 -6.33 8.90 -34.93
CA ILE H 154 -6.57 8.20 -33.66
C ILE H 154 -7.74 7.23 -33.86
N ALA H 155 -7.50 5.99 -33.47
CA ALA H 155 -8.43 4.94 -33.76
C ALA H 155 -8.11 3.71 -32.93
N PRO H 156 -9.01 2.69 -32.95
CA PRO H 156 -8.82 1.42 -32.25
C PRO H 156 -7.68 0.60 -32.83
N VAL H 157 -6.56 0.64 -32.10
CA VAL H 157 -5.32 0.01 -32.51
C VAL H 157 -5.52 -1.47 -32.88
N ARG H 158 -6.40 -2.15 -32.17
CA ARG H 158 -6.59 -3.58 -32.40
C ARG H 158 -7.30 -3.86 -33.72
N MET H 159 -7.96 -2.85 -34.30
CA MET H 159 -8.62 -3.04 -35.61
C MET H 159 -7.72 -2.72 -36.83
N PHE H 160 -6.44 -2.45 -36.60
CA PHE H 160 -5.53 -2.18 -37.69
C PHE H 160 -4.21 -2.93 -37.57
N THR H 161 -4.27 -4.17 -37.10
CA THR H 161 -3.05 -4.96 -36.90
C THR H 161 -2.44 -5.26 -38.27
N HIS H 162 -3.29 -5.44 -39.27
CA HIS H 162 -2.81 -5.68 -40.64
C HIS H 162 -1.96 -4.53 -41.20
N LEU H 163 -2.25 -3.28 -40.81
CA LEU H 163 -1.41 -2.15 -41.19
C LEU H 163 -0.16 -1.98 -40.32
N LEU H 164 -0.25 -2.29 -39.03
CA LEU H 164 0.91 -2.22 -38.12
C LEU H 164 1.94 -3.30 -38.42
N SER H 165 1.49 -4.52 -38.65
CA SER H 165 2.38 -5.62 -38.99
C SER H 165 3.00 -5.47 -40.41
N SER H 166 2.25 -4.96 -41.38
CA SER H 166 2.81 -4.70 -42.70
C SER H 166 3.66 -3.41 -42.76
N GLU H 167 3.75 -2.71 -41.63
CA GLU H 167 4.54 -1.49 -41.47
C GLU H 167 4.07 -0.30 -42.32
N ARG H 168 2.80 -0.30 -42.70
CA ARG H 168 2.24 0.82 -43.42
C ARG H 168 1.80 1.89 -42.41
N ILE H 169 1.56 1.47 -41.17
CA ILE H 169 1.29 2.43 -40.12
C ILE H 169 2.13 2.09 -38.87
N VAL H 170 2.36 3.11 -38.07
CA VAL H 170 3.14 3.04 -36.85
C VAL H 170 2.33 3.64 -35.72
N GLN H 171 2.43 3.00 -34.56
CA GLN H 171 1.83 3.51 -33.36
C GLN H 171 2.95 4.14 -32.51
N PRO H 172 3.08 5.46 -32.55
CA PRO H 172 4.25 6.03 -31.88
C PRO H 172 4.25 5.91 -30.34
N PHE H 173 3.08 5.76 -29.73
CA PHE H 173 2.96 5.74 -28.26
C PHE H 173 2.00 4.68 -27.76
N LEU H 174 2.31 4.07 -26.62
CA LEU H 174 1.50 2.95 -26.12
C LEU H 174 0.23 3.43 -25.46
N THR H 175 0.23 4.66 -24.94
CA THR H 175 -0.92 5.17 -24.23
C THR H 175 -2.21 5.06 -25.04
N GLN H 176 -3.23 4.50 -24.42
CA GLN H 176 -4.46 4.15 -25.12
C GLN H 176 -5.66 4.41 -24.24
N ILE H 177 -6.73 4.95 -24.84
CA ILE H 177 -7.91 5.39 -24.09
C ILE H 177 -9.18 4.78 -24.59
N ASP H 178 -10.17 4.78 -23.72
CA ASP H 178 -11.45 4.14 -23.98
C ASP H 178 -12.49 5.20 -24.28
N LEU H 179 -13.05 5.20 -25.49
CA LEU H 179 -14.10 6.16 -25.82
C LEU H 179 -15.32 5.46 -26.35
N GLY H 180 -15.38 4.17 -26.11
CA GLY H 180 -16.49 3.36 -26.55
C GLY H 180 -15.93 2.01 -26.81
N SER H 181 -16.81 1.06 -27.06
CA SER H 181 -16.47 -0.34 -27.37
C SER H 181 -17.30 -0.84 -28.55
N TYR H 182 -17.04 -2.06 -29.02
CA TYR H 182 -17.92 -2.68 -30.01
C TYR H 182 -18.95 -3.60 -29.33
N TRP H 183 -20.15 -3.55 -29.90
CA TRP H 183 -21.38 -4.15 -29.43
C TRP H 183 -22.11 -4.80 -30.57
N ILE H 184 -22.80 -5.90 -30.29
CA ILE H 184 -23.75 -6.44 -31.25
C ILE H 184 -25.14 -6.19 -30.68
N THR H 185 -26.00 -5.59 -31.49
CA THR H 185 -27.23 -4.99 -31.01
C THR H 185 -28.42 -5.39 -31.89
N ARG H 186 -29.57 -5.45 -31.24
CA ARG H 186 -30.82 -5.95 -31.80
C ARG H 186 -31.90 -5.04 -31.29
N LEU H 187 -32.82 -4.66 -32.16
CA LEU H 187 -34.01 -3.94 -31.71
C LEU H 187 -34.85 -4.92 -30.87
N GLN H 188 -35.29 -4.46 -29.69
CA GLN H 188 -36.08 -5.30 -28.77
C GLN H 188 -37.32 -5.90 -29.44
N SER H 189 -37.93 -5.12 -30.34
CA SER H 189 -39.00 -5.62 -31.20
C SER H 189 -38.57 -6.65 -32.28
N ARG H 190 -37.28 -6.82 -32.49
CA ARG H 190 -36.81 -7.76 -33.51
C ARG H 190 -36.66 -9.14 -32.87
N PRO H 191 -37.44 -10.11 -33.32
CA PRO H 191 -37.43 -11.43 -32.65
C PRO H 191 -36.04 -12.05 -32.72
N GLU H 192 -35.60 -12.74 -31.66
CA GLU H 192 -34.29 -13.38 -31.69
C GLU H 192 -34.46 -14.84 -32.15
N THR H 193 -33.83 -15.15 -33.28
CA THR H 193 -33.92 -16.46 -33.89
C THR H 193 -32.76 -17.35 -33.43
N PRO H 194 -32.89 -18.66 -33.65
CA PRO H 194 -31.81 -19.58 -33.23
C PRO H 194 -30.50 -19.31 -33.97
N ALA H 195 -30.62 -19.02 -35.27
CA ALA H 195 -29.49 -18.63 -36.11
C ALA H 195 -28.78 -17.38 -35.57
N MET H 196 -29.55 -16.33 -35.30
CA MET H 196 -28.98 -15.17 -34.59
C MET H 196 -28.25 -15.59 -33.32
N ARG H 197 -28.88 -16.42 -32.48
CA ARG H 197 -28.18 -16.89 -31.28
C ARG H 197 -26.92 -17.66 -31.64
N GLU H 198 -26.96 -18.51 -32.66
CA GLU H 198 -25.74 -19.24 -33.00
C GLU H 198 -24.58 -18.29 -33.40
N PHE H 199 -24.87 -17.28 -34.19
CA PHE H 199 -23.84 -16.29 -34.55
C PHE H 199 -23.39 -15.47 -33.35
N SER H 200 -24.34 -14.97 -32.59
CA SER H 200 -24.01 -14.15 -31.45
C SER H 200 -23.13 -14.88 -30.44
N ARG H 201 -23.40 -16.17 -30.26
CA ARG H 201 -22.61 -16.97 -29.30
C ARG H 201 -21.22 -17.32 -29.83
N TRP H 202 -21.17 -17.71 -31.09
CA TRP H 202 -19.90 -17.85 -31.80
C TRP H 202 -19.06 -16.56 -31.73
N LEU H 203 -19.61 -15.42 -32.12
CA LEU H 203 -18.76 -14.24 -32.18
C LEU H 203 -18.27 -13.83 -30.76
N THR H 204 -19.17 -13.81 -29.76
CA THR H 204 -18.74 -13.39 -28.43
C THR H 204 -17.74 -14.43 -27.92
N GLY H 205 -18.01 -15.70 -28.24
CA GLY H 205 -17.08 -16.79 -27.91
C GLY H 205 -15.65 -16.52 -28.35
N VAL H 206 -15.47 -16.29 -29.65
CA VAL H 206 -14.13 -16.06 -30.19
C VAL H 206 -13.44 -14.85 -29.56
N LEU H 207 -14.20 -13.82 -29.15
CA LEU H 207 -13.62 -12.60 -28.61
C LEU H 207 -13.50 -12.58 -27.05
N ALA I 1 10.99 23.14 65.17
CA ALA I 1 10.06 23.54 66.18
C ALA I 1 9.00 22.49 66.51
N ALA J 1 -0.49 26.31 47.27
CA ALA J 1 0.54 26.71 46.33
C ALA J 1 1.43 25.58 45.78
N ALA K 1 -20.80 1.92 -2.50
CA ALA K 1 -21.51 2.98 -3.18
C ALA K 1 -20.83 4.35 -3.40
N ALA L 1 -21.21 8.22 18.08
CA ALA L 1 -21.14 6.89 18.65
C ALA L 1 -19.74 6.31 18.77
N ALA M 1 25.00 -33.12 -30.71
CA ALA M 1 24.95 -34.51 -30.41
C ALA M 1 23.90 -34.93 -29.38
N ALA N 1 36.35 -27.20 -13.61
CA ALA N 1 37.13 -26.07 -14.07
C ALA N 1 36.37 -24.73 -14.09
N ALA O 1 -32.01 5.91 -52.08
CA ALA O 1 -32.12 7.22 -52.72
C ALA O 1 -30.79 7.79 -53.21
N ALA P 1 -25.48 12.09 -32.82
CA ALA P 1 -26.14 11.09 -31.99
C ALA P 1 -25.37 9.77 -31.85
#